data_2FDU
#
_entry.id   2FDU
#
_cell.length_a   69.809
_cell.length_b   157.698
_cell.length_c   103.886
_cell.angle_alpha   90.00
_cell.angle_beta   92.23
_cell.angle_gamma   90.00
#
_symmetry.space_group_name_H-M   'P 1 21 1'
#
loop_
_entity.id
_entity.type
_entity.pdbx_description
1 polymer 'Cytochrome P450 2A6'
2 non-polymer 'SULFATE ION'
3 non-polymer 'PROTOPORPHYRIN IX CONTAINING FE'
4 non-polymer N,N-DIMETHYL(5-(PYRIDIN-3-YL)FURAN-2-YL)METHANAMINE
5 water water
#
_entity_poly.entity_id   1
_entity_poly.type   'polypeptide(L)'
_entity_poly.pdbx_seq_one_letter_code
;MAKKTSSKGKLPPGPTPLPFIGNYLQLNTEQMYNSLMKISERYGPVFTIHLGPRRVVVLCGHDAVREALVDQAEEFSGRG
EQATFDWVFKGYGVVFSNGERAKQLRRFSIATLRDFGVGKRGIEERIQEEAGFLIDALRGTGGANIDPTFFLSRTVSNVI
SSIVFGDRFDYKDKEFLSLLRMMLGIFQFTSTSTGQLYEMFSSVMKHLPGPQQQAFQLLQGLEDFIAKKVEHNQRTLDPN
SPRDFIDSFLIRMQEEEKNPNTEFYLKNLVMTTLNLFIGGTETVSTTLRYGFLLLMKHPEVEAKVHEEIDRVIGKNRQPK
FEDRAKMPYMEAVIHEIQRFGDVIPMSLARRVKKDTKFRDFFLPKGTEVYPMLGSVLRDPSFFSNPQDFNPQHFLNEKGQ
FKKSDAFVPFSIGKRNCFGEGLARMELFLFFTTVMQNFRLKSSQSPKDIDVSPKHVGFATIPRNYTMSFLPRHHHH
;
_entity_poly.pdbx_strand_id   A,B,C,D
#
loop_
_chem_comp.id
_chem_comp.type
_chem_comp.name
_chem_comp.formula
D1G non-polymer N,N-DIMETHYL(5-(PYRIDIN-3-YL)FURAN-2-YL)METHANAMINE 'C12 H14 N2 O'
HEM non-polymer 'PROTOPORPHYRIN IX CONTAINING FE' 'C34 H32 Fe N4 O4'
SO4 non-polymer 'SULFATE ION' 'O4 S -2'
#
# COMPACT_ATOMS: atom_id res chain seq x y z
N LYS A 8 21.10 4.91 -30.97
CA LYS A 8 21.26 4.50 -29.54
C LYS A 8 20.74 3.08 -29.29
N GLY A 9 19.49 2.82 -29.69
CA GLY A 9 18.91 1.50 -29.50
C GLY A 9 18.41 1.26 -28.09
N LYS A 10 18.09 2.33 -27.38
CA LYS A 10 17.59 2.21 -26.05
C LYS A 10 16.20 2.90 -25.93
N LEU A 11 15.54 2.64 -24.83
CA LEU A 11 14.23 3.22 -24.57
C LEU A 11 14.42 4.68 -24.29
N PRO A 12 13.39 5.50 -24.56
CA PRO A 12 13.46 6.93 -24.30
C PRO A 12 13.88 7.02 -22.84
N PRO A 13 14.56 8.10 -22.45
CA PRO A 13 15.00 8.28 -21.08
C PRO A 13 13.83 8.69 -20.15
N GLY A 14 14.02 8.52 -18.85
CA GLY A 14 13.00 8.92 -17.91
C GLY A 14 13.48 8.69 -16.49
N PRO A 15 12.72 9.13 -15.49
CA PRO A 15 13.03 8.98 -14.06
C PRO A 15 13.15 7.49 -13.76
N THR A 16 14.13 7.18 -12.92
CA THR A 16 14.40 5.79 -12.58
C THR A 16 13.23 5.27 -11.73
N PRO A 17 12.65 4.14 -12.14
CA PRO A 17 11.51 3.56 -11.38
C PRO A 17 11.92 2.62 -10.28
N LEU A 18 11.01 2.43 -9.33
CA LEU A 18 11.23 1.49 -8.25
C LEU A 18 10.36 0.23 -8.56
N PRO A 19 10.76 -0.91 -8.03
CA PRO A 19 10.01 -2.17 -8.28
C PRO A 19 8.52 -2.03 -7.96
N PHE A 20 7.70 -2.45 -8.93
CA PHE A 20 6.24 -2.45 -8.87
C PHE A 20 5.58 -1.08 -8.83
N ILE A 21 5.96 -0.21 -7.89
CA ILE A 21 5.31 1.11 -7.88
C ILE A 21 5.80 2.00 -9.06
N GLY A 22 6.82 1.56 -9.77
CA GLY A 22 7.26 2.34 -10.93
C GLY A 22 7.68 3.77 -10.54
N ASN A 23 7.14 4.79 -11.21
CA ASN A 23 7.45 6.22 -10.94
C ASN A 23 6.33 6.87 -10.13
N TYR A 24 5.55 6.03 -9.44
CA TYR A 24 4.48 6.55 -8.63
C TYR A 24 4.88 7.73 -7.69
N LEU A 25 6.05 7.62 -7.03
CA LEU A 25 6.44 8.67 -6.09
C LEU A 25 6.76 10.02 -6.78
N GLN A 26 6.94 10.01 -8.10
CA GLN A 26 7.24 11.22 -8.88
C GLN A 26 5.95 11.72 -9.60
N LEU A 27 4.78 11.22 -9.21
CA LEU A 27 3.56 11.67 -9.90
C LEU A 27 2.48 12.03 -8.92
N ASN A 28 1.54 12.92 -9.30
CA ASN A 28 0.40 13.24 -8.46
C ASN A 28 -0.82 12.65 -9.22
N THR A 29 -1.43 11.59 -8.69
CA THR A 29 -2.57 10.94 -9.37
C THR A 29 -3.73 11.92 -9.68
N GLU A 30 -3.84 13.01 -8.93
CA GLU A 30 -4.90 13.98 -9.17
C GLU A 30 -4.61 14.90 -10.37
N GLN A 31 -3.35 14.90 -10.79
CA GLN A 31 -2.90 15.73 -11.89
C GLN A 31 -1.88 15.01 -12.75
N MET A 32 -2.29 13.89 -13.36
CA MET A 32 -1.40 13.15 -14.24
C MET A 32 -0.79 13.93 -15.40
N TYR A 33 -1.60 14.67 -16.14
CA TYR A 33 -1.09 15.45 -17.27
C TYR A 33 0.04 16.39 -16.80
N ASN A 34 -0.24 17.20 -15.79
CA ASN A 34 0.75 18.17 -15.28
C ASN A 34 2.03 17.47 -14.80
N SER A 35 1.85 16.33 -14.13
CA SER A 35 2.94 15.53 -13.59
C SER A 35 3.85 15.06 -14.70
N LEU A 36 3.25 14.56 -15.78
CA LEU A 36 3.97 14.10 -16.94
C LEU A 36 4.62 15.27 -17.71
N MET A 37 3.88 16.36 -17.92
CA MET A 37 4.47 17.51 -18.61
C MET A 37 5.67 18.05 -17.82
N LYS A 38 5.59 18.04 -16.50
CA LYS A 38 6.70 18.53 -15.68
C LYS A 38 7.93 17.66 -15.89
N ILE A 39 7.72 16.35 -15.87
CA ILE A 39 8.78 15.41 -16.08
C ILE A 39 9.34 15.60 -17.48
N SER A 40 8.48 15.97 -18.40
CA SER A 40 8.87 16.19 -19.80
C SER A 40 9.93 17.32 -19.91
N GLU A 41 9.75 18.35 -19.10
CA GLU A 41 10.66 19.48 -19.11
C GLU A 41 12.09 19.03 -18.82
N ARG A 42 12.22 17.96 -18.05
CA ARG A 42 13.53 17.46 -17.73
C ARG A 42 14.08 16.47 -18.72
N TYR A 43 13.22 15.61 -19.26
CA TYR A 43 13.70 14.57 -20.16
C TYR A 43 13.46 14.78 -21.62
N GLY A 44 12.62 15.73 -22.01
CA GLY A 44 12.37 15.87 -23.44
C GLY A 44 10.92 15.55 -23.82
N PRO A 45 10.53 15.75 -25.09
CA PRO A 45 9.15 15.48 -25.51
C PRO A 45 8.74 14.03 -25.64
N VAL A 46 9.74 13.12 -25.67
CA VAL A 46 9.47 11.69 -25.80
C VAL A 46 10.27 11.09 -24.65
N PHE A 47 9.55 10.50 -23.69
CA PHE A 47 10.21 9.92 -22.54
C PHE A 47 9.46 8.69 -22.03
N THR A 48 10.07 8.00 -21.07
CA THR A 48 9.50 6.75 -20.53
C THR A 48 9.10 6.98 -19.12
N ILE A 49 7.89 6.53 -18.77
CA ILE A 49 7.40 6.64 -17.39
C ILE A 49 6.87 5.25 -17.02
N HIS A 50 6.87 4.94 -15.73
CA HIS A 50 6.38 3.64 -15.28
C HIS A 50 5.15 3.91 -14.40
N LEU A 51 3.98 3.59 -14.95
CA LEU A 51 2.72 3.79 -14.23
C LEU A 51 2.56 2.47 -13.48
N GLY A 52 3.11 2.44 -12.27
CA GLY A 52 3.15 1.17 -11.53
C GLY A 52 4.02 0.30 -12.42
N PRO A 53 3.63 -0.99 -12.65
CA PRO A 53 4.46 -1.84 -13.50
C PRO A 53 4.33 -1.56 -15.01
N ARG A 54 3.37 -0.71 -15.43
CA ARG A 54 3.23 -0.42 -16.86
C ARG A 54 4.33 0.54 -17.38
N ARG A 55 5.16 0.06 -18.33
CA ARG A 55 6.22 0.91 -18.93
C ARG A 55 5.55 1.54 -20.12
N VAL A 56 5.52 2.85 -20.09
CA VAL A 56 4.83 3.63 -21.09
C VAL A 56 5.72 4.71 -21.71
N VAL A 57 5.72 4.82 -23.04
CA VAL A 57 6.44 5.91 -23.70
C VAL A 57 5.43 7.01 -23.92
N VAL A 58 5.71 8.19 -23.35
CA VAL A 58 4.90 9.39 -23.43
C VAL A 58 5.38 10.26 -24.61
N LEU A 59 4.42 10.69 -25.44
CA LEU A 59 4.67 11.56 -26.62
C LEU A 59 4.04 12.92 -26.38
N CYS A 60 4.85 13.98 -26.30
CA CYS A 60 4.37 15.34 -26.01
C CYS A 60 4.58 16.27 -27.19
N GLY A 61 3.59 17.10 -27.49
CA GLY A 61 3.67 18.02 -28.59
C GLY A 61 3.32 17.42 -29.93
N HIS A 62 2.94 18.31 -30.85
CA HIS A 62 2.53 17.89 -32.17
C HIS A 62 3.46 16.97 -32.99
N ASP A 63 4.71 17.38 -33.12
CA ASP A 63 5.60 16.61 -33.95
C ASP A 63 5.79 15.20 -33.44
N ALA A 64 6.07 15.05 -32.16
CA ALA A 64 6.30 13.69 -31.65
C ALA A 64 5.02 12.84 -31.89
N VAL A 65 3.87 13.42 -31.56
CA VAL A 65 2.63 12.64 -31.73
C VAL A 65 2.33 12.27 -33.17
N ARG A 66 2.48 13.24 -34.09
CA ARG A 66 2.19 12.95 -35.51
C ARG A 66 3.20 11.99 -36.12
N GLU A 67 4.47 12.17 -35.75
CA GLU A 67 5.55 11.32 -36.24
C GLU A 67 5.30 9.85 -35.89
N ALA A 68 4.81 9.62 -34.67
CA ALA A 68 4.54 8.24 -34.27
C ALA A 68 3.26 7.73 -34.85
N LEU A 69 2.13 8.31 -34.42
CA LEU A 69 0.83 7.84 -34.87
C LEU A 69 0.49 7.94 -36.37
N VAL A 70 1.15 8.85 -37.09
CA VAL A 70 0.91 8.94 -38.53
C VAL A 70 2.13 8.46 -39.38
N ASP A 71 3.31 9.05 -39.17
CA ASP A 71 4.48 8.62 -39.95
C ASP A 71 4.83 7.16 -39.68
N GLN A 72 4.58 6.64 -38.47
CA GLN A 72 4.79 5.22 -38.24
C GLN A 72 3.44 4.60 -37.78
N ALA A 73 2.36 4.95 -38.50
CA ALA A 73 0.99 4.52 -38.17
C ALA A 73 0.79 3.03 -37.89
N GLU A 74 1.38 2.16 -38.70
CA GLU A 74 1.20 0.74 -38.47
C GLU A 74 1.92 0.31 -37.17
N GLU A 75 3.15 0.80 -36.97
CA GLU A 75 3.94 0.43 -35.80
C GLU A 75 3.30 0.92 -34.48
N PHE A 76 2.57 2.03 -34.55
CA PHE A 76 1.93 2.54 -33.34
C PHE A 76 0.46 2.25 -33.30
N SER A 77 0.01 1.29 -34.10
CA SER A 77 -1.41 0.98 -34.21
C SER A 77 -1.99 0.00 -33.21
N GLY A 78 -1.15 -0.44 -32.26
CA GLY A 78 -1.64 -1.35 -31.22
C GLY A 78 -2.46 -0.57 -30.19
N ARG A 79 -3.33 -1.27 -29.44
CA ARG A 79 -4.15 -0.63 -28.40
C ARG A 79 -3.57 -0.94 -27.01
N GLY A 80 -3.32 0.11 -26.24
CA GLY A 80 -2.79 -0.08 -24.91
C GLY A 80 -3.90 -0.30 -23.89
N GLU A 81 -3.58 -0.17 -22.61
CA GLU A 81 -4.55 -0.40 -21.53
C GLU A 81 -5.31 0.85 -21.03
N GLN A 82 -6.55 0.63 -20.55
CA GLN A 82 -7.23 1.68 -19.79
C GLN A 82 -7.80 0.72 -18.75
N ALA A 83 -7.17 0.69 -17.55
CA ALA A 83 -7.54 -0.36 -16.60
C ALA A 83 -8.99 -0.39 -16.13
N THR A 84 -9.57 0.77 -15.95
CA THR A 84 -10.95 0.81 -15.50
C THR A 84 -11.87 0.20 -16.60
N PHE A 85 -11.70 0.61 -17.85
CA PHE A 85 -12.58 0.05 -18.90
C PHE A 85 -12.24 -1.39 -19.15
N ASP A 86 -10.95 -1.74 -19.05
CA ASP A 86 -10.55 -3.14 -19.29
C ASP A 86 -11.21 -4.10 -18.25
N TRP A 87 -11.55 -3.57 -17.08
CA TRP A 87 -12.21 -4.41 -16.08
C TRP A 87 -13.45 -5.09 -16.67
N VAL A 88 -14.27 -4.33 -17.40
CA VAL A 88 -15.47 -4.94 -17.99
C VAL A 88 -15.17 -5.52 -19.38
N PHE A 89 -14.38 -4.80 -20.19
CA PHE A 89 -14.16 -5.30 -21.55
C PHE A 89 -13.31 -6.52 -21.71
N LYS A 90 -12.29 -6.63 -20.86
CA LYS A 90 -11.40 -7.76 -20.92
C LYS A 90 -10.86 -8.16 -22.29
N GLY A 91 -10.49 -7.16 -23.10
CA GLY A 91 -9.95 -7.46 -24.43
C GLY A 91 -10.98 -7.71 -25.53
N TYR A 92 -12.28 -7.71 -25.19
CA TYR A 92 -13.36 -7.91 -26.19
C TYR A 92 -13.96 -6.57 -26.66
N GLY A 93 -14.68 -6.62 -27.79
CA GLY A 93 -15.35 -5.43 -28.26
C GLY A 93 -14.36 -4.71 -29.18
N VAL A 94 -14.75 -3.57 -29.73
CA VAL A 94 -13.94 -2.88 -30.73
C VAL A 94 -12.88 -1.85 -30.29
N VAL A 95 -13.09 -1.22 -29.14
CA VAL A 95 -12.17 -0.17 -28.69
C VAL A 95 -10.94 -0.66 -27.95
N PHE A 96 -11.23 -1.42 -26.89
CA PHE A 96 -10.19 -1.88 -26.00
C PHE A 96 -9.75 -3.26 -26.34
N SER A 97 -9.46 -3.44 -27.62
CA SER A 97 -9.02 -4.75 -28.10
C SER A 97 -7.90 -4.60 -29.11
N ASN A 98 -7.35 -5.75 -29.48
CA ASN A 98 -6.23 -5.78 -30.40
C ASN A 98 -6.30 -6.76 -31.54
N GLY A 99 -5.32 -6.67 -32.42
CA GLY A 99 -5.16 -7.61 -33.52
C GLY A 99 -6.34 -7.86 -34.44
N GLU A 100 -6.54 -9.13 -34.82
CA GLU A 100 -7.62 -9.52 -35.73
C GLU A 100 -8.99 -9.16 -35.16
N ARG A 101 -9.14 -9.31 -33.84
CA ARG A 101 -10.44 -9.02 -33.22
C ARG A 101 -10.82 -7.54 -33.47
N ALA A 102 -9.90 -6.65 -33.15
CA ALA A 102 -10.13 -5.21 -33.35
C ALA A 102 -10.38 -4.91 -34.83
N LYS A 103 -9.52 -5.48 -35.67
CA LYS A 103 -9.60 -5.31 -37.11
C LYS A 103 -10.97 -5.68 -37.68
N GLN A 104 -11.48 -6.86 -37.33
CA GLN A 104 -12.78 -7.32 -37.86
C GLN A 104 -13.91 -6.48 -37.30
N LEU A 105 -13.88 -6.23 -35.99
CA LEU A 105 -14.95 -5.45 -35.35
C LEU A 105 -14.97 -4.02 -35.82
N ARG A 106 -13.81 -3.45 -36.12
CA ARG A 106 -13.79 -2.05 -36.57
C ARG A 106 -14.35 -1.95 -37.99
N ARG A 107 -13.93 -2.86 -38.86
CA ARG A 107 -14.43 -2.82 -40.24
C ARG A 107 -15.95 -2.97 -40.26
N PHE A 108 -16.47 -3.93 -39.51
CA PHE A 108 -17.89 -4.19 -39.41
C PHE A 108 -18.67 -3.02 -38.83
N SER A 109 -18.12 -2.42 -37.76
CA SER A 109 -18.78 -1.28 -37.11
C SER A 109 -18.87 -0.06 -38.01
N ILE A 110 -17.78 0.26 -38.67
CA ILE A 110 -17.81 1.42 -39.56
C ILE A 110 -18.83 1.17 -40.68
N ALA A 111 -18.81 -0.02 -41.27
CA ALA A 111 -19.76 -0.31 -42.35
C ALA A 111 -21.21 -0.26 -41.86
N THR A 112 -21.47 -0.88 -40.73
CA THR A 112 -22.81 -0.90 -40.20
C THR A 112 -23.30 0.49 -39.81
N LEU A 113 -22.45 1.29 -39.21
CA LEU A 113 -22.84 2.65 -38.86
C LEU A 113 -23.23 3.38 -40.18
N ARG A 114 -22.42 3.23 -41.23
CA ARG A 114 -22.79 3.88 -42.50
C ARG A 114 -24.12 3.36 -43.04
N ASP A 115 -24.34 2.06 -42.89
CA ASP A 115 -25.58 1.44 -43.33
C ASP A 115 -26.75 2.06 -42.60
N PHE A 116 -26.55 2.44 -41.34
CA PHE A 116 -27.65 3.06 -40.59
C PHE A 116 -27.75 4.58 -40.69
N GLY A 117 -27.08 5.13 -41.70
CA GLY A 117 -27.17 6.56 -41.96
C GLY A 117 -25.99 7.44 -41.58
N VAL A 118 -25.05 6.91 -40.82
CA VAL A 118 -23.94 7.76 -40.39
C VAL A 118 -23.23 8.29 -41.62
N GLY A 119 -23.02 9.61 -41.63
CA GLY A 119 -22.36 10.28 -42.73
C GLY A 119 -23.33 10.64 -43.85
N LYS A 120 -24.60 10.27 -43.70
CA LYS A 120 -25.61 10.54 -44.71
C LYS A 120 -26.79 11.37 -44.22
N ARG A 121 -27.73 11.61 -45.14
CA ARG A 121 -28.95 12.35 -44.85
C ARG A 121 -29.76 11.63 -43.76
N GLY A 122 -29.68 10.30 -43.72
CA GLY A 122 -30.42 9.55 -42.74
C GLY A 122 -30.11 9.97 -41.30
N ILE A 123 -28.82 9.96 -40.93
CA ILE A 123 -28.53 10.36 -39.56
C ILE A 123 -28.64 11.88 -39.40
N GLU A 124 -28.45 12.65 -40.46
CA GLU A 124 -28.61 14.10 -40.30
C GLU A 124 -30.04 14.40 -39.86
N GLU A 125 -30.99 13.74 -40.49
CA GLU A 125 -32.40 13.94 -40.15
C GLU A 125 -32.69 13.49 -38.72
N ARG A 126 -32.03 12.41 -38.29
CA ARG A 126 -32.19 11.90 -36.92
C ARG A 126 -31.67 12.98 -35.93
N ILE A 127 -30.50 13.54 -36.23
CA ILE A 127 -29.93 14.53 -35.32
C ILE A 127 -30.80 15.79 -35.29
N GLN A 128 -31.28 16.22 -36.46
CA GLN A 128 -32.13 17.41 -36.50
C GLN A 128 -33.39 17.16 -35.70
N GLU A 129 -34.00 15.99 -35.87
CA GLU A 129 -35.19 15.69 -35.09
C GLU A 129 -34.91 15.69 -33.56
N GLU A 130 -33.84 15.02 -33.13
CA GLU A 130 -33.51 15.00 -31.72
C GLU A 130 -33.16 16.40 -31.27
N ALA A 131 -32.53 17.20 -32.12
CA ALA A 131 -32.22 18.57 -31.70
C ALA A 131 -33.53 19.35 -31.46
N GLY A 132 -34.54 19.06 -32.26
CA GLY A 132 -35.83 19.71 -32.09
C GLY A 132 -36.38 19.28 -30.70
N PHE A 133 -36.17 18.02 -30.33
CA PHE A 133 -36.68 17.59 -28.98
C PHE A 133 -35.91 18.27 -27.85
N LEU A 134 -34.62 18.56 -28.06
CA LEU A 134 -33.83 19.27 -27.07
C LEU A 134 -34.44 20.70 -26.92
N ILE A 135 -34.74 21.36 -28.06
CA ILE A 135 -35.28 22.74 -28.02
C ILE A 135 -36.60 22.72 -27.23
N ASP A 136 -37.45 21.74 -27.52
CA ASP A 136 -38.71 21.59 -26.80
C ASP A 136 -38.39 21.51 -25.28
N ALA A 137 -37.46 20.60 -24.91
CA ALA A 137 -37.09 20.43 -23.49
C ALA A 137 -36.58 21.71 -22.87
N LEU A 138 -35.73 22.46 -23.59
CA LEU A 138 -35.21 23.71 -23.03
C LEU A 138 -36.32 24.77 -22.90
N ARG A 139 -37.25 24.81 -23.83
CA ARG A 139 -38.38 25.74 -23.72
C ARG A 139 -39.20 25.29 -22.50
N GLY A 140 -39.33 23.97 -22.34
CA GLY A 140 -40.07 23.43 -21.21
C GLY A 140 -39.56 23.92 -19.86
N THR A 141 -38.31 24.40 -19.75
CA THR A 141 -37.80 24.89 -18.46
C THR A 141 -38.30 26.31 -18.13
N GLY A 142 -38.93 26.97 -19.09
CA GLY A 142 -39.43 28.33 -18.88
C GLY A 142 -38.38 29.38 -18.57
N GLY A 143 -37.13 29.19 -19.00
CA GLY A 143 -36.13 30.19 -18.68
C GLY A 143 -35.54 30.03 -17.28
N ALA A 144 -35.95 29.00 -16.57
CA ALA A 144 -35.46 28.75 -15.22
C ALA A 144 -34.02 28.30 -15.18
N ASN A 145 -33.33 28.64 -14.09
CA ASN A 145 -31.97 28.16 -13.92
C ASN A 145 -31.99 26.65 -13.75
N ILE A 146 -31.19 25.92 -14.55
CA ILE A 146 -31.16 24.47 -14.49
C ILE A 146 -29.73 23.95 -14.69
N ASP A 147 -29.53 22.67 -14.39
CA ASP A 147 -28.28 21.99 -14.60
C ASP A 147 -28.50 21.39 -16.00
N PRO A 148 -27.76 21.87 -17.01
CA PRO A 148 -27.92 21.39 -18.37
C PRO A 148 -27.45 19.98 -18.63
N THR A 149 -26.72 19.42 -17.67
CA THR A 149 -26.09 18.07 -17.84
C THR A 149 -26.90 16.97 -18.53
N PHE A 150 -28.02 16.59 -17.93
CA PHE A 150 -28.82 15.52 -18.51
C PHE A 150 -29.74 15.95 -19.61
N PHE A 151 -29.99 17.24 -19.73
CA PHE A 151 -30.77 17.70 -20.90
C PHE A 151 -29.90 17.40 -22.13
N LEU A 152 -28.63 17.75 -22.02
CA LEU A 152 -27.70 17.53 -23.15
C LEU A 152 -27.44 16.03 -23.36
N SER A 153 -27.16 15.30 -22.27
CA SER A 153 -26.83 13.90 -22.51
C SER A 153 -27.99 13.05 -23.03
N ARG A 154 -29.20 13.36 -22.59
CA ARG A 154 -30.32 12.58 -23.11
C ARG A 154 -30.40 12.78 -24.67
N THR A 155 -30.30 14.03 -25.10
CA THR A 155 -30.37 14.34 -26.57
C THR A 155 -29.22 13.64 -27.34
N VAL A 156 -27.98 13.78 -26.89
CA VAL A 156 -26.86 13.13 -27.58
C VAL A 156 -27.03 11.61 -27.60
N SER A 157 -27.32 11.04 -26.43
CA SER A 157 -27.44 9.57 -26.35
C SER A 157 -28.51 9.00 -27.26
N ASN A 158 -29.59 9.75 -27.45
CA ASN A 158 -30.66 9.24 -28.29
C ASN A 158 -30.27 9.06 -29.79
N VAL A 159 -29.24 9.77 -30.23
CA VAL A 159 -28.80 9.61 -31.62
C VAL A 159 -28.14 8.23 -31.76
N ILE A 160 -27.10 7.94 -30.98
CA ILE A 160 -26.50 6.63 -31.15
C ILE A 160 -27.47 5.52 -30.70
N SER A 161 -28.35 5.82 -29.76
CA SER A 161 -29.32 4.81 -29.29
C SER A 161 -30.25 4.38 -30.45
N SER A 162 -30.70 5.35 -31.25
CA SER A 162 -31.58 5.01 -32.39
C SER A 162 -30.83 4.09 -33.35
N ILE A 163 -29.52 4.27 -33.48
CA ILE A 163 -28.77 3.37 -34.35
C ILE A 163 -28.53 1.98 -33.77
N VAL A 164 -28.06 1.89 -32.53
CA VAL A 164 -27.76 0.57 -31.98
C VAL A 164 -28.99 -0.18 -31.44
N PHE A 165 -30.00 0.54 -30.93
CA PHE A 165 -31.18 -0.14 -30.39
C PHE A 165 -32.41 0.02 -31.24
N GLY A 166 -32.31 0.76 -32.33
CA GLY A 166 -33.46 0.94 -33.21
C GLY A 166 -34.54 1.94 -32.89
N ASP A 167 -34.49 2.56 -31.71
CA ASP A 167 -35.51 3.50 -31.30
C ASP A 167 -34.91 4.41 -30.25
N ARG A 168 -35.49 5.58 -30.06
CA ARG A 168 -34.93 6.49 -29.04
C ARG A 168 -35.57 6.20 -27.69
N PHE A 169 -34.97 6.72 -26.62
CA PHE A 169 -35.55 6.58 -25.30
C PHE A 169 -36.45 7.81 -25.09
N ASP A 170 -37.50 7.63 -24.30
CA ASP A 170 -38.40 8.75 -23.90
C ASP A 170 -37.54 9.59 -22.90
N TYR A 171 -37.64 10.91 -22.92
CA TYR A 171 -36.85 11.72 -21.99
C TYR A 171 -37.23 11.48 -20.51
N LYS A 172 -38.47 11.03 -20.28
CA LYS A 172 -38.95 10.73 -18.93
C LYS A 172 -38.64 9.30 -18.46
N ASP A 173 -38.02 8.49 -19.32
CA ASP A 173 -37.68 7.09 -18.98
C ASP A 173 -36.62 7.10 -17.86
N LYS A 174 -37.03 6.69 -16.64
CA LYS A 174 -36.14 6.64 -15.49
C LYS A 174 -34.91 5.75 -15.64
N GLU A 175 -35.05 4.63 -16.34
CA GLU A 175 -33.92 3.71 -16.56
C GLU A 175 -32.88 4.42 -17.47
N PHE A 176 -33.40 5.22 -18.42
CA PHE A 176 -32.55 5.97 -19.38
C PHE A 176 -31.67 6.90 -18.52
N LEU A 177 -32.28 7.64 -17.61
CA LEU A 177 -31.54 8.55 -16.71
C LEU A 177 -30.51 7.76 -15.91
N SER A 178 -30.89 6.58 -15.45
CA SER A 178 -29.96 5.75 -14.68
C SER A 178 -28.70 5.39 -15.52
N LEU A 179 -28.91 5.00 -16.77
CA LEU A 179 -27.77 4.65 -17.65
C LEU A 179 -26.89 5.87 -17.85
N LEU A 180 -27.51 7.02 -18.07
CA LEU A 180 -26.72 8.24 -18.26
C LEU A 180 -25.89 8.58 -17.00
N ARG A 181 -26.49 8.37 -15.82
CA ARG A 181 -25.72 8.58 -14.59
C ARG A 181 -24.56 7.61 -14.53
N MET A 182 -24.76 6.37 -14.97
CA MET A 182 -23.63 5.43 -14.94
C MET A 182 -22.47 5.94 -15.81
N MET A 183 -22.79 6.38 -17.03
CA MET A 183 -21.76 6.90 -17.94
C MET A 183 -21.02 8.10 -17.37
N LEU A 184 -21.77 9.03 -16.84
CA LEU A 184 -21.20 10.24 -16.23
C LEU A 184 -20.30 9.82 -15.07
N GLY A 185 -20.83 8.91 -14.24
CA GLY A 185 -20.05 8.46 -13.12
C GLY A 185 -18.76 7.75 -13.48
N ILE A 186 -18.78 6.94 -14.56
CA ILE A 186 -17.56 6.25 -14.93
C ILE A 186 -16.52 7.22 -15.52
N PHE A 187 -16.97 8.20 -16.31
CA PHE A 187 -16.00 9.17 -16.85
C PHE A 187 -15.43 10.03 -15.73
N GLN A 188 -16.24 10.31 -14.71
CA GLN A 188 -15.71 11.10 -13.64
C GLN A 188 -14.67 10.28 -12.85
N PHE A 189 -15.03 9.05 -12.47
CA PHE A 189 -14.12 8.22 -11.68
C PHE A 189 -12.74 8.13 -12.36
N THR A 190 -12.74 7.90 -13.69
CA THR A 190 -11.46 7.75 -14.41
C THR A 190 -10.66 9.02 -14.51
N SER A 191 -11.27 10.13 -14.15
CA SER A 191 -10.61 11.43 -14.21
C SER A 191 -10.17 11.91 -12.81
N THR A 192 -10.44 11.10 -11.78
CA THR A 192 -10.10 11.43 -10.41
C THR A 192 -8.74 10.82 -10.04
N SER A 193 -8.19 11.27 -8.90
CA SER A 193 -6.93 10.73 -8.40
C SER A 193 -7.02 9.20 -8.22
N THR A 194 -8.09 8.72 -7.62
CA THR A 194 -8.27 7.29 -7.43
C THR A 194 -8.36 6.53 -8.78
N GLY A 195 -9.04 7.13 -9.75
CA GLY A 195 -9.13 6.46 -11.05
C GLY A 195 -7.74 6.38 -11.70
N GLN A 196 -6.89 7.39 -11.50
CA GLN A 196 -5.56 7.36 -12.09
C GLN A 196 -4.60 6.49 -11.26
N LEU A 197 -4.93 6.31 -9.97
CA LEU A 197 -4.12 5.42 -9.13
C LEU A 197 -4.44 3.99 -9.62
N TYR A 198 -5.70 3.78 -9.96
CA TYR A 198 -6.15 2.51 -10.44
C TYR A 198 -5.38 2.11 -11.70
N GLU A 199 -5.07 3.09 -12.56
CA GLU A 199 -4.33 2.77 -13.81
C GLU A 199 -2.98 2.13 -13.48
N MET A 200 -2.39 2.50 -12.34
CA MET A 200 -1.11 1.91 -11.88
C MET A 200 -1.26 0.63 -11.06
N PHE A 201 -2.25 0.57 -10.20
CA PHE A 201 -2.33 -0.54 -9.25
C PHE A 201 -3.57 -1.40 -9.31
N SER A 202 -4.16 -1.48 -10.49
CA SER A 202 -5.37 -2.29 -10.69
C SER A 202 -5.12 -3.73 -10.22
N SER A 203 -3.89 -4.22 -10.36
CA SER A 203 -3.59 -5.63 -9.93
C SER A 203 -4.02 -5.87 -8.49
N VAL A 204 -3.91 -4.85 -7.65
CA VAL A 204 -4.30 -4.99 -6.27
C VAL A 204 -5.68 -4.40 -6.03
N MET A 205 -5.86 -3.19 -6.53
CA MET A 205 -7.10 -2.42 -6.32
C MET A 205 -8.38 -3.07 -6.85
N LYS A 206 -8.32 -3.80 -7.95
CA LYS A 206 -9.55 -4.44 -8.44
C LYS A 206 -10.14 -5.41 -7.37
N HIS A 207 -9.30 -5.87 -6.42
CA HIS A 207 -9.73 -6.78 -5.37
C HIS A 207 -10.03 -6.07 -4.03
N LEU A 208 -9.79 -4.76 -3.96
CA LEU A 208 -10.03 -3.98 -2.73
C LEU A 208 -11.27 -3.16 -2.69
N PRO A 209 -11.82 -2.93 -1.49
CA PRO A 209 -13.01 -2.11 -1.43
C PRO A 209 -12.53 -0.69 -1.82
N GLY A 210 -13.46 0.17 -2.17
CA GLY A 210 -13.08 1.51 -2.54
C GLY A 210 -13.95 2.03 -3.68
N PRO A 211 -13.72 3.28 -4.11
CA PRO A 211 -14.45 3.98 -5.18
C PRO A 211 -14.41 3.18 -6.49
N GLN A 212 -13.30 2.48 -6.69
CA GLN A 212 -13.18 1.71 -7.89
C GLN A 212 -14.28 0.65 -7.95
N GLN A 213 -14.73 0.10 -6.81
CA GLN A 213 -15.76 -0.95 -6.87
C GLN A 213 -17.09 -0.37 -7.35
N GLN A 214 -17.40 0.86 -6.94
CA GLN A 214 -18.62 1.56 -7.36
C GLN A 214 -18.50 1.80 -8.87
N ALA A 215 -17.32 2.19 -9.33
CA ALA A 215 -17.16 2.38 -10.77
C ALA A 215 -17.44 1.07 -11.51
N PHE A 216 -16.92 -0.06 -11.01
CA PHE A 216 -17.14 -1.33 -11.70
C PHE A 216 -18.63 -1.63 -11.75
N GLN A 217 -19.34 -1.30 -10.69
CA GLN A 217 -20.76 -1.59 -10.69
C GLN A 217 -21.50 -0.73 -11.76
N LEU A 218 -21.03 0.49 -12.02
CA LEU A 218 -21.68 1.29 -13.08
C LEU A 218 -21.42 0.63 -14.47
N LEU A 219 -20.21 0.13 -14.70
CA LEU A 219 -19.90 -0.57 -15.95
C LEU A 219 -20.75 -1.85 -16.06
N GLN A 220 -20.87 -2.57 -14.98
CA GLN A 220 -21.70 -3.80 -14.99
C GLN A 220 -23.19 -3.46 -15.28
N GLY A 221 -23.65 -2.38 -14.69
CA GLY A 221 -25.03 -1.93 -14.95
C GLY A 221 -25.23 -1.64 -16.44
N LEU A 222 -24.22 -1.02 -17.06
CA LEU A 222 -24.34 -0.73 -18.51
C LEU A 222 -24.28 -2.03 -19.33
N GLU A 223 -23.39 -2.94 -18.93
CA GLU A 223 -23.26 -4.19 -19.64
C GLU A 223 -24.56 -5.01 -19.58
N ASP A 224 -25.16 -5.05 -18.39
CA ASP A 224 -26.39 -5.81 -18.15
C ASP A 224 -27.51 -5.25 -18.99
N PHE A 225 -27.57 -3.92 -19.08
CA PHE A 225 -28.61 -3.30 -19.93
C PHE A 225 -28.45 -3.70 -21.40
N ILE A 226 -27.22 -3.67 -21.91
CA ILE A 226 -26.96 -4.09 -23.28
C ILE A 226 -27.28 -5.60 -23.46
N ALA A 227 -26.87 -6.44 -22.52
CA ALA A 227 -27.17 -7.88 -22.65
C ALA A 227 -28.66 -8.16 -22.74
N LYS A 228 -29.43 -7.43 -21.94
CA LYS A 228 -30.87 -7.52 -21.93
C LYS A 228 -31.44 -7.10 -23.30
N LYS A 229 -30.95 -5.99 -23.85
CA LYS A 229 -31.47 -5.51 -25.15
C LYS A 229 -31.14 -6.52 -26.25
N VAL A 230 -29.95 -7.09 -26.17
CA VAL A 230 -29.53 -8.07 -27.17
C VAL A 230 -30.44 -9.31 -27.14
N GLU A 231 -30.76 -9.76 -25.94
CA GLU A 231 -31.62 -10.95 -25.76
C GLU A 231 -32.96 -10.74 -26.42
N HIS A 232 -33.55 -9.58 -26.16
CA HIS A 232 -34.84 -9.23 -26.73
C HIS A 232 -34.77 -9.20 -28.26
N ASN A 233 -33.73 -8.58 -28.82
CA ASN A 233 -33.60 -8.53 -30.27
C ASN A 233 -33.47 -9.96 -30.79
N GLN A 234 -32.72 -10.81 -30.08
CA GLN A 234 -32.50 -12.19 -30.49
C GLN A 234 -33.78 -12.96 -30.71
N ARG A 235 -34.75 -12.80 -29.82
CA ARG A 235 -35.97 -13.57 -29.97
C ARG A 235 -37.00 -12.94 -30.90
N THR A 236 -36.68 -11.78 -31.47
CA THR A 236 -37.62 -11.09 -32.33
C THR A 236 -36.97 -10.75 -33.65
N LEU A 237 -35.77 -11.28 -33.84
CA LEU A 237 -34.97 -11.04 -35.04
C LEU A 237 -35.49 -11.55 -36.38
N ASP A 238 -35.45 -10.68 -37.38
CA ASP A 238 -35.84 -11.01 -38.77
C ASP A 238 -34.53 -10.93 -39.55
N PRO A 239 -33.89 -12.08 -39.82
CA PRO A 239 -32.62 -12.16 -40.55
C PRO A 239 -32.61 -11.42 -41.83
N ASN A 240 -33.80 -11.14 -42.38
CA ASN A 240 -33.91 -10.45 -43.66
C ASN A 240 -34.23 -8.97 -43.52
N SER A 241 -34.42 -8.50 -42.29
CA SER A 241 -34.79 -7.11 -42.06
C SER A 241 -34.25 -6.65 -40.71
N PRO A 242 -32.94 -6.37 -40.63
CA PRO A 242 -32.34 -5.92 -39.37
C PRO A 242 -32.88 -4.54 -38.97
N ARG A 243 -33.17 -4.35 -37.68
CA ARG A 243 -33.70 -3.09 -37.19
C ARG A 243 -32.66 -2.08 -36.69
N ASP A 244 -31.48 -2.57 -36.39
CA ASP A 244 -30.48 -1.75 -35.77
C ASP A 244 -29.14 -2.45 -35.76
N PHE A 245 -28.14 -1.79 -35.18
CA PHE A 245 -26.79 -2.36 -35.14
C PHE A 245 -26.75 -3.77 -34.55
N ILE A 246 -27.49 -3.99 -33.47
CA ILE A 246 -27.52 -5.29 -32.82
C ILE A 246 -28.03 -6.41 -33.75
N ASP A 247 -29.09 -6.13 -34.52
CA ASP A 247 -29.63 -7.15 -35.45
C ASP A 247 -28.58 -7.47 -36.52
N SER A 248 -27.94 -6.44 -37.06
CA SER A 248 -26.93 -6.66 -38.08
C SER A 248 -25.82 -7.58 -37.59
N PHE A 249 -25.38 -7.35 -36.37
CA PHE A 249 -24.32 -8.15 -35.76
C PHE A 249 -24.84 -9.59 -35.53
N LEU A 250 -26.08 -9.72 -35.07
CA LEU A 250 -26.69 -11.04 -34.85
C LEU A 250 -26.72 -11.86 -36.16
N ILE A 251 -27.00 -11.15 -37.27
CA ILE A 251 -27.03 -11.78 -38.60
C ILE A 251 -25.62 -12.24 -38.98
N ARG A 252 -24.62 -11.37 -38.82
CA ARG A 252 -23.26 -11.78 -39.08
C ARG A 252 -22.90 -12.99 -38.19
N MET A 253 -23.32 -12.97 -36.93
CA MET A 253 -22.99 -14.11 -36.07
C MET A 253 -23.61 -15.38 -36.69
N GLN A 254 -24.82 -15.24 -37.22
CA GLN A 254 -25.48 -16.39 -37.84
C GLN A 254 -24.67 -16.90 -39.02
N GLU A 255 -24.33 -15.99 -39.93
CA GLU A 255 -23.53 -16.35 -41.07
C GLU A 255 -22.14 -16.90 -40.72
N GLU A 256 -21.64 -16.64 -39.50
CA GLU A 256 -20.29 -17.08 -39.14
C GLU A 256 -20.29 -18.27 -38.19
N GLU A 257 -21.47 -18.81 -37.92
CA GLU A 257 -21.57 -19.92 -37.01
C GLU A 257 -20.67 -21.10 -37.38
N LYS A 258 -20.40 -21.32 -38.66
CA LYS A 258 -19.54 -22.45 -39.06
C LYS A 258 -18.04 -22.11 -39.07
N ASN A 259 -17.69 -20.90 -38.62
CA ASN A 259 -16.30 -20.49 -38.58
C ASN A 259 -15.84 -20.53 -37.12
N PRO A 260 -15.00 -21.52 -36.77
CA PRO A 260 -14.45 -21.71 -35.42
C PRO A 260 -13.67 -20.53 -34.91
N ASN A 261 -13.04 -19.82 -35.84
CA ASN A 261 -12.22 -18.69 -35.49
C ASN A 261 -12.85 -17.33 -35.73
N THR A 262 -14.17 -17.29 -35.85
CA THR A 262 -14.80 -15.99 -36.10
C THR A 262 -14.70 -15.09 -34.84
N GLU A 263 -14.77 -13.77 -35.07
CA GLU A 263 -14.76 -12.76 -34.00
C GLU A 263 -16.23 -12.36 -33.79
N PHE A 264 -17.11 -12.90 -34.64
CA PHE A 264 -18.53 -12.59 -34.52
C PHE A 264 -19.30 -13.56 -33.65
N TYR A 265 -19.25 -13.30 -32.34
CA TYR A 265 -19.96 -14.09 -31.35
C TYR A 265 -20.53 -13.18 -30.27
N LEU A 266 -21.35 -13.73 -29.37
CA LEU A 266 -22.07 -12.91 -28.42
C LEU A 266 -21.24 -11.91 -27.61
N LYS A 267 -20.11 -12.33 -27.09
CA LYS A 267 -19.37 -11.39 -26.21
C LYS A 267 -18.89 -10.16 -26.95
N ASN A 268 -18.50 -10.32 -28.22
CA ASN A 268 -18.02 -9.17 -28.97
C ASN A 268 -19.19 -8.31 -29.38
N LEU A 269 -20.36 -8.93 -29.54
CA LEU A 269 -21.57 -8.16 -29.87
C LEU A 269 -21.92 -7.25 -28.67
N VAL A 270 -22.02 -7.87 -27.50
CA VAL A 270 -22.34 -7.09 -26.29
C VAL A 270 -21.30 -5.96 -26.05
N MET A 271 -20.02 -6.30 -26.04
CA MET A 271 -18.99 -5.29 -25.77
C MET A 271 -18.90 -4.22 -26.87
N THR A 272 -19.05 -4.62 -28.14
CA THR A 272 -18.96 -3.61 -29.21
C THR A 272 -20.13 -2.63 -29.09
N THR A 273 -21.34 -3.16 -28.80
CA THR A 273 -22.53 -2.33 -28.68
C THR A 273 -22.38 -1.42 -27.44
N LEU A 274 -21.77 -1.95 -26.39
CA LEU A 274 -21.55 -1.14 -25.19
C LEU A 274 -20.54 -0.01 -25.54
N ASN A 275 -19.49 -0.33 -26.30
CA ASN A 275 -18.49 0.70 -26.67
C ASN A 275 -19.20 1.88 -27.41
N LEU A 276 -20.02 1.52 -28.39
CA LEU A 276 -20.71 2.53 -29.19
C LEU A 276 -21.74 3.31 -28.36
N PHE A 277 -22.48 2.62 -27.48
CA PHE A 277 -23.48 3.32 -26.63
C PHE A 277 -22.79 4.34 -25.71
N ILE A 278 -21.72 3.93 -25.01
CA ILE A 278 -21.04 4.86 -24.12
C ILE A 278 -20.21 5.85 -24.94
N GLY A 279 -19.49 5.32 -25.92
CA GLY A 279 -18.66 6.19 -26.74
C GLY A 279 -19.43 7.28 -27.49
N GLY A 280 -20.58 6.91 -28.03
CA GLY A 280 -21.40 7.81 -28.77
C GLY A 280 -22.19 8.73 -27.86
N THR A 281 -22.05 8.55 -26.56
CA THR A 281 -22.79 9.44 -25.66
C THR A 281 -21.98 10.49 -24.87
N GLU A 282 -21.08 9.99 -24.04
CA GLU A 282 -20.45 10.83 -23.01
C GLU A 282 -19.48 11.90 -23.51
N THR A 283 -18.69 11.58 -24.54
CA THR A 283 -17.73 12.62 -24.98
C THR A 283 -18.38 13.83 -25.68
N VAL A 284 -19.36 13.59 -26.55
CA VAL A 284 -20.07 14.68 -27.17
C VAL A 284 -20.82 15.42 -26.08
N SER A 285 -21.48 14.69 -25.17
CA SER A 285 -22.18 15.39 -24.11
C SER A 285 -21.26 16.32 -23.30
N THR A 286 -20.09 15.81 -22.95
CA THR A 286 -19.19 16.60 -22.13
C THR A 286 -18.76 17.83 -22.91
N THR A 287 -18.57 17.65 -24.20
CA THR A 287 -18.09 18.77 -25.05
C THR A 287 -19.19 19.87 -25.13
N LEU A 288 -20.45 19.46 -25.25
CA LEU A 288 -21.52 20.44 -25.33
C LEU A 288 -21.56 21.24 -24.01
N ARG A 289 -21.51 20.50 -22.90
CA ARG A 289 -21.56 21.10 -21.57
C ARG A 289 -20.39 22.09 -21.38
N TYR A 290 -19.18 21.68 -21.74
CA TYR A 290 -18.04 22.59 -21.60
C TYR A 290 -18.28 23.79 -22.52
N GLY A 291 -18.70 23.51 -23.75
CA GLY A 291 -18.98 24.57 -24.73
C GLY A 291 -19.91 25.67 -24.25
N PHE A 292 -21.06 25.31 -23.67
CA PHE A 292 -21.97 26.37 -23.22
C PHE A 292 -21.33 27.22 -22.09
N LEU A 293 -20.52 26.57 -21.26
CA LEU A 293 -19.88 27.30 -20.17
C LEU A 293 -18.89 28.33 -20.75
N LEU A 294 -18.10 27.90 -21.72
CA LEU A 294 -17.16 28.79 -22.38
C LEU A 294 -17.89 29.96 -23.10
N LEU A 295 -19.02 29.68 -23.75
CA LEU A 295 -19.76 30.72 -24.45
C LEU A 295 -20.31 31.76 -23.46
N MET A 296 -20.65 31.33 -22.24
CA MET A 296 -21.14 32.27 -21.21
C MET A 296 -19.97 33.07 -20.63
N LYS A 297 -18.81 32.44 -20.57
CA LYS A 297 -17.65 33.15 -20.10
C LYS A 297 -17.26 34.17 -21.19
N HIS A 298 -17.64 33.94 -22.45
CA HIS A 298 -17.25 34.85 -23.53
C HIS A 298 -18.41 35.34 -24.35
N PRO A 299 -19.19 36.28 -23.78
CA PRO A 299 -20.38 36.86 -24.44
C PRO A 299 -20.12 37.44 -25.82
N GLU A 300 -18.93 38.04 -26.04
CA GLU A 300 -18.58 38.60 -27.36
C GLU A 300 -18.59 37.51 -28.45
N VAL A 301 -18.17 36.31 -28.07
CA VAL A 301 -18.15 35.18 -29.01
C VAL A 301 -19.59 34.72 -29.26
N GLU A 302 -20.40 34.69 -28.21
CA GLU A 302 -21.77 34.26 -28.41
C GLU A 302 -22.48 35.24 -29.33
N ALA A 303 -22.19 36.51 -29.11
CA ALA A 303 -22.77 37.58 -29.93
C ALA A 303 -22.41 37.38 -31.40
N LYS A 304 -21.16 37.05 -31.72
CA LYS A 304 -20.79 36.85 -33.13
C LYS A 304 -21.42 35.59 -33.70
N VAL A 305 -21.59 34.56 -32.86
CA VAL A 305 -22.26 33.32 -33.33
C VAL A 305 -23.66 33.65 -33.76
N HIS A 306 -24.34 34.45 -32.95
CA HIS A 306 -25.72 34.82 -33.23
C HIS A 306 -25.80 35.61 -34.56
N GLU A 307 -24.84 36.50 -34.83
CA GLU A 307 -24.93 37.31 -36.10
C GLU A 307 -24.88 36.38 -37.29
N GLU A 308 -23.96 35.40 -37.22
CA GLU A 308 -23.78 34.48 -38.32
C GLU A 308 -25.00 33.59 -38.48
N ILE A 309 -25.51 33.08 -37.36
CA ILE A 309 -26.66 32.21 -37.46
C ILE A 309 -27.85 32.99 -38.04
N ASP A 310 -28.06 34.21 -37.56
CA ASP A 310 -29.22 34.96 -38.07
C ASP A 310 -29.12 35.29 -39.57
N ARG A 311 -27.91 35.56 -40.04
CA ARG A 311 -27.69 35.89 -41.43
C ARG A 311 -27.76 34.69 -42.35
N VAL A 312 -27.02 33.62 -42.01
CA VAL A 312 -26.99 32.44 -42.84
C VAL A 312 -28.24 31.57 -42.81
N ILE A 313 -28.74 31.35 -41.61
CA ILE A 313 -29.88 30.47 -41.39
C ILE A 313 -31.20 31.18 -41.13
N GLY A 314 -31.17 32.25 -40.36
CA GLY A 314 -32.42 32.92 -40.05
C GLY A 314 -33.11 32.34 -38.81
N LYS A 315 -34.33 32.79 -38.55
CA LYS A 315 -35.08 32.36 -37.36
C LYS A 315 -36.07 31.23 -37.54
N ASN A 316 -36.30 30.80 -38.77
CA ASN A 316 -37.33 29.81 -38.95
C ASN A 316 -36.95 28.37 -39.27
N ARG A 317 -36.09 28.19 -40.25
CA ARG A 317 -35.75 26.82 -40.59
C ARG A 317 -34.73 26.23 -39.62
N GLN A 318 -34.66 24.91 -39.63
CA GLN A 318 -33.71 24.25 -38.79
C GLN A 318 -32.34 24.26 -39.46
N PRO A 319 -31.31 24.34 -38.63
CA PRO A 319 -29.96 24.30 -39.15
C PRO A 319 -29.79 22.95 -39.84
N LYS A 320 -28.95 22.88 -40.87
CA LYS A 320 -28.71 21.60 -41.50
C LYS A 320 -27.20 21.49 -41.63
N PHE A 321 -26.67 20.29 -41.79
CA PHE A 321 -25.23 20.15 -41.79
C PHE A 321 -24.52 20.96 -42.88
N GLU A 322 -25.13 21.09 -44.07
CA GLU A 322 -24.45 21.85 -45.11
C GLU A 322 -24.30 23.34 -44.73
N ASP A 323 -25.04 23.80 -43.72
CA ASP A 323 -24.89 25.17 -43.30
C ASP A 323 -23.49 25.52 -42.82
N ARG A 324 -22.78 24.52 -42.29
CA ARG A 324 -21.44 24.75 -41.75
C ARG A 324 -20.44 25.40 -42.74
N ALA A 325 -20.55 25.05 -44.00
CA ALA A 325 -19.67 25.59 -45.04
C ALA A 325 -19.81 27.13 -45.17
N LYS A 326 -20.99 27.66 -44.84
CA LYS A 326 -21.25 29.12 -44.87
C LYS A 326 -21.10 29.78 -43.51
N MET A 327 -20.57 29.03 -42.55
CA MET A 327 -20.48 29.55 -41.19
C MET A 327 -19.09 29.29 -40.59
N PRO A 328 -18.09 29.99 -41.11
CA PRO A 328 -16.74 29.81 -40.61
C PRO A 328 -16.60 30.17 -39.15
N TYR A 329 -17.34 31.18 -38.68
CA TYR A 329 -17.18 31.54 -37.28
C TYR A 329 -17.64 30.40 -36.34
N MET A 330 -18.82 29.86 -36.61
CA MET A 330 -19.33 28.74 -35.79
C MET A 330 -18.34 27.57 -35.89
N GLU A 331 -17.85 27.26 -37.09
CA GLU A 331 -16.86 26.17 -37.24
C GLU A 331 -15.61 26.46 -36.42
N ALA A 332 -15.15 27.72 -36.38
CA ALA A 332 -13.94 28.04 -35.59
C ALA A 332 -14.26 27.90 -34.07
N VAL A 333 -15.45 28.35 -33.70
CA VAL A 333 -15.91 28.27 -32.32
C VAL A 333 -15.99 26.81 -31.83
N ILE A 334 -16.60 25.95 -32.64
CA ILE A 334 -16.67 24.56 -32.21
C ILE A 334 -15.28 23.95 -32.12
N HIS A 335 -14.37 24.29 -33.05
CA HIS A 335 -13.00 23.72 -32.97
C HIS A 335 -12.30 24.21 -31.70
N GLU A 336 -12.46 25.49 -31.42
CA GLU A 336 -11.85 26.07 -30.24
C GLU A 336 -12.44 25.43 -28.95
N ILE A 337 -13.73 25.07 -28.96
CA ILE A 337 -14.30 24.41 -27.76
C ILE A 337 -13.62 23.05 -27.63
N GLN A 338 -13.49 22.32 -28.73
CA GLN A 338 -12.84 21.02 -28.63
C GLN A 338 -11.38 21.16 -28.28
N ARG A 339 -10.72 22.20 -28.81
CA ARG A 339 -9.29 22.38 -28.49
C ARG A 339 -9.09 22.75 -27.02
N PHE A 340 -9.90 23.68 -26.53
CA PHE A 340 -9.79 24.13 -25.13
C PHE A 340 -10.33 23.04 -24.17
N GLY A 341 -11.45 22.41 -24.52
CA GLY A 341 -12.03 21.36 -23.66
C GLY A 341 -11.07 20.18 -23.41
N ASP A 342 -10.32 19.78 -24.45
CA ASP A 342 -9.28 18.74 -24.34
C ASP A 342 -9.90 17.57 -23.59
N VAL A 343 -11.06 17.11 -24.08
CA VAL A 343 -11.88 16.10 -23.41
C VAL A 343 -11.26 14.76 -23.10
N ILE A 344 -10.40 14.27 -24.00
CA ILE A 344 -9.68 13.00 -23.78
C ILE A 344 -8.22 13.48 -23.86
N PRO A 345 -7.71 14.04 -22.76
CA PRO A 345 -6.34 14.60 -22.80
C PRO A 345 -5.14 13.75 -23.09
N MET A 346 -5.20 12.43 -22.85
CA MET A 346 -4.03 11.55 -23.09
C MET A 346 -4.47 10.45 -24.04
N SER A 347 -5.49 10.75 -24.83
CA SER A 347 -6.10 9.82 -25.80
C SER A 347 -6.45 8.53 -25.10
N LEU A 348 -6.55 7.45 -25.90
CA LEU A 348 -6.70 6.09 -25.36
C LEU A 348 -5.29 5.55 -25.69
N ALA A 349 -4.66 4.89 -24.74
CA ALA A 349 -3.30 4.40 -24.95
C ALA A 349 -3.11 3.56 -26.22
N ARG A 350 -1.94 3.71 -26.86
CA ARG A 350 -1.64 2.85 -28.01
C ARG A 350 -0.54 1.92 -27.46
N ARG A 351 -0.03 1.03 -28.33
CA ARG A 351 1.15 0.21 -27.98
C ARG A 351 1.83 -0.20 -29.30
N VAL A 352 3.15 -0.39 -29.27
CA VAL A 352 3.77 -0.75 -30.54
C VAL A 352 3.50 -2.23 -30.88
N LYS A 353 3.16 -2.44 -32.13
CA LYS A 353 2.84 -3.78 -32.66
C LYS A 353 4.02 -4.72 -32.76
N LYS A 354 5.21 -4.15 -32.91
CA LYS A 354 6.44 -4.93 -33.02
C LYS A 354 7.62 -4.05 -32.62
N ASP A 355 8.83 -4.64 -32.50
CA ASP A 355 10.01 -3.85 -32.11
C ASP A 355 10.05 -2.67 -33.05
N THR A 356 10.22 -1.49 -32.47
CA THR A 356 10.21 -0.26 -33.23
C THR A 356 11.37 0.68 -32.95
N LYS A 357 11.81 1.37 -34.01
CA LYS A 357 12.86 2.38 -33.90
C LYS A 357 12.11 3.70 -34.10
N PHE A 358 12.16 4.59 -33.13
CA PHE A 358 11.46 5.85 -33.23
C PHE A 358 12.42 6.98 -32.82
N ARG A 359 12.67 7.90 -33.74
CA ARG A 359 13.64 8.98 -33.49
C ARG A 359 14.89 8.20 -33.14
N ASP A 360 15.62 8.50 -32.08
CA ASP A 360 16.76 7.60 -31.93
C ASP A 360 16.59 6.57 -30.82
N PHE A 361 15.33 6.24 -30.56
CA PHE A 361 14.96 5.31 -29.51
C PHE A 361 14.55 3.93 -29.96
N PHE A 362 14.56 3.00 -29.02
CA PHE A 362 14.15 1.64 -29.29
C PHE A 362 12.93 1.33 -28.43
N LEU A 363 11.85 0.88 -29.07
CA LEU A 363 10.62 0.52 -28.37
C LEU A 363 10.31 -0.95 -28.58
N PRO A 364 10.55 -1.79 -27.56
CA PRO A 364 10.25 -3.18 -27.85
C PRO A 364 8.79 -3.44 -28.10
N LYS A 365 8.53 -4.49 -28.88
CA LYS A 365 7.18 -4.92 -29.20
C LYS A 365 6.37 -4.90 -27.92
N GLY A 366 5.12 -4.46 -28.00
CA GLY A 366 4.26 -4.46 -26.83
C GLY A 366 4.34 -3.23 -25.93
N THR A 367 5.31 -2.35 -26.17
CA THR A 367 5.45 -1.18 -25.30
C THR A 367 4.20 -0.25 -25.45
N GLU A 368 3.64 0.16 -24.32
CA GLU A 368 2.49 1.07 -24.30
C GLU A 368 2.89 2.50 -24.61
N VAL A 369 1.98 3.24 -25.21
CA VAL A 369 2.27 4.62 -25.63
C VAL A 369 1.16 5.59 -25.25
N TYR A 370 1.52 6.70 -24.60
CA TYR A 370 0.56 7.73 -24.25
C TYR A 370 0.71 8.95 -25.18
N PRO A 371 -0.18 9.10 -26.20
CA PRO A 371 -0.13 10.24 -27.13
C PRO A 371 -0.81 11.35 -26.31
N MET A 372 -0.05 12.35 -25.83
CA MET A 372 -0.63 13.40 -25.02
C MET A 372 -1.35 14.45 -25.90
N LEU A 373 -2.54 14.09 -26.37
CA LEU A 373 -3.34 14.95 -27.22
C LEU A 373 -3.43 16.36 -26.70
N GLY A 374 -3.65 16.51 -25.38
CA GLY A 374 -3.74 17.86 -24.80
C GLY A 374 -2.48 18.73 -25.06
N SER A 375 -1.31 18.11 -25.11
CA SER A 375 -0.06 18.84 -25.36
C SER A 375 0.03 19.29 -26.82
N VAL A 376 -0.74 18.62 -27.68
CA VAL A 376 -0.82 18.95 -29.09
C VAL A 376 -1.85 20.07 -29.24
N LEU A 377 -3.02 19.92 -28.64
CA LEU A 377 -4.06 20.95 -28.69
C LEU A 377 -3.58 22.30 -28.10
N ARG A 378 -2.57 22.28 -27.25
CA ARG A 378 -2.08 23.52 -26.65
C ARG A 378 -0.61 23.76 -27.10
N ASP A 379 -0.20 23.14 -28.20
CA ASP A 379 1.19 23.24 -28.66
C ASP A 379 1.45 24.72 -29.03
N PRO A 380 2.40 25.37 -28.33
CA PRO A 380 2.75 26.78 -28.56
C PRO A 380 3.24 27.16 -29.97
N SER A 381 3.58 26.16 -30.79
CA SER A 381 4.01 26.45 -32.15
C SER A 381 2.82 26.45 -33.08
N PHE A 382 1.63 26.05 -32.59
CA PHE A 382 0.46 26.04 -33.48
C PHE A 382 -0.63 27.00 -33.07
N PHE A 383 -0.61 27.43 -31.83
CA PHE A 383 -1.63 28.33 -31.34
C PHE A 383 -0.94 29.46 -30.61
N SER A 384 -1.35 30.68 -30.97
CA SER A 384 -0.77 31.91 -30.41
C SER A 384 -0.99 32.00 -28.91
N ASN A 385 -2.20 31.72 -28.44
CA ASN A 385 -2.43 31.77 -27.02
C ASN A 385 -3.12 30.48 -26.57
N PRO A 386 -2.36 29.39 -26.55
CA PRO A 386 -2.87 28.07 -26.16
C PRO A 386 -3.68 27.97 -24.90
N GLN A 387 -3.40 28.83 -23.90
CA GLN A 387 -4.11 28.75 -22.64
C GLN A 387 -5.42 29.54 -22.60
N ASP A 388 -5.75 30.25 -23.67
CA ASP A 388 -6.97 31.06 -23.72
C ASP A 388 -8.01 30.41 -24.64
N PHE A 389 -9.28 30.77 -24.42
CA PHE A 389 -10.35 30.33 -25.30
C PHE A 389 -10.44 31.47 -26.35
N ASN A 390 -10.08 31.18 -27.59
CA ASN A 390 -10.06 32.23 -28.60
C ASN A 390 -10.35 31.64 -29.95
N PRO A 391 -11.55 31.82 -30.48
CA PRO A 391 -11.91 31.27 -31.79
C PRO A 391 -10.96 31.71 -32.93
N GLN A 392 -10.25 32.80 -32.73
CA GLN A 392 -9.35 33.26 -33.79
C GLN A 392 -8.28 32.23 -34.08
N HIS A 393 -8.08 31.28 -33.16
CA HIS A 393 -7.09 30.24 -33.35
C HIS A 393 -7.40 29.46 -34.61
N PHE A 394 -8.66 29.51 -35.04
CA PHE A 394 -9.11 28.78 -36.23
C PHE A 394 -9.69 29.65 -37.36
N LEU A 395 -9.21 30.88 -37.48
CA LEU A 395 -9.66 31.84 -38.49
C LEU A 395 -8.45 32.62 -39.03
N ASN A 396 -8.49 32.94 -40.31
CA ASN A 396 -7.38 33.76 -40.85
C ASN A 396 -7.84 35.22 -40.75
N GLU A 397 -7.08 36.13 -41.35
CA GLU A 397 -7.46 37.53 -41.30
C GLU A 397 -8.82 37.89 -41.88
N LYS A 398 -9.27 37.24 -42.94
CA LYS A 398 -10.60 37.56 -43.46
C LYS A 398 -11.74 36.85 -42.67
N GLY A 399 -11.47 36.35 -41.46
CA GLY A 399 -12.53 35.65 -40.72
C GLY A 399 -12.95 34.36 -41.42
N GLN A 400 -12.03 33.78 -42.21
CA GLN A 400 -12.32 32.52 -42.91
C GLN A 400 -11.73 31.35 -42.07
N PHE A 401 -12.36 30.17 -42.16
CA PHE A 401 -11.93 29.02 -41.35
C PHE A 401 -10.57 28.52 -41.75
N LYS A 402 -9.70 28.39 -40.76
CA LYS A 402 -8.32 27.91 -40.93
C LYS A 402 -8.00 26.62 -40.12
N LYS A 403 -7.81 25.51 -40.80
CA LYS A 403 -7.44 24.23 -40.13
C LYS A 403 -6.04 24.29 -39.49
N SER A 404 -5.80 23.38 -38.54
CA SER A 404 -4.53 23.29 -37.84
C SER A 404 -4.15 21.82 -37.77
N ASP A 405 -2.90 21.52 -38.09
CA ASP A 405 -2.43 20.14 -38.01
C ASP A 405 -2.45 19.70 -36.53
N ALA A 406 -2.52 20.66 -35.61
CA ALA A 406 -2.50 20.33 -34.19
C ALA A 406 -3.90 20.14 -33.64
N PHE A 407 -4.91 20.21 -34.50
CA PHE A 407 -6.30 19.97 -34.03
C PHE A 407 -6.44 18.44 -34.05
N VAL A 408 -6.19 17.79 -32.92
CA VAL A 408 -6.27 16.32 -32.85
C VAL A 408 -7.13 15.77 -31.68
N PRO A 409 -8.34 16.33 -31.45
CA PRO A 409 -9.13 15.81 -30.31
C PRO A 409 -9.66 14.40 -30.55
N PHE A 410 -9.74 13.99 -31.81
CA PHE A 410 -10.18 12.64 -32.15
C PHE A 410 -8.96 11.72 -32.35
N SER A 411 -7.80 12.23 -31.97
CA SER A 411 -6.51 11.55 -32.20
C SER A 411 -6.29 11.38 -33.74
N ILE A 412 -5.29 10.60 -34.12
CA ILE A 412 -4.94 10.43 -35.54
C ILE A 412 -4.33 9.06 -35.75
N GLY A 413 -4.18 8.60 -37.00
CA GLY A 413 -3.60 7.28 -37.15
C GLY A 413 -4.60 6.17 -37.40
N LYS A 414 -4.11 4.93 -37.36
CA LYS A 414 -4.88 3.76 -37.66
C LYS A 414 -5.97 3.37 -36.68
N ARG A 415 -5.86 3.78 -35.43
CA ARG A 415 -6.94 3.46 -34.48
C ARG A 415 -7.62 4.75 -34.03
N ASN A 416 -7.67 5.75 -34.91
CA ASN A 416 -8.27 7.03 -34.56
C ASN A 416 -9.78 6.85 -34.39
N CYS A 417 -10.43 7.84 -33.78
CA CYS A 417 -11.89 7.75 -33.54
C CYS A 417 -12.73 7.58 -34.79
N PHE A 418 -13.45 6.46 -34.97
CA PHE A 418 -14.29 6.40 -36.15
C PHE A 418 -15.68 6.94 -35.89
N GLY A 419 -15.83 7.59 -34.72
CA GLY A 419 -17.08 8.25 -34.41
C GLY A 419 -16.93 9.74 -34.77
N GLU A 420 -15.76 10.12 -35.29
CA GLU A 420 -15.53 11.52 -35.63
C GLU A 420 -16.58 12.18 -36.51
N GLY A 421 -16.97 11.56 -37.62
CA GLY A 421 -17.97 12.20 -38.48
C GLY A 421 -19.30 12.43 -37.75
N LEU A 422 -19.76 11.40 -37.05
CA LEU A 422 -21.00 11.53 -36.27
C LEU A 422 -20.86 12.63 -35.21
N ALA A 423 -19.76 12.62 -34.46
CA ALA A 423 -19.52 13.62 -33.45
C ALA A 423 -19.55 15.04 -33.98
N ARG A 424 -18.87 15.29 -35.10
CA ARG A 424 -18.83 16.61 -35.67
C ARG A 424 -20.19 17.03 -36.15
N MET A 425 -20.92 16.12 -36.76
CA MET A 425 -22.25 16.48 -37.22
C MET A 425 -23.15 16.81 -35.97
N GLU A 426 -23.01 16.02 -34.92
CA GLU A 426 -23.81 16.31 -33.71
C GLU A 426 -23.45 17.67 -33.10
N LEU A 427 -22.16 17.92 -32.95
CA LEU A 427 -21.69 19.17 -32.38
C LEU A 427 -22.18 20.36 -33.16
N PHE A 428 -22.02 20.29 -34.47
CA PHE A 428 -22.50 21.43 -35.25
C PHE A 428 -24.03 21.64 -35.13
N LEU A 429 -24.81 20.59 -35.33
CA LEU A 429 -26.24 20.76 -35.31
C LEU A 429 -26.82 21.10 -33.93
N PHE A 430 -26.27 20.51 -32.86
CA PHE A 430 -26.79 20.80 -31.50
C PHE A 430 -26.34 22.22 -31.07
N PHE A 431 -25.08 22.58 -31.24
CA PHE A 431 -24.65 23.92 -30.83
C PHE A 431 -25.42 24.97 -31.66
N THR A 432 -25.51 24.76 -32.98
CA THR A 432 -26.19 25.75 -33.81
C THR A 432 -27.69 25.87 -33.52
N THR A 433 -28.38 24.74 -33.34
CA THR A 433 -29.81 24.80 -33.11
C THR A 433 -30.18 25.38 -31.74
N VAL A 434 -29.35 25.09 -30.73
CA VAL A 434 -29.58 25.66 -29.42
C VAL A 434 -29.37 27.18 -29.50
N MET A 435 -28.22 27.62 -30.05
CA MET A 435 -27.94 29.04 -30.10
C MET A 435 -28.84 29.89 -31.03
N GLN A 436 -29.41 29.25 -32.05
CA GLN A 436 -30.35 29.94 -32.95
C GLN A 436 -31.57 30.28 -32.07
N ASN A 437 -31.93 29.34 -31.18
CA ASN A 437 -33.13 29.51 -30.36
C ASN A 437 -33.03 30.19 -29.02
N PHE A 438 -31.86 30.19 -28.43
CA PHE A 438 -31.68 30.75 -27.12
C PHE A 438 -30.43 31.59 -26.93
N ARG A 439 -30.49 32.51 -25.98
CA ARG A 439 -29.30 33.24 -25.60
C ARG A 439 -29.04 32.62 -24.20
N LEU A 440 -27.79 32.54 -23.83
CA LEU A 440 -27.41 31.87 -22.59
C LEU A 440 -27.26 32.83 -21.43
N LYS A 441 -27.81 32.48 -20.27
CA LYS A 441 -27.74 33.36 -19.12
C LYS A 441 -27.12 32.62 -17.94
N SER A 442 -25.93 33.09 -17.55
CA SER A 442 -25.22 32.44 -16.46
C SER A 442 -25.76 32.90 -15.14
N SER A 443 -25.52 32.06 -14.14
CA SER A 443 -25.97 32.30 -12.80
C SER A 443 -24.95 33.20 -12.10
N GLN A 444 -23.91 33.61 -12.85
CA GLN A 444 -22.89 34.47 -12.30
C GLN A 444 -22.23 35.35 -13.35
N SER A 445 -21.54 36.37 -12.88
CA SER A 445 -20.90 37.27 -13.82
C SER A 445 -19.76 36.56 -14.54
N PRO A 446 -19.68 36.75 -15.87
CA PRO A 446 -18.68 36.20 -16.79
C PRO A 446 -17.27 36.22 -16.22
N LYS A 447 -16.89 37.34 -15.60
CA LYS A 447 -15.56 37.47 -15.01
C LYS A 447 -15.37 36.39 -13.96
N ASP A 448 -16.42 36.07 -13.22
CA ASP A 448 -16.30 35.07 -12.17
C ASP A 448 -16.51 33.62 -12.60
N ILE A 449 -16.86 33.40 -13.87
CA ILE A 449 -17.10 32.03 -14.32
C ILE A 449 -15.77 31.31 -14.37
N ASP A 450 -15.71 30.17 -13.70
CA ASP A 450 -14.47 29.39 -13.70
C ASP A 450 -14.47 28.28 -14.77
N VAL A 451 -13.77 28.47 -15.88
CA VAL A 451 -13.73 27.43 -16.89
C VAL A 451 -12.56 26.44 -16.72
N SER A 452 -11.82 26.48 -15.60
CA SER A 452 -10.75 25.49 -15.42
C SER A 452 -11.48 24.18 -15.12
N PRO A 453 -10.87 23.02 -15.46
CA PRO A 453 -11.63 21.79 -15.16
C PRO A 453 -11.75 21.36 -13.71
N LYS A 454 -12.81 20.61 -13.44
CA LYS A 454 -13.05 20.05 -12.12
C LYS A 454 -12.15 18.81 -11.89
N HIS A 455 -11.95 18.00 -12.94
CA HIS A 455 -11.10 16.79 -12.83
C HIS A 455 -10.42 16.61 -14.16
N VAL A 456 -9.21 16.07 -14.13
CA VAL A 456 -8.51 15.75 -15.34
C VAL A 456 -7.72 14.48 -15.09
N GLY A 457 -7.96 13.47 -15.92
CA GLY A 457 -7.27 12.22 -15.81
C GLY A 457 -7.52 11.59 -17.17
N PHE A 458 -8.36 10.56 -17.23
CA PHE A 458 -8.66 9.96 -18.51
C PHE A 458 -9.45 11.00 -19.34
N ALA A 459 -10.34 11.73 -18.69
CA ALA A 459 -11.10 12.77 -19.39
C ALA A 459 -10.86 14.11 -18.71
N THR A 460 -11.35 15.18 -19.35
CA THR A 460 -11.32 16.51 -18.78
C THR A 460 -12.78 16.82 -18.48
N ILE A 461 -13.11 17.02 -17.21
CA ILE A 461 -14.49 17.23 -16.75
C ILE A 461 -14.70 18.69 -16.33
N PRO A 462 -15.69 19.39 -16.92
CA PRO A 462 -15.86 20.78 -16.49
C PRO A 462 -16.52 20.86 -15.12
N ARG A 463 -16.42 22.03 -14.48
CA ARG A 463 -17.05 22.21 -13.16
C ARG A 463 -18.57 22.20 -13.28
N ASN A 464 -19.25 21.76 -12.22
CA ASN A 464 -20.71 21.72 -12.18
C ASN A 464 -21.20 23.17 -12.23
N TYR A 465 -22.30 23.41 -12.96
CA TYR A 465 -22.87 24.75 -13.04
C TYR A 465 -24.32 24.67 -13.48
N THR A 466 -25.05 25.79 -13.29
CA THR A 466 -26.44 25.90 -13.73
C THR A 466 -26.48 27.12 -14.61
N MET A 467 -27.51 27.20 -15.43
CA MET A 467 -27.64 28.31 -16.33
C MET A 467 -29.09 28.38 -16.78
N SER A 468 -29.45 29.44 -17.50
CA SER A 468 -30.81 29.48 -18.04
C SER A 468 -30.76 29.73 -19.57
N PHE A 469 -31.74 29.16 -20.29
CA PHE A 469 -31.84 29.30 -21.74
C PHE A 469 -33.00 30.31 -21.98
N LEU A 470 -32.68 31.52 -22.45
CA LEU A 470 -33.74 32.51 -22.69
C LEU A 470 -34.05 32.54 -24.14
N PRO A 471 -35.33 32.41 -24.50
CA PRO A 471 -35.71 32.44 -25.92
C PRO A 471 -35.25 33.76 -26.55
N ARG A 472 -34.86 33.67 -27.83
CA ARG A 472 -34.38 34.83 -28.59
C ARG A 472 -35.55 35.51 -29.33
N LYS B 10 -10.41 -7.39 29.65
CA LYS B 10 -9.96 -7.42 28.22
C LYS B 10 -10.58 -6.33 27.33
N LEU B 11 -9.94 -6.06 26.19
CA LEU B 11 -10.46 -5.05 25.26
C LEU B 11 -11.75 -5.61 24.67
N PRO B 12 -12.66 -4.72 24.24
CA PRO B 12 -13.93 -5.11 23.64
C PRO B 12 -13.65 -6.01 22.47
N PRO B 13 -14.53 -6.97 22.18
CA PRO B 13 -14.30 -7.86 21.06
C PRO B 13 -14.38 -7.10 19.74
N GLY B 14 -13.81 -7.67 18.69
CA GLY B 14 -13.82 -7.06 17.37
C GLY B 14 -13.15 -7.95 16.31
N PRO B 15 -13.29 -7.60 15.03
CA PRO B 15 -12.70 -8.37 13.94
C PRO B 15 -11.16 -8.43 13.99
N THR B 16 -10.62 -9.57 13.55
CA THR B 16 -9.18 -9.78 13.57
C THR B 16 -8.42 -8.82 12.64
N PRO B 17 -7.49 -8.03 13.23
CA PRO B 17 -6.74 -7.08 12.39
C PRO B 17 -5.44 -7.67 11.80
N LEU B 18 -5.01 -7.11 10.68
CA LEU B 18 -3.76 -7.48 10.05
C LEU B 18 -2.74 -6.40 10.51
N PRO B 19 -1.47 -6.77 10.57
CA PRO B 19 -0.44 -5.80 10.99
C PRO B 19 -0.45 -4.51 10.15
N PHE B 20 -0.42 -3.37 10.87
CA PHE B 20 -0.42 -2.00 10.31
C PHE B 20 -1.71 -1.58 9.61
N ILE B 21 -2.21 -2.36 8.62
CA ILE B 21 -3.45 -1.99 7.95
C ILE B 21 -4.70 -2.22 8.87
N GLY B 22 -4.48 -2.86 10.00
CA GLY B 22 -5.55 -3.14 10.98
C GLY B 22 -6.77 -3.80 10.32
N ASN B 23 -7.96 -3.17 10.43
CA ASN B 23 -9.16 -3.75 9.81
C ASN B 23 -9.56 -3.09 8.51
N TYR B 24 -8.59 -2.44 7.82
CA TYR B 24 -8.86 -1.81 6.55
C TYR B 24 -9.59 -2.71 5.50
N LEU B 25 -9.17 -3.97 5.38
CA LEU B 25 -9.81 -4.86 4.40
C LEU B 25 -11.29 -5.12 4.72
N GLN B 26 -11.69 -4.93 5.97
CA GLN B 26 -13.07 -5.19 6.44
C GLN B 26 -13.89 -3.89 6.55
N LEU B 27 -13.33 -2.80 6.04
CA LEU B 27 -14.01 -1.51 6.10
C LEU B 27 -14.19 -0.95 4.72
N ASN B 28 -15.17 -0.09 4.55
CA ASN B 28 -15.34 0.53 3.25
C ASN B 28 -15.11 2.06 3.45
N THR B 29 -14.03 2.61 2.91
CA THR B 29 -13.75 4.02 3.16
C THR B 29 -14.86 4.98 2.77
N GLU B 30 -15.70 4.56 1.84
CA GLU B 30 -16.81 5.39 1.35
C GLU B 30 -17.93 5.44 2.36
N GLN B 31 -18.03 4.42 3.22
CA GLN B 31 -19.06 4.38 4.21
C GLN B 31 -18.63 3.82 5.55
N MET B 32 -17.75 4.57 6.22
CA MET B 32 -17.26 4.12 7.52
C MET B 32 -18.37 3.89 8.49
N TYR B 33 -19.34 4.82 8.53
CA TYR B 33 -20.43 4.69 9.48
C TYR B 33 -21.15 3.36 9.30
N ASN B 34 -21.53 3.07 8.07
CA ASN B 34 -22.25 1.83 7.75
C ASN B 34 -21.35 0.59 7.98
N SER B 35 -20.07 0.68 7.59
CA SER B 35 -19.14 -0.42 7.80
C SER B 35 -19.07 -0.77 9.28
N LEU B 36 -18.90 0.26 10.11
CA LEU B 36 -18.81 0.04 11.56
C LEU B 36 -20.11 -0.46 12.20
N MET B 37 -21.23 0.10 11.77
CA MET B 37 -22.52 -0.29 12.32
C MET B 37 -22.76 -1.76 12.00
N LYS B 38 -22.35 -2.12 10.80
CA LYS B 38 -22.47 -3.49 10.33
C LYS B 38 -21.64 -4.40 11.22
N ILE B 39 -20.37 -4.07 11.45
CA ILE B 39 -19.65 -4.98 12.30
C ILE B 39 -20.21 -4.99 13.73
N SER B 40 -20.92 -3.95 14.18
CA SER B 40 -21.44 -4.01 15.54
C SER B 40 -22.57 -5.05 15.61
N GLU B 41 -23.19 -5.31 14.47
CA GLU B 41 -24.27 -6.30 14.40
C GLU B 41 -23.70 -7.63 14.85
N ARG B 42 -22.49 -7.91 14.41
CA ARG B 42 -21.85 -9.15 14.72
C ARG B 42 -21.17 -9.12 16.09
N TYR B 43 -20.64 -7.96 16.50
CA TYR B 43 -19.94 -7.88 17.78
C TYR B 43 -20.64 -7.21 18.96
N GLY B 44 -21.70 -6.44 18.71
CA GLY B 44 -22.37 -5.76 19.81
C GLY B 44 -22.12 -4.25 19.78
N PRO B 45 -22.76 -3.47 20.65
CA PRO B 45 -22.64 -2.00 20.72
C PRO B 45 -21.27 -1.43 21.11
N VAL B 46 -20.45 -2.23 21.77
CA VAL B 46 -19.13 -1.78 22.17
C VAL B 46 -18.13 -2.77 21.59
N PHE B 47 -17.33 -2.33 20.62
CA PHE B 47 -16.39 -3.29 20.00
C PHE B 47 -15.08 -2.62 19.59
N THR B 48 -14.07 -3.42 19.27
CA THR B 48 -12.78 -2.82 18.88
C THR B 48 -12.56 -2.88 17.37
N ILE B 49 -12.06 -1.77 16.81
CA ILE B 49 -11.76 -1.75 15.39
C ILE B 49 -10.34 -1.15 15.26
N HIS B 50 -9.64 -1.50 14.20
CA HIS B 50 -8.31 -1.00 13.97
C HIS B 50 -8.34 -0.17 12.70
N LEU B 51 -8.31 1.14 12.86
CA LEU B 51 -8.31 2.02 11.67
C LEU B 51 -6.84 2.15 11.31
N GLY B 52 -6.36 1.27 10.44
CA GLY B 52 -4.91 1.29 10.21
C GLY B 52 -4.37 0.83 11.57
N PRO B 53 -3.30 1.44 12.07
CA PRO B 53 -2.70 1.09 13.33
C PRO B 53 -3.43 1.70 14.53
N ARG B 54 -4.45 2.53 14.33
CA ARG B 54 -5.17 3.17 15.43
C ARG B 54 -6.16 2.18 16.05
N ARG B 55 -5.95 1.85 17.32
CA ARG B 55 -6.88 0.93 18.02
C ARG B 55 -7.99 1.80 18.61
N VAL B 56 -9.21 1.54 18.14
CA VAL B 56 -10.38 2.32 18.53
C VAL B 56 -11.53 1.52 19.12
N VAL B 57 -12.05 1.98 20.25
CA VAL B 57 -13.23 1.38 20.84
C VAL B 57 -14.38 2.25 20.32
N VAL B 58 -15.27 1.58 19.61
CA VAL B 58 -16.45 2.16 18.99
C VAL B 58 -17.65 2.02 19.96
N LEU B 59 -18.42 3.10 20.14
CA LEU B 59 -19.57 3.07 21.04
C LEU B 59 -20.84 3.29 20.20
N CYS B 60 -21.76 2.33 20.21
CA CYS B 60 -22.97 2.45 19.40
C CYS B 60 -24.23 2.55 20.25
N GLY B 61 -25.20 3.35 19.81
CA GLY B 61 -26.45 3.47 20.57
C GLY B 61 -26.37 4.40 21.78
N HIS B 62 -27.52 4.96 22.15
CA HIS B 62 -27.55 5.87 23.28
C HIS B 62 -26.94 5.37 24.59
N ASP B 63 -27.33 4.18 25.04
CA ASP B 63 -26.79 3.72 26.30
C ASP B 63 -25.25 3.64 26.40
N ALA B 64 -24.61 2.98 25.44
CA ALA B 64 -23.14 2.85 25.49
C ALA B 64 -22.52 4.23 25.44
N VAL B 65 -23.02 5.11 24.55
CA VAL B 65 -22.41 6.46 24.46
C VAL B 65 -22.64 7.27 25.73
N ARG B 66 -23.85 7.24 26.29
CA ARG B 66 -24.07 8.02 27.50
C ARG B 66 -23.27 7.47 28.70
N GLU B 67 -23.27 6.15 28.86
CA GLU B 67 -22.52 5.49 29.94
C GLU B 67 -21.04 5.89 29.94
N ALA B 68 -20.44 5.90 28.74
CA ALA B 68 -19.04 6.28 28.62
C ALA B 68 -18.82 7.78 28.75
N LEU B 69 -19.41 8.57 27.86
CA LEU B 69 -19.11 10.00 27.87
C LEU B 69 -19.66 10.79 29.03
N VAL B 70 -20.74 10.33 29.63
CA VAL B 70 -21.27 11.05 30.77
C VAL B 70 -21.06 10.30 32.11
N ASP B 71 -21.47 9.04 32.22
CA ASP B 71 -21.28 8.40 33.52
C ASP B 71 -19.80 8.20 33.87
N GLN B 72 -18.94 8.12 32.86
CA GLN B 72 -17.51 8.01 33.16
C GLN B 72 -16.82 9.13 32.41
N ALA B 73 -17.46 10.29 32.48
CA ALA B 73 -17.03 11.52 31.80
C ALA B 73 -15.56 11.88 31.88
N GLU B 74 -14.98 11.83 33.08
CA GLU B 74 -13.58 12.18 33.22
C GLU B 74 -12.65 11.20 32.52
N GLU B 75 -12.92 9.90 32.68
CA GLU B 75 -12.06 8.87 32.12
C GLU B 75 -12.14 8.91 30.58
N PHE B 76 -13.30 9.35 30.05
CA PHE B 76 -13.47 9.42 28.61
C PHE B 76 -13.27 10.81 28.02
N SER B 77 -12.64 11.70 28.79
CA SER B 77 -12.43 13.10 28.42
C SER B 77 -11.23 13.45 27.54
N GLY B 78 -10.40 12.48 27.16
CA GLY B 78 -9.28 12.87 26.31
C GLY B 78 -9.75 13.09 24.88
N ARG B 79 -8.89 13.70 24.08
CA ARG B 79 -9.21 13.95 22.68
C ARG B 79 -8.43 12.96 21.79
N GLY B 80 -9.14 12.27 20.88
CA GLY B 80 -8.50 11.33 19.96
C GLY B 80 -8.01 12.07 18.73
N GLU B 81 -7.62 11.35 17.69
CA GLU B 81 -7.16 12.08 16.53
C GLU B 81 -8.13 12.30 15.39
N GLN B 82 -7.85 13.29 14.58
CA GLN B 82 -8.60 13.47 13.32
C GLN B 82 -7.39 13.84 12.49
N ALA B 83 -6.91 12.85 11.73
CA ALA B 83 -5.66 13.04 11.03
C ALA B 83 -5.56 14.20 10.05
N THR B 84 -6.64 14.48 9.34
CA THR B 84 -6.60 15.60 8.42
C THR B 84 -6.38 16.94 9.19
N PHE B 85 -7.24 17.20 10.17
CA PHE B 85 -7.10 18.43 10.95
C PHE B 85 -5.78 18.39 11.76
N ASP B 86 -5.39 17.23 12.28
CA ASP B 86 -4.15 17.19 13.04
C ASP B 86 -2.95 17.64 12.17
N TRP B 87 -3.07 17.53 10.85
CA TRP B 87 -1.96 17.90 10.00
C TRP B 87 -1.60 19.38 10.21
N VAL B 88 -2.60 20.22 10.35
CA VAL B 88 -2.34 21.63 10.56
C VAL B 88 -2.26 21.99 12.04
N PHE B 89 -3.10 21.41 12.89
CA PHE B 89 -3.09 21.77 14.32
C PHE B 89 -1.93 21.26 15.18
N LYS B 90 -1.48 20.06 14.84
CA LYS B 90 -0.38 19.40 15.49
C LYS B 90 -0.43 19.48 17.00
N GLY B 91 -1.65 19.34 17.54
CA GLY B 91 -1.81 19.34 18.97
C GLY B 91 -2.03 20.69 19.67
N TYR B 92 -2.01 21.76 18.89
CA TYR B 92 -2.24 23.15 19.38
C TYR B 92 -3.67 23.59 19.11
N GLY B 93 -4.11 24.62 19.81
CA GLY B 93 -5.47 25.07 19.64
C GLY B 93 -6.35 24.41 20.68
N VAL B 94 -7.63 24.74 20.65
CA VAL B 94 -8.53 24.25 21.69
C VAL B 94 -9.30 22.96 21.38
N VAL B 95 -9.42 22.62 20.10
CA VAL B 95 -10.21 21.43 19.72
C VAL B 95 -9.38 20.15 19.66
N PHE B 96 -8.36 20.16 18.80
CA PHE B 96 -7.52 18.98 18.60
C PHE B 96 -6.29 18.97 19.48
N SER B 97 -6.56 19.03 20.78
CA SER B 97 -5.53 19.12 21.80
C SER B 97 -5.97 18.40 23.08
N ASN B 98 -5.03 18.29 24.01
CA ASN B 98 -5.26 17.57 25.24
C ASN B 98 -4.66 18.21 26.48
N GLY B 99 -4.99 17.62 27.62
CA GLY B 99 -4.46 18.03 28.90
C GLY B 99 -4.63 19.49 29.28
N GLU B 100 -3.62 20.03 29.96
CA GLU B 100 -3.60 21.41 30.42
C GLU B 100 -3.83 22.38 29.29
N ARG B 101 -3.25 22.08 28.12
CA ARG B 101 -3.38 23.00 26.99
C ARG B 101 -4.83 23.18 26.62
N ALA B 102 -5.52 22.08 26.50
CA ALA B 102 -6.93 22.14 26.10
C ALA B 102 -7.74 22.76 27.22
N LYS B 103 -7.40 22.40 28.46
CA LYS B 103 -8.09 22.92 29.64
C LYS B 103 -8.02 24.45 29.66
N GLN B 104 -6.82 25.00 29.58
CA GLN B 104 -6.65 26.45 29.61
C GLN B 104 -7.39 27.14 28.46
N LEU B 105 -7.09 26.70 27.24
CA LEU B 105 -7.69 27.32 26.06
C LEU B 105 -9.20 27.19 26.05
N ARG B 106 -9.76 26.10 26.56
CA ARG B 106 -11.21 25.98 26.56
C ARG B 106 -11.83 26.95 27.59
N ARG B 107 -11.21 27.02 28.77
CA ARG B 107 -11.71 27.95 29.79
C ARG B 107 -11.66 29.39 29.25
N PHE B 108 -10.55 29.76 28.64
CA PHE B 108 -10.43 31.11 28.11
C PHE B 108 -11.38 31.36 26.96
N SER B 109 -11.60 30.35 26.10
CA SER B 109 -12.49 30.58 24.95
C SER B 109 -13.91 30.76 25.37
N ILE B 110 -14.40 29.89 26.28
CA ILE B 110 -15.76 29.99 26.74
C ILE B 110 -15.97 31.36 27.42
N ALA B 111 -14.98 31.79 28.19
CA ALA B 111 -15.11 33.05 28.90
C ALA B 111 -15.08 34.24 27.95
N THR B 112 -14.14 34.20 26.99
CA THR B 112 -13.98 35.27 26.00
C THR B 112 -15.12 35.40 25.03
N LEU B 113 -15.75 34.27 24.67
CA LEU B 113 -16.94 34.30 23.78
C LEU B 113 -18.08 35.04 24.52
N ARG B 114 -18.27 34.76 25.80
CA ARG B 114 -19.35 35.44 26.53
C ARG B 114 -19.11 36.94 26.61
N ASP B 115 -17.86 37.28 26.81
CA ASP B 115 -17.46 38.67 26.90
C ASP B 115 -17.80 39.39 25.62
N PHE B 116 -17.80 38.65 24.52
CA PHE B 116 -18.12 39.27 23.24
C PHE B 116 -19.56 39.06 22.81
N GLY B 117 -20.41 38.86 23.82
CA GLY B 117 -21.83 38.72 23.59
C GLY B 117 -22.48 37.36 23.43
N VAL B 118 -21.71 36.29 23.33
CA VAL B 118 -22.38 34.99 23.18
C VAL B 118 -23.27 34.67 24.35
N GLY B 119 -24.48 34.21 24.05
CA GLY B 119 -25.44 33.85 25.08
C GLY B 119 -26.06 35.09 25.70
N LYS B 120 -25.93 36.23 25.01
CA LYS B 120 -26.46 37.50 25.48
C LYS B 120 -27.11 38.26 24.31
N ARG B 121 -27.83 39.33 24.63
CA ARG B 121 -28.48 40.17 23.63
C ARG B 121 -27.47 40.76 22.60
N GLY B 122 -26.22 40.99 23.04
CA GLY B 122 -25.21 41.52 22.14
C GLY B 122 -25.02 40.66 20.90
N ILE B 123 -24.86 39.35 21.09
CA ILE B 123 -24.68 38.46 19.96
C ILE B 123 -26.03 38.17 19.30
N GLU B 124 -27.11 38.19 20.08
CA GLU B 124 -28.42 37.99 19.47
C GLU B 124 -28.66 39.13 18.42
N GLU B 125 -28.24 40.35 18.75
CA GLU B 125 -28.44 41.47 17.82
C GLU B 125 -27.62 41.27 16.57
N ARG B 126 -26.42 40.72 16.78
CA ARG B 126 -25.53 40.46 15.68
C ARG B 126 -26.17 39.44 14.76
N ILE B 127 -26.75 38.39 15.34
CA ILE B 127 -27.38 37.38 14.52
C ILE B 127 -28.62 37.92 13.80
N GLN B 128 -29.41 38.74 14.47
CA GLN B 128 -30.61 39.30 13.84
C GLN B 128 -30.24 40.17 12.65
N GLU B 129 -29.21 40.98 12.82
CA GLU B 129 -28.78 41.86 11.74
C GLU B 129 -28.20 41.06 10.54
N GLU B 130 -27.43 40.00 10.81
CA GLU B 130 -26.89 39.22 9.69
C GLU B 130 -28.04 38.47 9.04
N ALA B 131 -29.03 38.07 9.84
CA ALA B 131 -30.18 37.36 9.28
C ALA B 131 -30.86 38.36 8.30
N GLY B 132 -31.03 39.62 8.73
CA GLY B 132 -31.64 40.64 7.88
C GLY B 132 -30.86 40.74 6.56
N PHE B 133 -29.53 40.72 6.61
CA PHE B 133 -28.73 40.80 5.38
C PHE B 133 -28.98 39.59 4.48
N LEU B 134 -29.14 38.40 5.09
CA LEU B 134 -29.46 37.22 4.29
C LEU B 134 -30.79 37.42 3.56
N ILE B 135 -31.79 37.93 4.28
CA ILE B 135 -33.09 38.16 3.67
C ILE B 135 -32.94 39.08 2.46
N ASP B 136 -32.11 40.13 2.59
CA ASP B 136 -31.91 41.05 1.47
C ASP B 136 -31.29 40.30 0.30
N ALA B 137 -30.22 39.57 0.59
CA ALA B 137 -29.55 38.80 -0.42
C ALA B 137 -30.52 37.85 -1.12
N LEU B 138 -31.35 37.15 -0.34
CA LEU B 138 -32.31 36.21 -0.92
C LEU B 138 -33.41 36.93 -1.69
N ARG B 139 -33.75 38.12 -1.22
CA ARG B 139 -34.79 38.89 -1.90
C ARG B 139 -34.23 39.31 -3.28
N GLY B 140 -32.95 39.67 -3.29
CA GLY B 140 -32.25 40.10 -4.49
C GLY B 140 -32.22 39.08 -5.62
N THR B 141 -32.43 37.79 -5.33
CA THR B 141 -32.41 36.76 -6.38
C THR B 141 -33.70 36.80 -7.17
N GLY B 142 -34.61 37.65 -6.73
CA GLY B 142 -35.88 37.77 -7.40
C GLY B 142 -36.60 36.46 -7.62
N GLY B 143 -36.47 35.52 -6.68
CA GLY B 143 -37.14 34.22 -6.83
C GLY B 143 -36.52 33.22 -7.80
N ALA B 144 -35.35 33.53 -8.35
CA ALA B 144 -34.74 32.59 -9.31
C ALA B 144 -34.20 31.31 -8.60
N ASN B 145 -33.89 30.25 -9.37
CA ASN B 145 -33.35 29.01 -8.78
C ASN B 145 -31.92 29.27 -8.48
N ILE B 146 -31.56 29.03 -7.22
CA ILE B 146 -30.20 29.28 -6.79
C ILE B 146 -29.62 28.18 -5.92
N ASP B 147 -28.30 28.17 -5.86
CA ASP B 147 -27.59 27.24 -5.01
C ASP B 147 -27.50 28.06 -3.74
N PRO B 148 -28.18 27.60 -2.70
CA PRO B 148 -28.12 28.37 -1.44
C PRO B 148 -26.83 28.27 -0.67
N THR B 149 -25.97 27.34 -1.10
CA THR B 149 -24.77 27.08 -0.36
C THR B 149 -24.02 28.27 0.19
N PHE B 150 -23.54 29.18 -0.66
CA PHE B 150 -22.78 30.30 -0.11
C PHE B 150 -23.56 31.44 0.43
N PHE B 151 -24.84 31.49 0.08
CA PHE B 151 -25.66 32.53 0.66
C PHE B 151 -25.65 32.20 2.16
N LEU B 152 -25.94 30.94 2.47
CA LEU B 152 -26.01 30.51 3.84
C LEU B 152 -24.66 30.57 4.57
N SER B 153 -23.59 30.12 3.93
CA SER B 153 -22.31 30.15 4.65
C SER B 153 -21.74 31.54 4.90
N ARG B 154 -21.95 32.47 3.97
CA ARG B 154 -21.43 33.82 4.21
C ARG B 154 -22.14 34.35 5.45
N THR B 155 -23.45 34.14 5.52
CA THR B 155 -24.23 34.63 6.66
C THR B 155 -23.77 33.99 7.99
N VAL B 156 -23.68 32.67 8.02
CA VAL B 156 -23.24 32.00 9.27
C VAL B 156 -21.81 32.50 9.65
N SER B 157 -20.90 32.41 8.69
CA SER B 157 -19.53 32.81 8.98
C SER B 157 -19.39 34.24 9.49
N ASN B 158 -20.26 35.16 9.03
CA ASN B 158 -20.13 36.51 9.53
C ASN B 158 -20.37 36.67 11.03
N VAL B 159 -21.10 35.77 11.64
CA VAL B 159 -21.33 35.93 13.07
C VAL B 159 -20.05 35.66 13.86
N ILE B 160 -19.47 34.49 13.68
CA ILE B 160 -18.24 34.24 14.44
C ILE B 160 -17.13 35.16 13.95
N SER B 161 -17.12 35.53 12.66
CA SER B 161 -16.09 36.49 12.18
C SER B 161 -16.14 37.81 12.98
N SER B 162 -17.35 38.34 13.18
CA SER B 162 -17.42 39.61 13.91
C SER B 162 -16.88 39.44 15.32
N ILE B 163 -17.02 38.24 15.90
CA ILE B 163 -16.50 37.98 17.26
C ILE B 163 -14.99 37.80 17.33
N VAL B 164 -14.45 37.02 16.40
CA VAL B 164 -13.02 36.77 16.42
C VAL B 164 -12.19 37.83 15.73
N PHE B 165 -12.79 38.45 14.70
CA PHE B 165 -12.12 39.45 13.88
C PHE B 165 -12.48 40.89 14.15
N GLY B 166 -13.60 41.12 14.84
CA GLY B 166 -13.97 42.48 15.12
C GLY B 166 -15.22 42.81 14.35
N ASP B 167 -15.16 42.62 13.03
CA ASP B 167 -16.34 42.89 12.25
C ASP B 167 -16.63 41.81 11.18
N ARG B 168 -17.78 41.93 10.55
CA ARG B 168 -18.22 41.03 9.50
C ARG B 168 -17.46 41.30 8.21
N PHE B 169 -17.74 40.47 7.21
CA PHE B 169 -17.16 40.59 5.89
C PHE B 169 -18.27 41.09 4.98
N ASP B 170 -17.88 41.80 3.94
CA ASP B 170 -18.83 42.24 2.94
C ASP B 170 -19.15 40.99 2.10
N TYR B 171 -20.41 40.77 1.78
CA TYR B 171 -20.76 39.58 0.97
C TYR B 171 -20.04 39.54 -0.38
N LYS B 172 -19.43 40.66 -0.77
CA LYS B 172 -18.72 40.79 -2.06
C LYS B 172 -17.20 40.61 -1.97
N ASP B 173 -16.67 40.48 -0.76
CA ASP B 173 -15.22 40.29 -0.58
C ASP B 173 -14.86 38.94 -1.20
N LYS B 174 -14.05 38.95 -2.27
CA LYS B 174 -13.67 37.69 -2.95
C LYS B 174 -12.80 36.76 -2.10
N GLU B 175 -12.03 37.37 -1.20
CA GLU B 175 -11.17 36.60 -0.31
C GLU B 175 -12.09 35.82 0.66
N PHE B 176 -13.14 36.50 1.14
CA PHE B 176 -14.12 35.92 2.09
C PHE B 176 -14.63 34.67 1.39
N LEU B 177 -15.03 34.75 0.13
CA LEU B 177 -15.50 33.57 -0.56
C LEU B 177 -14.42 32.48 -0.75
N SER B 178 -13.18 32.88 -0.97
CA SER B 178 -12.14 31.87 -1.15
C SER B 178 -12.03 31.09 0.20
N LEU B 179 -12.08 31.82 1.31
CA LEU B 179 -12.00 31.20 2.63
C LEU B 179 -13.15 30.24 2.81
N LEU B 180 -14.36 30.64 2.37
CA LEU B 180 -15.52 29.76 2.52
C LEU B 180 -15.39 28.48 1.68
N ARG B 181 -14.79 28.59 0.51
CA ARG B 181 -14.59 27.42 -0.36
C ARG B 181 -13.55 26.44 0.28
N MET B 182 -12.51 27.00 0.88
CA MET B 182 -11.50 26.15 1.56
C MET B 182 -12.23 25.35 2.66
N MET B 183 -13.06 26.03 3.45
CA MET B 183 -13.76 25.29 4.50
C MET B 183 -14.68 24.17 3.93
N LEU B 184 -15.43 24.50 2.88
CA LEU B 184 -16.33 23.52 2.29
C LEU B 184 -15.47 22.36 1.78
N GLY B 185 -14.41 22.66 1.03
CA GLY B 185 -13.56 21.62 0.53
C GLY B 185 -12.98 20.70 1.58
N ILE B 186 -12.61 21.24 2.76
CA ILE B 186 -11.97 20.38 3.75
C ILE B 186 -12.97 19.49 4.42
N PHE B 187 -14.18 19.99 4.66
CA PHE B 187 -15.17 19.14 5.33
C PHE B 187 -15.55 18.04 4.33
N GLN B 188 -15.51 18.41 3.05
CA GLN B 188 -15.86 17.44 2.01
C GLN B 188 -14.75 16.34 2.00
N PHE B 189 -13.52 16.81 1.87
CA PHE B 189 -12.39 15.84 1.81
C PHE B 189 -12.45 14.82 2.92
N THR B 190 -12.68 15.27 4.14
CA THR B 190 -12.70 14.37 5.29
C THR B 190 -13.89 13.46 5.32
N SER B 191 -14.86 13.69 4.42
CA SER B 191 -16.07 12.86 4.43
C SER B 191 -16.12 11.90 3.22
N THR B 192 -15.05 11.89 2.44
CA THR B 192 -14.96 11.07 1.23
C THR B 192 -14.08 9.85 1.55
N SER B 193 -14.00 8.91 0.59
CA SER B 193 -13.19 7.72 0.78
C SER B 193 -11.69 8.08 0.98
N THR B 194 -11.10 8.95 0.16
CA THR B 194 -9.69 9.30 0.36
C THR B 194 -9.39 10.01 1.72
N GLY B 195 -10.34 10.80 2.19
CA GLY B 195 -10.23 11.47 3.49
C GLY B 195 -10.28 10.41 4.57
N GLN B 196 -11.13 9.39 4.43
CA GLN B 196 -11.20 8.38 5.44
C GLN B 196 -10.02 7.40 5.33
N LEU B 197 -9.50 7.19 4.11
CA LEU B 197 -8.28 6.35 3.95
C LEU B 197 -7.14 7.10 4.74
N TYR B 198 -7.09 8.42 4.58
CA TYR B 198 -6.07 9.22 5.31
C TYR B 198 -6.14 9.01 6.82
N GLU B 199 -7.35 8.83 7.37
CA GLU B 199 -7.48 8.58 8.79
C GLU B 199 -6.71 7.37 9.23
N MET B 200 -6.61 6.36 8.37
CA MET B 200 -5.88 5.15 8.74
C MET B 200 -4.41 5.22 8.37
N PHE B 201 -4.13 5.82 7.22
CA PHE B 201 -2.75 5.77 6.69
C PHE B 201 -1.96 7.05 6.57
N SER B 202 -2.35 8.01 7.39
CA SER B 202 -1.66 9.31 7.42
C SER B 202 -0.16 9.17 7.65
N SER B 203 0.28 8.19 8.43
CA SER B 203 1.72 8.01 8.70
C SER B 203 2.54 7.93 7.38
N VAL B 204 1.92 7.42 6.33
CA VAL B 204 2.60 7.32 5.04
C VAL B 204 2.08 8.38 4.11
N MET B 205 0.76 8.47 3.96
CA MET B 205 0.16 9.44 3.05
C MET B 205 0.55 10.92 3.25
N LYS B 206 0.82 11.35 4.48
CA LYS B 206 1.18 12.76 4.63
C LYS B 206 2.47 13.08 3.86
N HIS B 207 3.27 12.06 3.57
CA HIS B 207 4.52 12.27 2.85
C HIS B 207 4.40 12.04 1.35
N LEU B 208 3.23 11.68 0.88
CA LEU B 208 3.06 11.38 -0.56
C LEU B 208 2.26 12.37 -1.36
N PRO B 209 2.62 12.56 -2.64
CA PRO B 209 1.89 13.49 -3.51
C PRO B 209 0.49 12.86 -3.59
N GLY B 210 -0.54 13.67 -3.85
CA GLY B 210 -1.88 13.12 -3.89
C GLY B 210 -2.93 14.15 -3.47
N PRO B 211 -4.21 13.80 -3.48
CA PRO B 211 -5.26 14.76 -3.09
C PRO B 211 -5.11 15.25 -1.67
N GLN B 212 -4.53 14.42 -0.79
CA GLN B 212 -4.33 14.85 0.59
C GLN B 212 -3.60 16.19 0.56
N GLN B 213 -2.58 16.32 -0.29
CA GLN B 213 -1.79 17.55 -0.29
C GLN B 213 -2.61 18.77 -0.63
N GLN B 214 -3.58 18.64 -1.57
CA GLN B 214 -4.42 19.81 -1.87
C GLN B 214 -5.30 20.12 -0.67
N ALA B 215 -5.76 19.10 0.04
CA ALA B 215 -6.57 19.32 1.23
C ALA B 215 -5.73 20.04 2.27
N PHE B 216 -4.47 19.63 2.46
CA PHE B 216 -3.61 20.30 3.42
C PHE B 216 -3.43 21.74 3.01
N GLN B 217 -3.43 21.97 1.72
CA GLN B 217 -3.21 23.33 1.28
C GLN B 217 -4.45 24.18 1.59
N LEU B 218 -5.64 23.58 1.71
CA LEU B 218 -6.81 24.40 2.04
C LEU B 218 -6.67 24.79 3.52
N LEU B 219 -6.14 23.90 4.36
CA LEU B 219 -5.95 24.24 5.79
C LEU B 219 -4.83 25.29 5.92
N GLN B 220 -3.81 25.16 5.11
CA GLN B 220 -2.71 26.14 5.15
C GLN B 220 -3.21 27.55 4.74
N GLY B 221 -4.11 27.61 3.77
CA GLY B 221 -4.64 28.89 3.31
C GLY B 221 -5.43 29.56 4.45
N LEU B 222 -6.24 28.77 5.14
CA LEU B 222 -7.03 29.27 6.25
C LEU B 222 -6.08 29.73 7.36
N GLU B 223 -5.10 28.90 7.73
CA GLU B 223 -4.16 29.31 8.75
C GLU B 223 -3.45 30.62 8.36
N ASP B 224 -3.02 30.73 7.10
CA ASP B 224 -2.27 31.92 6.67
C ASP B 224 -3.17 33.14 6.84
N PHE B 225 -4.43 33.03 6.47
CA PHE B 225 -5.35 34.13 6.62
C PHE B 225 -5.43 34.60 8.11
N ILE B 226 -5.64 33.64 9.01
CA ILE B 226 -5.72 33.92 10.44
C ILE B 226 -4.42 34.59 10.94
N ALA B 227 -3.26 34.09 10.51
CA ALA B 227 -1.98 34.67 10.92
C ALA B 227 -1.86 36.12 10.41
N LYS B 228 -2.48 36.41 9.27
CA LYS B 228 -2.45 37.75 8.70
C LYS B 228 -3.28 38.64 9.60
N LYS B 229 -4.46 38.15 10.00
CA LYS B 229 -5.34 38.93 10.87
C LYS B 229 -4.72 39.16 12.22
N VAL B 230 -3.97 38.17 12.71
CA VAL B 230 -3.33 38.28 14.00
C VAL B 230 -2.19 39.31 13.98
N GLU B 231 -1.40 39.32 12.91
CA GLU B 231 -0.29 40.26 12.80
C GLU B 231 -0.87 41.68 12.82
N HIS B 232 -1.93 41.90 12.04
CA HIS B 232 -2.57 43.20 12.00
C HIS B 232 -2.94 43.62 13.42
N ASN B 233 -3.90 42.90 14.02
CA ASN B 233 -4.34 43.22 15.36
C ASN B 233 -3.18 43.51 16.30
N GLN B 234 -2.07 42.79 16.15
CA GLN B 234 -0.98 43.03 17.07
C GLN B 234 -0.25 44.33 16.81
N ARG B 235 -0.06 44.68 15.54
CA ARG B 235 0.63 45.92 15.20
C ARG B 235 -0.23 47.12 15.57
N THR B 236 -1.49 46.87 15.96
CA THR B 236 -2.42 47.94 16.30
C THR B 236 -3.25 47.67 17.56
N LEU B 237 -2.75 46.81 18.44
CA LEU B 237 -3.47 46.47 19.67
C LEU B 237 -3.78 47.64 20.63
N ASP B 238 -4.85 47.45 21.40
CA ASP B 238 -5.38 48.43 22.34
C ASP B 238 -5.44 47.76 23.70
N PRO B 239 -4.26 47.58 24.34
CA PRO B 239 -4.11 46.94 25.65
C PRO B 239 -5.29 46.97 26.62
N ASN B 240 -5.96 48.11 26.77
CA ASN B 240 -7.10 48.16 27.69
C ASN B 240 -8.44 48.16 26.96
N SER B 241 -8.37 48.12 25.63
CA SER B 241 -9.56 48.11 24.80
C SER B 241 -9.51 46.96 23.77
N PRO B 242 -9.94 45.75 24.16
CA PRO B 242 -9.92 44.61 23.25
C PRO B 242 -11.06 44.70 22.21
N ARG B 243 -10.72 44.68 20.93
CA ARG B 243 -11.72 44.73 19.87
C ARG B 243 -12.40 43.38 19.66
N ASP B 244 -11.59 42.34 19.63
CA ASP B 244 -12.10 41.00 19.34
C ASP B 244 -11.46 39.85 20.16
N PHE B 245 -11.87 38.61 19.82
CA PHE B 245 -11.33 37.44 20.51
C PHE B 245 -9.81 37.53 20.40
N ILE B 246 -9.32 37.84 19.20
CA ILE B 246 -7.89 37.92 19.00
C ILE B 246 -7.15 38.92 19.96
N ASP B 247 -7.78 40.06 20.25
CA ASP B 247 -7.15 41.07 21.13
C ASP B 247 -7.08 40.55 22.54
N SER B 248 -8.19 40.01 23.02
CA SER B 248 -8.23 39.47 24.37
C SER B 248 -7.12 38.47 24.59
N PHE B 249 -6.89 37.63 23.57
CA PHE B 249 -5.87 36.59 23.66
C PHE B 249 -4.47 37.21 23.66
N LEU B 250 -4.26 38.16 22.75
CA LEU B 250 -2.97 38.83 22.63
C LEU B 250 -2.62 39.52 23.95
N ILE B 251 -3.63 40.03 24.63
CA ILE B 251 -3.40 40.70 25.90
C ILE B 251 -2.91 39.70 26.95
N ARG B 252 -3.56 38.53 27.04
CA ARG B 252 -3.12 37.53 27.98
C ARG B 252 -1.69 37.11 27.64
N MET B 253 -1.40 37.04 26.35
CA MET B 253 -0.07 36.67 25.88
C MET B 253 0.99 37.66 26.37
N GLN B 254 0.67 38.94 26.32
CA GLN B 254 1.64 39.93 26.76
C GLN B 254 1.86 39.76 28.26
N GLU B 255 0.77 39.55 29.00
CA GLU B 255 0.86 39.32 30.43
C GLU B 255 1.71 38.10 30.82
N GLU B 256 1.51 36.96 30.12
CA GLU B 256 2.18 35.69 30.44
C GLU B 256 3.53 35.50 29.79
N GLU B 257 3.94 36.52 29.03
CA GLU B 257 5.17 36.49 28.25
C GLU B 257 6.46 35.84 28.77
N LYS B 258 6.73 35.88 30.07
CA LYS B 258 7.94 35.24 30.55
C LYS B 258 7.62 34.06 31.45
N ASN B 259 6.38 33.58 31.35
CA ASN B 259 5.92 32.42 32.11
C ASN B 259 6.17 31.22 31.18
N PRO B 260 7.28 30.49 31.36
CA PRO B 260 7.63 29.35 30.50
C PRO B 260 6.58 28.24 30.38
N ASN B 261 5.64 28.24 31.30
CA ASN B 261 4.60 27.24 31.34
C ASN B 261 3.29 27.72 30.81
N THR B 262 3.24 28.90 30.23
CA THR B 262 2.00 29.42 29.72
C THR B 262 1.54 28.72 28.40
N GLU B 263 0.23 28.71 28.16
CA GLU B 263 -0.34 28.12 26.93
C GLU B 263 -0.69 29.28 26.03
N PHE B 264 -0.58 30.50 26.57
CA PHE B 264 -0.95 31.67 25.79
C PHE B 264 0.22 32.20 25.03
N TYR B 265 0.37 31.69 23.81
CA TYR B 265 1.46 32.14 22.94
C TYR B 265 0.93 32.08 21.53
N LEU B 266 1.65 32.73 20.63
CA LEU B 266 1.23 32.87 19.24
C LEU B 266 0.62 31.63 18.58
N LYS B 267 1.32 30.49 18.68
CA LYS B 267 0.81 29.29 18.01
C LYS B 267 -0.60 28.91 18.51
N ASN B 268 -0.86 28.96 19.81
CA ASN B 268 -2.19 28.64 20.30
C ASN B 268 -3.21 29.68 19.92
N LEU B 269 -2.78 30.91 19.74
CA LEU B 269 -3.70 31.98 19.36
C LEU B 269 -4.20 31.69 17.95
N VAL B 270 -3.25 31.46 17.04
CA VAL B 270 -3.60 31.20 15.66
C VAL B 270 -4.46 29.96 15.52
N MET B 271 -4.05 28.85 16.15
CA MET B 271 -4.83 27.61 16.03
C MET B 271 -6.20 27.67 16.69
N THR B 272 -6.31 28.39 17.81
CA THR B 272 -7.59 28.51 18.48
C THR B 272 -8.51 29.38 17.66
N THR B 273 -7.98 30.42 17.04
CA THR B 273 -8.84 31.30 16.25
C THR B 273 -9.31 30.56 14.99
N LEU B 274 -8.40 29.76 14.43
CA LEU B 274 -8.72 28.96 13.25
C LEU B 274 -9.82 27.96 13.66
N ASN B 275 -9.69 27.36 14.85
CA ASN B 275 -10.71 26.41 15.37
C ASN B 275 -12.10 27.05 15.42
N LEU B 276 -12.13 28.26 15.97
CA LEU B 276 -13.38 29.00 16.10
C LEU B 276 -13.93 29.51 14.76
N PHE B 277 -13.05 29.99 13.89
CA PHE B 277 -13.49 30.52 12.60
C PHE B 277 -14.11 29.39 11.76
N ILE B 278 -13.41 28.27 11.69
CA ILE B 278 -13.92 27.13 10.91
C ILE B 278 -15.08 26.47 11.58
N GLY B 279 -14.90 26.10 12.84
CA GLY B 279 -15.93 25.45 13.61
C GLY B 279 -17.20 26.27 13.74
N GLY B 280 -17.05 27.59 13.86
CA GLY B 280 -18.22 28.46 13.95
C GLY B 280 -18.88 28.74 12.61
N THR B 281 -18.30 28.22 11.54
CA THR B 281 -18.88 28.42 10.22
C THR B 281 -19.50 27.17 9.56
N GLU B 282 -18.70 26.16 9.30
CA GLU B 282 -19.18 25.05 8.51
C GLU B 282 -20.29 24.14 8.95
N THR B 283 -20.36 23.80 10.24
CA THR B 283 -21.41 22.85 10.62
C THR B 283 -22.80 23.50 10.65
N VAL B 284 -22.85 24.75 11.08
CA VAL B 284 -24.16 25.44 11.15
C VAL B 284 -24.63 25.61 9.70
N SER B 285 -23.72 26.07 8.85
CA SER B 285 -24.02 26.24 7.42
C SER B 285 -24.56 24.96 6.82
N THR B 286 -23.88 23.84 7.08
CA THR B 286 -24.33 22.56 6.52
C THR B 286 -25.72 22.20 7.05
N THR B 287 -25.92 22.40 8.36
CA THR B 287 -27.21 22.12 8.98
C THR B 287 -28.37 22.92 8.34
N LEU B 288 -28.17 24.21 8.15
CA LEU B 288 -29.19 25.06 7.50
C LEU B 288 -29.45 24.51 6.09
N ARG B 289 -28.37 24.25 5.33
CA ARG B 289 -28.54 23.76 3.94
C ARG B 289 -29.33 22.44 3.96
N TYR B 290 -28.98 21.51 4.84
CA TYR B 290 -29.75 20.28 4.91
C TYR B 290 -31.19 20.59 5.31
N GLY B 291 -31.39 21.54 6.25
CA GLY B 291 -32.73 21.84 6.73
C GLY B 291 -33.73 22.30 5.67
N PHE B 292 -33.32 23.28 4.88
CA PHE B 292 -34.16 23.77 3.82
C PHE B 292 -34.50 22.65 2.83
N LEU B 293 -33.55 21.79 2.51
CA LEU B 293 -33.86 20.70 1.58
C LEU B 293 -34.96 19.80 2.22
N LEU B 294 -34.80 19.53 3.53
CA LEU B 294 -35.77 18.72 4.26
C LEU B 294 -37.14 19.35 4.25
N LEU B 295 -37.18 20.68 4.33
CA LEU B 295 -38.46 21.35 4.37
C LEU B 295 -39.11 21.31 2.98
N MET B 296 -38.30 21.35 1.92
CA MET B 296 -38.93 21.30 0.60
C MET B 296 -39.48 19.93 0.35
N LYS B 297 -38.80 18.92 0.91
CA LYS B 297 -39.24 17.53 0.79
C LYS B 297 -40.53 17.31 1.61
N HIS B 298 -40.75 18.10 2.67
CA HIS B 298 -41.95 17.93 3.50
C HIS B 298 -42.73 19.21 3.59
N PRO B 299 -43.40 19.60 2.51
CA PRO B 299 -44.21 20.83 2.44
C PRO B 299 -45.22 20.98 3.59
N GLU B 300 -45.75 19.88 4.09
CA GLU B 300 -46.71 19.98 5.19
C GLU B 300 -46.04 20.52 6.46
N VAL B 301 -44.77 20.14 6.66
CA VAL B 301 -44.02 20.65 7.82
C VAL B 301 -43.82 22.17 7.68
N GLU B 302 -43.44 22.59 6.48
CA GLU B 302 -43.26 24.01 6.20
C GLU B 302 -44.55 24.81 6.52
N ALA B 303 -45.70 24.24 6.17
CA ALA B 303 -46.95 24.94 6.40
C ALA B 303 -47.21 25.16 7.89
N LYS B 304 -46.93 24.14 8.70
CA LYS B 304 -47.13 24.28 10.14
C LYS B 304 -46.13 25.28 10.71
N VAL B 305 -44.90 25.28 10.20
CA VAL B 305 -43.89 26.24 10.62
C VAL B 305 -44.46 27.65 10.30
N HIS B 306 -44.98 27.81 9.10
CA HIS B 306 -45.56 29.10 8.72
C HIS B 306 -46.72 29.53 9.65
N GLU B 307 -47.64 28.62 9.95
CA GLU B 307 -48.77 28.94 10.85
C GLU B 307 -48.28 29.43 12.21
N GLU B 308 -47.26 28.75 12.75
CA GLU B 308 -46.76 29.11 14.07
C GLU B 308 -46.01 30.42 14.06
N ILE B 309 -45.21 30.67 13.03
CA ILE B 309 -44.46 31.91 13.00
C ILE B 309 -45.43 33.06 12.87
N ASP B 310 -46.36 32.93 11.96
CA ASP B 310 -47.30 34.03 11.72
C ASP B 310 -48.09 34.39 12.97
N ARG B 311 -48.54 33.36 13.70
CA ARG B 311 -49.32 33.55 14.94
C ARG B 311 -48.52 34.06 16.14
N VAL B 312 -47.33 33.51 16.37
CA VAL B 312 -46.51 33.97 17.52
C VAL B 312 -45.68 35.19 17.27
N ILE B 313 -45.06 35.28 16.10
CA ILE B 313 -44.19 36.42 15.83
C ILE B 313 -44.83 37.55 15.00
N GLY B 314 -45.63 37.15 14.00
CA GLY B 314 -46.28 38.14 13.15
C GLY B 314 -45.38 38.67 12.06
N LYS B 315 -45.65 39.91 11.62
CA LYS B 315 -44.87 40.48 10.55
C LYS B 315 -44.24 41.84 10.86
N ASN B 316 -44.40 42.37 12.08
CA ASN B 316 -43.79 43.67 12.37
C ASN B 316 -42.50 43.66 13.18
N ARG B 317 -41.90 42.48 13.31
CA ARG B 317 -40.61 42.40 14.01
C ARG B 317 -39.90 41.11 13.58
N GLN B 318 -38.61 41.06 13.81
CA GLN B 318 -37.84 39.86 13.47
C GLN B 318 -37.93 38.89 14.64
N PRO B 319 -37.68 37.60 14.39
CA PRO B 319 -37.74 36.61 15.49
C PRO B 319 -36.63 37.00 16.48
N LYS B 320 -36.82 36.62 17.75
CA LYS B 320 -35.87 36.88 18.82
C LYS B 320 -35.71 35.51 19.51
N PHE B 321 -34.59 35.24 20.13
CA PHE B 321 -34.37 33.90 20.71
C PHE B 321 -35.41 33.50 21.76
N GLU B 322 -35.89 34.44 22.56
CA GLU B 322 -36.92 34.04 23.54
C GLU B 322 -38.25 33.55 22.93
N ASP B 323 -38.45 33.73 21.62
CA ASP B 323 -39.70 33.27 20.99
C ASP B 323 -39.77 31.75 20.96
N ARG B 324 -38.60 31.12 21.11
CA ARG B 324 -38.56 29.68 21.06
C ARG B 324 -39.51 29.08 22.10
N ALA B 325 -39.57 29.68 23.27
CA ALA B 325 -40.47 29.20 24.34
C ALA B 325 -41.91 29.11 23.84
N LYS B 326 -42.29 30.00 22.94
CA LYS B 326 -43.65 29.97 22.45
C LYS B 326 -43.83 29.27 21.09
N MET B 327 -42.78 28.59 20.62
CA MET B 327 -42.82 27.92 19.34
C MET B 327 -42.32 26.50 19.39
N PRO B 328 -43.09 25.63 20.06
CA PRO B 328 -42.75 24.22 20.18
C PRO B 328 -42.63 23.54 18.81
N TYR B 329 -43.41 23.97 17.82
CA TYR B 329 -43.30 23.31 16.50
C TYR B 329 -41.97 23.66 15.82
N MET B 330 -41.58 24.93 15.84
CA MET B 330 -40.33 25.30 15.22
C MET B 330 -39.19 24.55 15.93
N GLU B 331 -39.26 24.49 17.26
CA GLU B 331 -38.22 23.81 18.05
C GLU B 331 -38.09 22.32 17.69
N ALA B 332 -39.24 21.68 17.49
CA ALA B 332 -39.27 20.27 17.14
C ALA B 332 -38.67 20.09 15.73
N VAL B 333 -38.98 21.02 14.85
CA VAL B 333 -38.49 20.94 13.49
C VAL B 333 -36.96 21.13 13.49
N ILE B 334 -36.44 22.07 14.30
CA ILE B 334 -35.00 22.29 14.24
C ILE B 334 -34.27 21.11 14.85
N HIS B 335 -34.80 20.60 15.94
CA HIS B 335 -34.24 19.42 16.57
C HIS B 335 -34.27 18.26 15.60
N GLU B 336 -35.38 18.09 14.88
CA GLU B 336 -35.47 16.98 13.95
C GLU B 336 -34.51 17.15 12.78
N ILE B 337 -34.29 18.40 12.37
CA ILE B 337 -33.35 18.66 11.29
C ILE B 337 -31.93 18.21 11.79
N GLN B 338 -31.62 18.54 13.04
CA GLN B 338 -30.30 18.15 13.52
C GLN B 338 -30.23 16.65 13.71
N ARG B 339 -31.35 16.03 14.06
CA ARG B 339 -31.31 14.59 14.28
C ARG B 339 -31.12 13.85 12.96
N PHE B 340 -31.95 14.20 12.00
CA PHE B 340 -31.91 13.58 10.68
C PHE B 340 -30.59 13.91 9.95
N GLY B 341 -30.16 15.17 10.03
CA GLY B 341 -28.93 15.62 9.39
C GLY B 341 -27.66 14.92 9.86
N ASP B 342 -27.58 14.61 11.14
CA ASP B 342 -26.47 13.86 11.72
C ASP B 342 -25.17 14.35 11.12
N VAL B 343 -24.99 15.67 11.23
CA VAL B 343 -23.88 16.36 10.63
C VAL B 343 -22.44 15.91 11.00
N ILE B 344 -22.18 15.47 12.23
CA ILE B 344 -20.84 14.96 12.63
C ILE B 344 -21.27 13.60 13.16
N PRO B 345 -21.50 12.64 12.25
CA PRO B 345 -21.97 11.32 12.66
C PRO B 345 -21.17 10.45 13.61
N MET B 346 -19.87 10.67 13.67
CA MET B 346 -19.05 9.89 14.60
C MET B 346 -18.35 10.84 15.58
N SER B 347 -18.94 12.03 15.75
CA SER B 347 -18.37 13.02 16.66
C SER B 347 -16.93 13.29 16.28
N LEU B 348 -16.20 13.83 17.25
CA LEU B 348 -14.76 14.01 17.16
C LEU B 348 -14.25 12.93 18.16
N ALA B 349 -13.24 12.18 17.75
CA ALA B 349 -12.76 11.09 18.60
C ALA B 349 -12.38 11.51 20.02
N ARG B 350 -12.68 10.61 20.97
CA ARG B 350 -12.30 10.82 22.36
C ARG B 350 -11.16 9.80 22.56
N ARG B 351 -10.62 9.76 23.78
CA ARG B 351 -9.49 8.88 24.15
C ARG B 351 -9.52 8.72 25.68
N VAL B 352 -9.22 7.53 26.22
CA VAL B 352 -9.23 7.43 27.69
C VAL B 352 -7.94 7.94 28.30
N LYS B 353 -8.10 8.74 29.35
CA LYS B 353 -6.99 9.37 30.05
C LYS B 353 -6.16 8.38 30.86
N LYS B 354 -6.72 7.23 31.22
CA LYS B 354 -6.03 6.19 32.01
C LYS B 354 -6.62 4.82 31.68
N ASP B 355 -6.03 3.74 32.19
CA ASP B 355 -6.58 2.39 31.96
C ASP B 355 -8.00 2.50 32.49
N THR B 356 -8.98 2.03 31.74
CA THR B 356 -10.37 2.18 32.17
C THR B 356 -11.17 0.90 32.07
N LYS B 357 -12.01 0.64 33.07
CA LYS B 357 -12.88 -0.52 33.04
C LYS B 357 -14.20 0.03 32.50
N PHE B 358 -14.67 -0.44 31.38
CA PHE B 358 -15.93 0.10 30.89
C PHE B 358 -16.79 -1.11 30.72
N ARG B 359 -17.91 -1.15 31.43
CA ARG B 359 -18.78 -2.33 31.42
C ARG B 359 -17.86 -3.49 31.83
N ASP B 360 -17.80 -4.54 31.04
CA ASP B 360 -16.89 -5.63 31.42
C ASP B 360 -15.73 -5.74 30.44
N PHE B 361 -15.22 -4.58 30.03
CA PHE B 361 -14.11 -4.45 29.09
C PHE B 361 -13.05 -3.60 29.78
N PHE B 362 -11.83 -3.70 29.27
CA PHE B 362 -10.71 -2.94 29.82
C PHE B 362 -10.14 -2.10 28.66
N LEU B 363 -10.01 -0.81 28.89
CA LEU B 363 -9.46 0.07 27.86
C LEU B 363 -8.20 0.68 28.40
N PRO B 364 -7.04 0.27 27.87
CA PRO B 364 -5.81 0.85 28.38
C PRO B 364 -5.67 2.34 28.10
N LYS B 365 -4.87 3.00 28.92
CA LYS B 365 -4.62 4.42 28.82
C LYS B 365 -4.27 4.77 27.39
N GLY B 366 -4.89 5.84 26.88
CA GLY B 366 -4.64 6.30 25.51
C GLY B 366 -5.46 5.68 24.38
N THR B 367 -6.30 4.71 24.69
CA THR B 367 -7.14 4.04 23.69
C THR B 367 -8.13 5.08 23.12
N GLU B 368 -8.15 5.24 21.80
CA GLU B 368 -9.11 6.16 21.16
C GLU B 368 -10.51 5.57 21.22
N VAL B 369 -11.52 6.45 21.18
CA VAL B 369 -12.92 6.05 21.29
C VAL B 369 -13.74 6.82 20.27
N TYR B 370 -14.56 6.08 19.51
CA TYR B 370 -15.44 6.65 18.50
C TYR B 370 -16.87 6.61 19.02
N PRO B 371 -17.42 7.79 19.46
CA PRO B 371 -18.79 7.86 20.00
C PRO B 371 -19.64 8.02 18.76
N MET B 372 -20.34 6.97 18.39
CA MET B 372 -21.14 7.04 17.19
C MET B 372 -22.44 7.82 17.38
N LEU B 373 -22.36 9.14 17.32
CA LEU B 373 -23.52 10.02 17.51
C LEU B 373 -24.70 9.67 16.62
N GLY B 374 -24.42 9.37 15.36
CA GLY B 374 -25.50 9.03 14.47
C GLY B 374 -26.38 7.88 14.92
N SER B 375 -25.78 6.89 15.59
CA SER B 375 -26.46 5.68 16.08
C SER B 375 -27.27 6.01 17.33
N VAL B 376 -27.05 7.20 17.88
CA VAL B 376 -27.78 7.66 19.06
C VAL B 376 -28.93 8.48 18.49
N LEU B 377 -28.67 9.33 17.50
CA LEU B 377 -29.73 10.14 16.88
C LEU B 377 -30.76 9.22 16.21
N ARG B 378 -30.36 8.02 15.83
CA ARG B 378 -31.32 7.08 15.20
C ARG B 378 -31.59 5.86 16.10
N ASP B 379 -31.36 5.98 17.40
CA ASP B 379 -31.57 4.85 18.30
C ASP B 379 -33.06 4.52 18.31
N PRO B 380 -33.44 3.35 17.75
CA PRO B 380 -34.83 2.89 17.68
C PRO B 380 -35.58 2.89 19.00
N SER B 381 -34.86 2.88 20.12
CA SER B 381 -35.50 2.94 21.42
C SER B 381 -35.82 4.37 21.86
N PHE B 382 -35.49 5.35 21.04
CA PHE B 382 -35.77 6.72 21.42
C PHE B 382 -36.52 7.49 20.36
N PHE B 383 -36.64 6.88 19.16
CA PHE B 383 -37.34 7.52 18.06
C PHE B 383 -38.18 6.48 17.31
N SER B 384 -39.49 6.69 17.22
CA SER B 384 -40.37 5.71 16.57
C SER B 384 -39.97 5.33 15.15
N ASN B 385 -39.57 6.30 14.34
CA ASN B 385 -39.17 6.05 12.95
C ASN B 385 -37.86 6.76 12.69
N PRO B 386 -36.77 6.27 13.28
CA PRO B 386 -35.46 6.90 13.11
C PRO B 386 -35.00 7.23 11.69
N GLN B 387 -35.48 6.46 10.72
CA GLN B 387 -35.08 6.66 9.34
C GLN B 387 -35.89 7.75 8.66
N ASP B 388 -36.99 8.18 9.29
CA ASP B 388 -37.82 9.21 8.69
C ASP B 388 -37.52 10.58 9.23
N PHE B 389 -37.84 11.60 8.44
CA PHE B 389 -37.74 12.96 8.90
C PHE B 389 -39.17 13.22 9.45
N ASN B 390 -39.30 13.36 10.77
CA ASN B 390 -40.59 13.58 11.39
C ASN B 390 -40.48 14.41 12.68
N PRO B 391 -40.89 15.68 12.66
CA PRO B 391 -40.84 16.57 13.83
C PRO B 391 -41.62 16.04 15.04
N GLN B 392 -42.53 15.07 14.82
CA GLN B 392 -43.29 14.51 15.94
C GLN B 392 -42.33 13.74 16.85
N HIS B 393 -41.09 13.50 16.38
CA HIS B 393 -40.13 12.82 17.22
C HIS B 393 -39.83 13.70 18.45
N PHE B 394 -40.11 15.01 18.34
CA PHE B 394 -39.86 15.97 19.43
C PHE B 394 -41.11 16.70 19.91
N LEU B 395 -42.24 16.01 19.82
CA LEU B 395 -43.52 16.59 20.25
C LEU B 395 -44.31 15.55 21.04
N ASN B 396 -45.11 15.95 22.05
CA ASN B 396 -45.95 14.93 22.75
C ASN B 396 -47.30 15.02 22.01
N GLU B 397 -48.31 14.24 22.41
CA GLU B 397 -49.59 14.33 21.67
C GLU B 397 -50.32 15.67 21.80
N LYS B 398 -49.88 16.54 22.70
CA LYS B 398 -50.50 17.84 22.88
C LYS B 398 -49.83 18.91 22.04
N GLY B 399 -48.83 18.50 21.25
CA GLY B 399 -48.12 19.47 20.43
C GLY B 399 -47.10 20.29 21.22
N GLN B 400 -46.74 19.83 22.41
CA GLN B 400 -45.74 20.53 23.23
C GLN B 400 -44.37 19.89 22.93
N PHE B 401 -43.30 20.69 22.99
CA PHE B 401 -41.93 20.20 22.77
C PHE B 401 -41.54 19.09 23.76
N LYS B 402 -40.94 18.02 23.26
CA LYS B 402 -40.55 16.88 24.10
C LYS B 402 -39.05 16.58 23.87
N LYS B 403 -38.26 16.79 24.92
CA LYS B 403 -36.81 16.60 24.89
C LYS B 403 -36.51 15.15 24.80
N SER B 404 -35.28 14.83 24.37
CA SER B 404 -34.88 13.44 24.28
C SER B 404 -33.45 13.23 24.77
N ASP B 405 -33.20 12.17 25.53
CA ASP B 405 -31.83 11.91 25.99
C ASP B 405 -30.97 11.50 24.79
N ALA B 406 -31.59 11.07 23.69
CA ALA B 406 -30.82 10.68 22.52
C ALA B 406 -30.49 11.84 21.57
N PHE B 407 -30.91 13.06 21.92
CA PHE B 407 -30.60 14.23 21.10
C PHE B 407 -29.17 14.65 21.47
N VAL B 408 -28.19 14.16 20.72
CA VAL B 408 -26.79 14.47 21.02
C VAL B 408 -25.96 14.95 19.83
N PRO B 409 -26.50 15.84 18.97
CA PRO B 409 -25.73 16.30 17.80
C PRO B 409 -24.48 17.09 18.17
N PHE B 410 -24.45 17.63 19.41
CA PHE B 410 -23.31 18.42 19.95
C PHE B 410 -22.42 17.55 20.86
N SER B 411 -22.73 16.27 20.87
CA SER B 411 -22.11 15.27 21.70
C SER B 411 -22.48 15.62 23.15
N ILE B 412 -21.81 14.99 24.11
CA ILE B 412 -22.07 15.17 25.55
C ILE B 412 -20.77 14.93 26.32
N GLY B 413 -20.73 15.33 27.59
CA GLY B 413 -19.54 15.08 28.34
C GLY B 413 -18.61 16.25 28.50
N LYS B 414 -17.41 15.97 29.00
CA LYS B 414 -16.44 17.01 29.30
C LYS B 414 -15.85 17.79 28.14
N ARG B 415 -15.81 17.17 26.98
CA ARG B 415 -15.26 17.90 25.84
C ARG B 415 -16.37 18.15 24.82
N ASN B 416 -17.61 18.31 25.29
CA ASN B 416 -18.73 18.56 24.38
C ASN B 416 -18.57 19.90 23.66
N CYS B 417 -19.39 20.11 22.64
CA CYS B 417 -19.28 21.34 21.89
C CYS B 417 -19.61 22.56 22.77
N PHE B 418 -18.66 23.48 22.99
CA PHE B 418 -18.98 24.67 23.77
C PHE B 418 -19.49 25.77 22.80
N GLY B 419 -19.65 25.42 21.52
CA GLY B 419 -20.21 26.40 20.59
C GLY B 419 -21.70 26.13 20.48
N GLU B 420 -22.20 25.15 21.26
CA GLU B 420 -23.62 24.76 21.20
C GLU B 420 -24.61 25.93 21.41
N GLY B 421 -24.33 26.78 22.40
CA GLY B 421 -25.21 27.92 22.67
C GLY B 421 -25.34 28.82 21.44
N LEU B 422 -24.20 29.20 20.88
CA LEU B 422 -24.17 30.05 19.69
C LEU B 422 -24.85 29.39 18.51
N ALA B 423 -24.56 28.11 18.33
CA ALA B 423 -25.15 27.35 17.25
C ALA B 423 -26.69 27.31 17.31
N ARG B 424 -27.24 26.95 18.48
CA ARG B 424 -28.67 26.84 18.67
C ARG B 424 -29.34 28.19 18.41
N MET B 425 -28.71 29.28 18.85
CA MET B 425 -29.28 30.61 18.62
C MET B 425 -29.25 30.93 17.09
N GLU B 426 -28.16 30.59 16.42
CA GLU B 426 -28.07 30.82 14.98
C GLU B 426 -29.12 29.99 14.27
N LEU B 427 -29.20 28.72 14.60
CA LEU B 427 -30.16 27.90 13.92
C LEU B 427 -31.60 28.42 14.08
N PHE B 428 -31.96 28.74 15.32
CA PHE B 428 -33.33 29.22 15.54
C PHE B 428 -33.60 30.56 14.81
N LEU B 429 -32.70 31.53 14.94
CA LEU B 429 -32.93 32.82 14.32
C LEU B 429 -32.83 32.79 12.77
N PHE B 430 -31.88 32.03 12.22
CA PHE B 430 -31.76 31.94 10.76
C PHE B 430 -32.92 31.17 10.15
N PHE B 431 -33.26 29.98 10.70
CA PHE B 431 -34.38 29.22 10.17
C PHE B 431 -35.69 30.00 10.27
N THR B 432 -35.95 30.58 11.42
CA THR B 432 -37.22 31.29 11.58
C THR B 432 -37.29 32.59 10.78
N THR B 433 -36.21 33.36 10.75
CA THR B 433 -36.26 34.59 10.00
C THR B 433 -36.48 34.32 8.47
N VAL B 434 -35.78 33.33 7.93
CA VAL B 434 -35.96 32.99 6.54
C VAL B 434 -37.38 32.52 6.25
N MET B 435 -37.93 31.67 7.11
CA MET B 435 -39.26 31.15 6.85
C MET B 435 -40.38 32.17 7.11
N GLN B 436 -40.04 33.17 7.90
CA GLN B 436 -40.98 34.23 8.17
C GLN B 436 -41.15 35.00 6.84
N ASN B 437 -40.04 35.16 6.11
CA ASN B 437 -40.04 35.92 4.87
C ASN B 437 -40.26 35.22 3.54
N PHE B 438 -40.02 33.92 3.49
CA PHE B 438 -40.13 33.22 2.22
C PHE B 438 -40.80 31.87 2.30
N ARG B 439 -41.41 31.45 1.20
CA ARG B 439 -41.92 30.10 1.12
C ARG B 439 -40.88 29.41 0.21
N LEU B 440 -40.69 28.10 0.33
CA LEU B 440 -39.63 27.47 -0.44
C LEU B 440 -40.07 26.68 -1.66
N LYS B 441 -39.43 26.92 -2.80
CA LYS B 441 -39.78 26.19 -3.99
C LYS B 441 -38.62 25.42 -4.61
N SER B 442 -38.84 24.11 -4.74
CA SER B 442 -37.86 23.17 -5.31
C SER B 442 -37.93 23.05 -6.82
N SER B 443 -36.81 22.62 -7.40
CA SER B 443 -36.71 22.40 -8.83
C SER B 443 -37.51 21.15 -9.16
N GLN B 444 -37.48 20.17 -8.25
CA GLN B 444 -38.21 18.93 -8.49
C GLN B 444 -39.43 18.80 -7.60
N SER B 445 -40.13 17.68 -7.75
CA SER B 445 -41.33 17.42 -6.96
C SER B 445 -40.96 16.73 -5.66
N PRO B 446 -41.64 17.10 -4.55
CA PRO B 446 -41.34 16.50 -3.26
C PRO B 446 -40.87 15.04 -3.30
N LYS B 447 -41.59 14.19 -4.02
CA LYS B 447 -41.23 12.77 -4.12
C LYS B 447 -39.86 12.56 -4.76
N ASP B 448 -39.48 13.42 -5.71
CA ASP B 448 -38.18 13.23 -6.37
C ASP B 448 -36.97 13.74 -5.61
N ILE B 449 -37.22 14.47 -4.53
CA ILE B 449 -36.09 15.03 -3.76
C ILE B 449 -35.40 13.96 -2.95
N ASP B 450 -34.08 13.86 -3.14
CA ASP B 450 -33.26 12.86 -2.43
C ASP B 450 -32.57 13.54 -1.25
N VAL B 451 -32.98 13.21 -0.03
CA VAL B 451 -32.35 13.80 1.15
C VAL B 451 -31.30 12.86 1.79
N SER B 452 -30.95 11.78 1.08
CA SER B 452 -29.92 10.87 1.59
C SER B 452 -28.63 11.69 1.42
N PRO B 453 -27.63 11.47 2.28
CA PRO B 453 -26.42 12.30 2.06
C PRO B 453 -25.54 11.99 0.82
N LYS B 454 -24.78 12.97 0.37
CA LYS B 454 -23.88 12.76 -0.75
C LYS B 454 -22.58 12.06 -0.26
N HIS B 455 -22.07 12.48 0.90
CA HIS B 455 -20.85 11.91 1.49
C HIS B 455 -21.10 11.82 2.98
N VAL B 456 -20.61 10.74 3.59
CA VAL B 456 -20.66 10.52 5.03
C VAL B 456 -19.26 10.03 5.46
N GLY B 457 -18.62 10.75 6.37
CA GLY B 457 -17.31 10.36 6.84
C GLY B 457 -17.16 11.15 8.11
N PHE B 458 -16.23 12.11 8.14
CA PHE B 458 -16.10 12.92 9.33
C PHE B 458 -17.42 13.67 9.48
N ALA B 459 -18.00 14.07 8.34
CA ALA B 459 -19.28 14.80 8.35
C ALA B 459 -20.25 14.12 7.43
N THR B 460 -21.50 14.59 7.48
CA THR B 460 -22.57 14.10 6.62
C THR B 460 -22.81 15.36 5.79
N ILE B 461 -22.67 15.25 4.46
CA ILE B 461 -22.81 16.40 3.53
C ILE B 461 -24.03 16.12 2.62
N PRO B 462 -24.99 17.03 2.60
CA PRO B 462 -26.18 16.83 1.76
C PRO B 462 -25.86 16.98 0.28
N ARG B 463 -26.72 16.40 -0.54
CA ARG B 463 -26.61 16.48 -2.00
C ARG B 463 -26.72 17.93 -2.47
N ASN B 464 -25.98 18.28 -3.52
CA ASN B 464 -26.03 19.64 -4.08
C ASN B 464 -27.42 19.77 -4.67
N TYR B 465 -27.97 20.97 -4.57
CA TYR B 465 -29.32 21.23 -5.07
C TYR B 465 -29.52 22.73 -5.26
N THR B 466 -30.61 23.12 -5.92
CA THR B 466 -30.94 24.53 -6.14
C THR B 466 -32.38 24.65 -5.72
N MET B 467 -32.77 25.89 -5.39
CA MET B 467 -34.10 26.15 -4.92
C MET B 467 -34.40 27.64 -5.11
N SER B 468 -35.69 27.98 -4.97
CA SER B 468 -36.19 29.36 -5.08
C SER B 468 -36.79 29.86 -3.78
N PHE B 469 -36.54 31.11 -3.44
CA PHE B 469 -37.13 31.71 -2.25
C PHE B 469 -38.19 32.72 -2.69
N LEU B 470 -39.43 32.35 -2.53
CA LEU B 470 -40.53 33.22 -2.94
C LEU B 470 -41.17 33.97 -1.77
N PRO B 471 -41.45 35.28 -1.95
CA PRO B 471 -42.07 36.08 -0.89
C PRO B 471 -43.35 35.41 -0.43
N ARG B 472 -43.66 35.54 0.85
CA ARG B 472 -44.87 34.96 1.44
C ARG B 472 -46.05 35.78 0.92
N GLY C 9 21.04 27.04 -1.82
CA GLY C 9 20.02 26.62 -0.76
C GLY C 9 20.53 26.80 0.66
N LYS C 10 19.64 26.73 1.62
CA LYS C 10 20.14 26.95 2.94
C LYS C 10 20.59 25.66 3.63
N LEU C 11 19.83 24.55 3.53
CA LEU C 11 20.27 23.30 4.17
C LEU C 11 21.52 22.76 3.48
N PRO C 12 22.35 21.98 4.19
CA PRO C 12 23.56 21.40 3.57
C PRO C 12 23.09 20.58 2.32
N PRO C 13 23.98 20.43 1.29
CA PRO C 13 23.68 19.70 0.06
C PRO C 13 23.53 18.22 0.39
N GLY C 14 22.93 17.50 -0.50
CA GLY C 14 22.79 16.06 -0.30
C GLY C 14 22.06 15.40 -1.44
N PRO C 15 22.01 14.06 -1.47
CA PRO C 15 21.32 13.40 -2.57
C PRO C 15 19.81 13.71 -2.57
N THR C 16 19.24 13.86 -3.77
CA THR C 16 17.83 14.17 -3.87
C THR C 16 16.98 13.01 -3.32
N PRO C 17 16.06 13.29 -2.40
CA PRO C 17 15.25 12.20 -1.85
C PRO C 17 13.96 12.02 -2.63
N LEU C 18 13.25 10.91 -2.34
CA LEU C 18 11.95 10.68 -2.91
C LEU C 18 10.95 10.75 -1.76
N PRO C 19 9.70 11.08 -2.06
CA PRO C 19 8.66 11.15 -1.03
C PRO C 19 8.59 9.85 -0.19
N PHE C 20 8.47 10.03 1.12
CA PHE C 20 8.37 8.98 2.14
C PHE C 20 9.62 8.13 2.32
N ILE C 21 10.15 7.51 1.25
CA ILE C 21 11.36 6.70 1.43
C ILE C 21 12.66 7.54 1.62
N GLY C 22 12.56 8.82 1.37
CA GLY C 22 13.73 9.67 1.56
C GLY C 22 14.88 9.26 0.67
N ASN C 23 16.05 9.05 1.27
CA ASN C 23 17.25 8.64 0.53
C ASN C 23 17.50 7.17 0.62
N TYR C 24 16.43 6.41 0.82
CA TYR C 24 16.55 4.96 0.89
C TYR C 24 17.39 4.38 -0.24
N LEU C 25 17.26 4.95 -1.44
CA LEU C 25 17.99 4.39 -2.60
C LEU C 25 19.52 4.56 -2.55
N GLN C 26 19.98 5.54 -1.78
CA GLN C 26 21.44 5.74 -1.61
C GLN C 26 21.95 5.14 -0.27
N LEU C 27 21.12 4.40 0.43
CA LEU C 27 21.54 3.88 1.72
C LEU C 27 21.43 2.39 1.85
N ASN C 28 22.52 1.75 2.25
CA ASN C 28 22.50 0.31 2.48
C ASN C 28 22.31 0.21 3.98
N THR C 29 21.15 -0.23 4.46
CA THR C 29 20.91 -0.26 5.90
C THR C 29 21.77 -1.23 6.71
N GLU C 30 22.39 -2.20 6.06
CA GLU C 30 23.31 -3.12 6.79
C GLU C 30 24.65 -2.41 7.09
N GLN C 31 24.90 -1.34 6.34
CA GLN C 31 26.16 -0.57 6.48
C GLN C 31 25.85 0.93 6.40
N MET C 32 25.06 1.44 7.33
CA MET C 32 24.68 2.86 7.34
C MET C 32 25.94 3.76 7.39
N TYR C 33 26.90 3.38 8.23
CA TYR C 33 28.13 4.18 8.33
C TYR C 33 28.82 4.29 6.99
N ASN C 34 29.13 3.15 6.38
CA ASN C 34 29.77 3.20 5.07
C ASN C 34 28.91 3.90 4.03
N SER C 35 27.59 3.69 4.06
CA SER C 35 26.75 4.40 3.09
C SER C 35 26.89 5.95 3.26
N LEU C 36 26.80 6.40 4.51
CA LEU C 36 26.85 7.85 4.79
C LEU C 36 28.25 8.39 4.42
N MET C 37 29.29 7.64 4.67
CA MET C 37 30.64 8.10 4.30
C MET C 37 30.79 8.17 2.80
N LYS C 38 30.15 7.25 2.07
CA LYS C 38 30.20 7.27 0.62
C LYS C 38 29.48 8.51 0.11
N ILE C 39 28.41 8.88 0.80
CA ILE C 39 27.72 10.09 0.36
C ILE C 39 28.59 11.32 0.73
N SER C 40 29.25 11.26 1.87
CA SER C 40 30.11 12.37 2.28
C SER C 40 31.27 12.54 1.27
N GLU C 41 31.73 11.45 0.68
CA GLU C 41 32.81 11.51 -0.31
C GLU C 41 32.39 12.30 -1.55
N ARG C 42 31.09 12.32 -1.83
CA ARG C 42 30.62 13.04 -2.99
C ARG C 42 30.13 14.46 -2.70
N TYR C 43 29.50 14.68 -1.56
CA TYR C 43 28.93 15.96 -1.18
C TYR C 43 29.72 16.81 -0.17
N GLY C 44 30.64 16.23 0.58
CA GLY C 44 31.33 17.04 1.57
C GLY C 44 31.13 16.52 2.96
N PRO C 45 31.80 17.11 3.95
CA PRO C 45 31.70 16.67 5.35
C PRO C 45 30.38 17.00 6.04
N VAL C 46 29.59 17.92 5.49
CA VAL C 46 28.32 18.30 6.12
C VAL C 46 27.27 18.21 5.06
N PHE C 47 26.31 17.29 5.26
CA PHE C 47 25.33 17.05 4.21
C PHE C 47 23.98 16.64 4.82
N THR C 48 22.94 16.77 4.01
CA THR C 48 21.59 16.46 4.48
C THR C 48 21.18 15.08 3.95
N ILE C 49 20.59 14.23 4.80
CA ILE C 49 20.14 12.89 4.32
C ILE C 49 18.71 12.74 4.85
N HIS C 50 17.90 11.92 4.18
CA HIS C 50 16.51 11.72 4.62
C HIS C 50 16.35 10.23 4.97
N LEU C 51 16.29 9.93 6.27
CA LEU C 51 16.18 8.53 6.77
C LEU C 51 14.66 8.35 6.70
N GLY C 52 14.19 7.94 5.52
CA GLY C 52 12.73 7.90 5.32
C GLY C 52 12.29 9.35 5.42
N PRO C 53 11.27 9.68 6.20
CA PRO C 53 10.81 11.08 6.31
C PRO C 53 11.58 11.96 7.32
N ARG C 54 12.51 11.36 8.03
CA ARG C 54 13.30 12.05 9.02
C ARG C 54 14.46 12.76 8.33
N ARG C 55 14.52 14.09 8.36
CA ARG C 55 15.60 14.84 7.71
C ARG C 55 16.75 15.00 8.73
N VAL C 56 17.97 14.66 8.32
CA VAL C 56 19.06 14.68 9.28
C VAL C 56 20.27 15.36 8.66
N VAL C 57 20.92 16.22 9.42
CA VAL C 57 22.17 16.78 8.92
C VAL C 57 23.29 15.92 9.49
N VAL C 58 24.12 15.41 8.59
CA VAL C 58 25.19 14.49 9.01
C VAL C 58 26.53 15.26 9.09
N LEU C 59 27.27 15.07 10.18
CA LEU C 59 28.59 15.74 10.33
C LEU C 59 29.71 14.69 10.31
N CYS C 60 30.66 14.83 9.37
CA CYS C 60 31.75 13.89 9.23
C CYS C 60 33.11 14.54 9.44
N GLY C 61 34.04 13.81 10.04
CA GLY C 61 35.38 14.33 10.25
C GLY C 61 35.48 15.18 11.50
N HIS C 62 36.66 15.20 12.12
CA HIS C 62 36.85 15.97 13.34
C HIS C 62 36.34 17.40 13.29
N ASP C 63 36.76 18.12 12.26
CA ASP C 63 36.41 19.53 12.21
C ASP C 63 34.91 19.83 12.25
N ALA C 64 34.16 19.13 11.41
CA ALA C 64 32.72 19.35 11.40
C ALA C 64 32.08 19.01 12.75
N VAL C 65 32.44 17.88 13.33
CA VAL C 65 31.83 17.48 14.60
C VAL C 65 32.20 18.45 15.74
N ARG C 66 33.48 18.77 15.85
CA ARG C 66 33.92 19.72 16.90
C ARG C 66 33.33 21.13 16.73
N GLU C 67 33.31 21.67 15.53
CA GLU C 67 32.73 23.00 15.32
C GLU C 67 31.26 23.08 15.71
N ALA C 68 30.51 22.01 15.42
CA ALA C 68 29.10 22.05 15.79
C ALA C 68 28.90 21.76 17.29
N LEU C 69 29.33 20.59 17.74
CA LEU C 69 29.09 20.17 19.12
C LEU C 69 29.81 20.97 20.23
N VAL C 70 30.94 21.57 19.89
CA VAL C 70 31.66 22.36 20.89
C VAL C 70 31.64 23.85 20.56
N ASP C 71 32.10 24.24 19.37
CA ASP C 71 32.09 25.69 19.09
C ASP C 71 30.70 26.29 19.06
N GLN C 72 29.68 25.50 18.68
CA GLN C 72 28.30 25.98 18.75
C GLN C 72 27.52 25.03 19.70
N ALA C 73 28.16 24.68 20.82
CA ALA C 73 27.61 23.75 21.79
C ALA C 73 26.16 23.92 22.12
N GLU C 74 25.74 25.13 22.51
CA GLU C 74 24.35 25.33 22.88
C GLU C 74 23.35 25.06 21.78
N GLU C 75 23.64 25.55 20.59
CA GLU C 75 22.73 25.38 19.47
C GLU C 75 22.59 23.90 19.07
N PHE C 76 23.66 23.11 19.25
CA PHE C 76 23.60 21.69 18.90
C PHE C 76 23.35 20.79 20.12
N SER C 77 22.83 21.37 21.21
CA SER C 77 22.65 20.63 22.46
C SER C 77 21.34 19.85 22.60
N GLY C 78 20.47 19.92 21.60
CA GLY C 78 19.21 19.17 21.65
C GLY C 78 19.50 17.68 21.46
N ARG C 79 18.56 16.82 21.87
CA ARG C 79 18.73 15.35 21.76
C ARG C 79 17.79 14.93 20.66
N GLY C 80 18.35 14.24 19.68
CA GLY C 80 17.58 13.75 18.54
C GLY C 80 16.89 12.42 18.87
N GLU C 81 16.47 11.66 17.85
CA GLU C 81 15.75 10.40 18.19
C GLU C 81 16.56 9.15 17.97
N GLN C 82 16.20 8.06 18.67
CA GLN C 82 16.77 6.75 18.35
C GLN C 82 15.43 5.99 18.48
N ALA C 83 14.84 5.69 17.34
CA ALA C 83 13.48 5.14 17.28
C ALA C 83 13.30 3.86 18.10
N THR C 84 14.29 2.96 18.04
CA THR C 84 14.13 1.73 18.82
C THR C 84 14.08 2.06 20.30
N PHE C 85 15.05 2.83 20.81
CA PHE C 85 14.98 3.18 22.20
C PHE C 85 13.81 4.07 22.53
N ASP C 86 13.45 4.95 21.60
CA ASP C 86 12.34 5.88 21.91
C ASP C 86 11.04 5.08 22.17
N TRP C 87 10.96 3.88 21.61
CA TRP C 87 9.78 3.01 21.76
C TRP C 87 9.43 2.84 23.25
N VAL C 88 10.45 2.64 24.08
CA VAL C 88 10.17 2.48 25.49
C VAL C 88 10.32 3.80 26.30
N PHE C 89 11.28 4.64 25.96
CA PHE C 89 11.49 5.84 26.75
C PHE C 89 10.46 6.98 26.55
N LYS C 90 9.99 7.17 25.31
CA LYS C 90 9.00 8.16 25.01
C LYS C 90 9.33 9.55 25.53
N GLY C 91 10.62 9.86 25.52
CA GLY C 91 11.02 11.18 25.94
C GLY C 91 11.31 11.37 27.41
N TYR C 92 11.15 10.30 28.21
CA TYR C 92 11.42 10.36 29.65
C TYR C 92 12.80 9.82 29.99
N GLY C 93 13.33 10.16 31.18
CA GLY C 93 14.64 9.67 31.55
C GLY C 93 15.72 10.66 31.14
N VAL C 94 16.94 10.40 31.56
CA VAL C 94 17.99 11.38 31.31
C VAL C 94 18.62 11.40 29.91
N VAL C 95 18.69 10.26 29.24
CA VAL C 95 19.33 10.17 27.94
C VAL C 95 18.48 10.66 26.74
N PHE C 96 17.28 10.12 26.62
CA PHE C 96 16.47 10.46 25.47
C PHE C 96 15.40 11.50 25.71
N SER C 97 15.77 12.52 26.48
CA SER C 97 14.90 13.61 26.82
C SER C 97 15.54 14.95 26.40
N ASN C 98 14.76 16.01 26.52
CA ASN C 98 15.18 17.37 26.16
C ASN C 98 14.76 18.42 27.16
N GLY C 99 15.25 19.65 26.97
CA GLY C 99 14.82 20.75 27.81
C GLY C 99 15.05 20.68 29.30
N GLU C 100 14.09 21.24 30.03
CA GLU C 100 14.12 21.29 31.49
C GLU C 100 14.23 19.87 32.06
N ARG C 101 13.54 18.92 31.45
CA ARG C 101 13.59 17.54 31.91
C ARG C 101 15.03 17.01 31.88
N ALA C 102 15.66 17.07 30.72
CA ALA C 102 17.04 16.60 30.59
C ALA C 102 18.01 17.34 31.56
N LYS C 103 17.86 18.65 31.62
CA LYS C 103 18.71 19.47 32.46
C LYS C 103 18.62 19.04 33.93
N GLN C 104 17.41 18.92 34.46
CA GLN C 104 17.29 18.52 35.88
C GLN C 104 17.76 17.09 36.14
N LEU C 105 17.39 16.18 35.26
CA LEU C 105 17.80 14.77 35.47
C LEU C 105 19.30 14.56 35.36
N ARG C 106 19.93 15.25 34.43
CA ARG C 106 21.36 15.12 34.23
C ARG C 106 22.09 15.67 35.46
N ARG C 107 21.72 16.85 35.92
CA ARG C 107 22.41 17.38 37.12
C ARG C 107 22.21 16.45 38.34
N PHE C 108 20.99 15.99 38.57
CA PHE C 108 20.78 15.09 39.69
C PHE C 108 21.55 13.81 39.50
N SER C 109 21.62 13.28 38.26
CA SER C 109 22.30 11.99 38.03
C SER C 109 23.77 12.12 38.27
N ILE C 110 24.38 13.16 37.70
CA ILE C 110 25.79 13.39 37.89
C ILE C 110 26.14 13.54 39.42
N ALA C 111 25.38 14.34 40.18
CA ALA C 111 25.73 14.53 41.58
C ALA C 111 25.48 13.25 42.35
N THR C 112 24.39 12.54 42.03
CA THR C 112 24.11 11.32 42.79
C THR C 112 25.15 10.22 42.52
N LEU C 113 25.64 10.15 41.28
CA LEU C 113 26.66 9.16 40.95
C LEU C 113 27.91 9.45 41.81
N ARG C 114 28.28 10.72 41.89
CA ARG C 114 29.41 11.15 42.74
C ARG C 114 29.15 10.76 44.22
N ASP C 115 27.94 11.00 44.72
CA ASP C 115 27.58 10.65 46.09
C ASP C 115 27.88 9.18 46.36
N PHE C 116 27.60 8.34 45.36
CA PHE C 116 27.83 6.93 45.51
C PHE C 116 29.21 6.39 45.13
N GLY C 117 30.19 7.30 44.99
CA GLY C 117 31.55 6.85 44.75
C GLY C 117 32.20 7.03 43.41
N VAL C 118 31.43 7.41 42.39
CA VAL C 118 32.02 7.57 41.06
C VAL C 118 33.11 8.64 41.07
N GLY C 119 34.28 8.27 40.56
CA GLY C 119 35.38 9.22 40.53
C GLY C 119 36.05 9.21 41.89
N LYS C 120 35.61 8.32 42.76
CA LYS C 120 36.19 8.27 44.09
C LYS C 120 36.65 6.90 44.53
N ARG C 121 37.42 6.88 45.61
CA ARG C 121 37.96 5.64 46.13
C ARG C 121 36.84 4.61 46.30
N GLY C 122 35.66 5.09 46.65
CA GLY C 122 34.54 4.18 46.87
C GLY C 122 34.28 3.31 45.64
N ILE C 123 34.10 3.93 44.49
CA ILE C 123 33.85 3.13 43.29
C ILE C 123 35.13 2.42 42.84
N GLU C 124 36.31 2.99 43.12
CA GLU C 124 37.52 2.25 42.72
C GLU C 124 37.53 0.88 43.40
N GLU C 125 37.18 0.88 44.69
CA GLU C 125 37.11 -0.34 45.49
C GLU C 125 36.16 -1.35 44.96
N ARG C 126 34.99 -0.88 44.58
CA ARG C 126 33.97 -1.77 44.03
C ARG C 126 34.48 -2.44 42.78
N ILE C 127 35.13 -1.67 41.91
CA ILE C 127 35.67 -2.20 40.65
C ILE C 127 36.79 -3.23 40.93
N GLN C 128 37.74 -2.88 41.79
CA GLN C 128 38.82 -3.81 42.16
C GLN C 128 38.21 -5.07 42.74
N GLU C 129 37.21 -4.93 43.61
CA GLU C 129 36.61 -6.14 44.14
C GLU C 129 35.96 -6.96 43.02
N GLU C 130 35.18 -6.27 42.17
CA GLU C 130 34.51 -6.99 41.11
C GLU C 130 35.52 -7.63 40.14
N ALA C 131 36.60 -6.90 39.89
CA ALA C 131 37.66 -7.42 39.02
C ALA C 131 38.22 -8.72 39.63
N GLY C 132 38.32 -8.78 40.95
CA GLY C 132 38.82 -10.01 41.59
C GLY C 132 37.84 -11.15 41.39
N PHE C 133 36.54 -10.85 41.40
CA PHE C 133 35.55 -11.89 41.21
C PHE C 133 35.67 -12.43 39.77
N LEU C 134 36.04 -11.55 38.83
CA LEU C 134 36.22 -11.94 37.43
C LEU C 134 37.42 -12.87 37.30
N ILE C 135 38.52 -12.51 37.95
CA ILE C 135 39.71 -13.35 37.91
C ILE C 135 39.37 -14.74 38.46
N ASP C 136 38.68 -14.81 39.60
CA ASP C 136 38.34 -16.14 40.15
C ASP C 136 37.51 -16.95 39.13
N ALA C 137 36.58 -16.24 38.49
CA ALA C 137 35.72 -16.89 37.52
C ALA C 137 36.53 -17.38 36.30
N LEU C 138 37.53 -16.61 35.87
CA LEU C 138 38.32 -17.02 34.71
C LEU C 138 39.29 -18.16 35.09
N ARG C 139 39.79 -18.15 36.33
CA ARG C 139 40.66 -19.23 36.76
C ARG C 139 39.83 -20.50 36.83
N GLY C 140 38.57 -20.35 37.22
CA GLY C 140 37.69 -21.49 37.30
C GLY C 140 37.46 -22.12 35.94
N THR C 141 37.89 -21.51 34.84
CA THR C 141 37.67 -22.15 33.53
C THR C 141 38.75 -23.22 33.27
N GLY C 142 39.85 -23.09 34.01
CA GLY C 142 40.95 -24.05 33.86
C GLY C 142 41.56 -23.94 32.50
N GLY C 143 41.50 -22.76 31.90
CA GLY C 143 42.06 -22.52 30.57
C GLY C 143 41.18 -23.01 29.42
N ALA C 144 39.92 -23.33 29.69
CA ALA C 144 39.03 -23.79 28.66
C ALA C 144 38.80 -22.74 27.57
N ASN C 145 38.48 -23.21 26.37
CA ASN C 145 38.24 -22.29 25.27
C ASN C 145 36.78 -21.88 25.43
N ILE C 146 36.53 -20.65 25.86
CA ILE C 146 35.14 -20.23 26.08
C ILE C 146 34.72 -18.88 25.47
N ASP C 147 33.42 -18.60 25.47
CA ASP C 147 32.89 -17.31 25.00
C ASP C 147 33.03 -16.36 26.19
N PRO C 148 33.83 -15.29 26.07
CA PRO C 148 34.04 -14.36 27.15
C PRO C 148 32.88 -13.40 27.39
N THR C 149 31.92 -13.39 26.47
CA THR C 149 30.82 -12.41 26.54
C THR C 149 30.20 -12.20 27.91
N PHE C 150 29.63 -13.22 28.52
CA PHE C 150 28.99 -13.00 29.81
C PHE C 150 29.88 -12.98 31.06
N PHE C 151 31.10 -13.51 30.97
CA PHE C 151 32.05 -13.41 32.09
C PHE C 151 32.32 -11.89 32.21
N LEU C 152 32.52 -11.24 31.08
CA LEU C 152 32.81 -9.81 31.08
C LEU C 152 31.58 -8.94 31.36
N SER C 153 30.41 -9.25 30.77
CA SER C 153 29.29 -8.36 31.04
C SER C 153 28.77 -8.44 32.49
N ARG C 154 28.78 -9.65 33.09
CA ARG C 154 28.30 -9.77 34.48
C ARG C 154 29.21 -8.90 35.34
N THR C 155 30.51 -8.94 35.07
CA THR C 155 31.45 -8.17 35.87
C THR C 155 31.23 -6.68 35.75
N VAL C 156 31.15 -6.21 34.52
CA VAL C 156 30.91 -4.80 34.26
C VAL C 156 29.57 -4.36 34.86
N SER C 157 28.52 -5.10 34.56
CA SER C 157 27.20 -4.71 35.05
C SER C 157 27.13 -4.58 36.57
N ASN C 158 27.83 -5.46 37.29
CA ASN C 158 27.79 -5.42 38.74
C ASN C 158 28.30 -4.10 39.35
N VAL C 159 29.07 -3.32 38.63
CA VAL C 159 29.55 -2.06 39.17
C VAL C 159 28.42 -1.04 39.21
N ILE C 160 27.76 -0.75 38.06
CA ILE C 160 26.66 0.21 38.08
C ILE C 160 25.49 -0.38 38.89
N SER C 161 25.34 -1.71 38.83
CA SER C 161 24.25 -2.32 39.58
C SER C 161 24.41 -2.05 41.09
N SER C 162 25.63 -2.11 41.61
CA SER C 162 25.75 -1.88 43.06
C SER C 162 25.38 -0.41 43.37
N ILE C 163 25.62 0.48 42.43
CA ILE C 163 25.27 1.88 42.58
C ILE C 163 23.76 2.15 42.49
N VAL C 164 23.08 1.59 41.50
CA VAL C 164 21.67 1.93 41.38
C VAL C 164 20.71 1.05 42.19
N PHE C 165 21.13 -0.18 42.49
CA PHE C 165 20.33 -1.14 43.22
C PHE C 165 20.84 -1.44 44.63
N GLY C 166 21.98 -0.87 44.99
CA GLY C 166 22.52 -1.09 46.31
C GLY C 166 23.34 -2.34 46.54
N ASP C 167 23.52 -3.17 45.51
CA ASP C 167 24.33 -4.37 45.66
C ASP C 167 24.53 -5.07 44.33
N ARG C 168 25.53 -5.94 44.26
CA ARG C 168 25.85 -6.68 43.03
C ARG C 168 24.93 -7.87 42.91
N PHE C 169 24.89 -8.47 41.73
CA PHE C 169 24.12 -9.68 41.50
C PHE C 169 25.08 -10.85 41.70
N ASP C 170 24.56 -12.00 42.10
CA ASP C 170 25.42 -13.16 42.20
C ASP C 170 25.63 -13.66 40.76
N TYR C 171 26.85 -14.06 40.41
CA TYR C 171 27.17 -14.52 39.05
C TYR C 171 26.31 -15.70 38.61
N LYS C 172 25.69 -16.39 39.56
CA LYS C 172 24.85 -17.53 39.24
C LYS C 172 23.37 -17.19 39.13
N ASP C 173 23.02 -15.93 39.40
CA ASP C 173 21.62 -15.47 39.35
C ASP C 173 21.12 -15.61 37.90
N LYS C 174 20.09 -16.42 37.68
CA LYS C 174 19.57 -16.66 36.33
C LYS C 174 18.93 -15.39 35.76
N GLU C 175 18.25 -14.65 36.62
CA GLU C 175 17.59 -13.45 36.21
C GLU C 175 18.64 -12.47 35.74
N PHE C 176 19.77 -12.39 36.45
CA PHE C 176 20.84 -11.48 36.05
C PHE C 176 21.30 -11.86 34.62
N LEU C 177 21.47 -13.14 34.36
CA LEU C 177 21.88 -13.55 33.02
C LEU C 177 20.83 -13.12 31.97
N SER C 178 19.56 -13.30 32.32
CA SER C 178 18.46 -12.94 31.45
C SER C 178 18.53 -11.42 31.09
N LEU C 179 18.84 -10.58 32.10
CA LEU C 179 18.92 -9.12 31.86
C LEU C 179 20.10 -8.83 30.93
N LEU C 180 21.23 -9.49 31.16
CA LEU C 180 22.38 -9.27 30.29
C LEU C 180 22.06 -9.67 28.83
N ARG C 181 21.29 -10.75 28.62
CA ARG C 181 20.96 -11.14 27.27
C ARG C 181 20.06 -10.10 26.62
N MET C 182 19.19 -9.48 27.43
CA MET C 182 18.29 -8.46 26.91
C MET C 182 19.13 -7.28 26.39
N MET C 183 20.13 -6.90 27.17
CA MET C 183 20.99 -5.79 26.76
C MET C 183 21.83 -6.06 25.52
N LEU C 184 22.45 -7.23 25.48
CA LEU C 184 23.23 -7.65 24.30
C LEU C 184 22.29 -7.65 23.05
N GLY C 185 21.09 -8.19 23.25
CA GLY C 185 20.11 -8.27 22.19
C GLY C 185 19.64 -6.94 21.63
N ILE C 186 19.51 -5.92 22.47
CA ILE C 186 19.03 -4.64 21.97
C ILE C 186 20.17 -3.96 21.26
N PHE C 187 21.40 -4.08 21.77
CA PHE C 187 22.52 -3.46 21.05
C PHE C 187 22.75 -4.17 19.68
N GLN C 188 22.56 -5.49 19.68
CA GLN C 188 22.69 -6.23 18.44
C GLN C 188 21.60 -5.78 17.43
N PHE C 189 20.33 -5.82 17.85
CA PHE C 189 19.26 -5.43 16.96
C PHE C 189 19.46 -4.04 16.32
N THR C 190 19.75 -3.03 17.16
CA THR C 190 19.93 -1.67 16.60
C THR C 190 21.16 -1.52 15.69
N SER C 191 21.98 -2.57 15.62
CA SER C 191 23.15 -2.54 14.77
C SER C 191 22.99 -3.35 13.51
N THR C 192 21.83 -3.99 13.33
CA THR C 192 21.54 -4.78 12.11
C THR C 192 20.85 -3.95 11.03
N SER C 193 20.77 -4.50 9.83
CA SER C 193 20.07 -3.83 8.71
C SER C 193 18.60 -3.55 9.13
N THR C 194 17.91 -4.52 9.75
CA THR C 194 16.53 -4.24 10.14
C THR C 194 16.47 -3.13 11.19
N GLY C 195 17.41 -3.14 12.12
CA GLY C 195 17.40 -2.12 13.15
C GLY C 195 17.64 -0.74 12.54
N GLN C 196 18.49 -0.65 11.53
CA GLN C 196 18.69 0.66 10.86
C GLN C 196 17.53 0.99 9.90
N LEU C 197 16.89 -0.03 9.30
CA LEU C 197 15.69 0.28 8.51
C LEU C 197 14.63 0.87 9.45
N TYR C 198 14.56 0.35 10.70
CA TYR C 198 13.60 0.81 11.67
C TYR C 198 13.76 2.33 11.98
N GLU C 199 15.00 2.81 11.96
CA GLU C 199 15.24 4.25 12.18
C GLU C 199 14.57 5.09 11.08
N MET C 200 14.48 4.55 9.87
CA MET C 200 13.81 5.24 8.79
C MET C 200 12.27 5.08 8.75
N PHE C 201 11.81 3.89 9.09
CA PHE C 201 10.39 3.57 8.89
C PHE C 201 9.65 3.08 10.09
N SER C 202 10.04 3.53 11.27
CA SER C 202 9.41 3.10 12.51
C SER C 202 7.91 3.35 12.56
N SER C 203 7.41 4.45 11.98
CA SER C 203 5.97 4.76 12.03
C SER C 203 5.12 3.60 11.48
N VAL C 204 5.68 2.85 10.54
CA VAL C 204 5.02 1.67 9.98
C VAL C 204 5.53 0.39 10.66
N MET C 205 6.85 0.20 10.67
CA MET C 205 7.43 -1.02 11.26
C MET C 205 7.08 -1.34 12.70
N LYS C 206 6.78 -0.35 13.55
CA LYS C 206 6.48 -0.69 14.93
C LYS C 206 5.17 -1.53 14.97
N HIS C 207 4.42 -1.54 13.87
CA HIS C 207 3.15 -2.29 13.77
C HIS C 207 3.25 -3.57 12.94
N LEU C 208 4.47 -3.91 12.53
CA LEU C 208 4.71 -5.06 11.69
C LEU C 208 5.52 -6.13 12.42
N PRO C 209 5.29 -7.41 12.08
CA PRO C 209 6.05 -8.49 12.72
C PRO C 209 7.48 -8.38 12.25
N GLY C 210 8.42 -8.83 13.07
CA GLY C 210 9.82 -8.82 12.63
C GLY C 210 10.77 -8.77 13.80
N PRO C 211 12.11 -8.73 13.59
CA PRO C 211 13.10 -8.68 14.67
C PRO C 211 12.80 -7.45 15.58
N GLN C 212 12.19 -6.38 15.04
CA GLN C 212 11.92 -5.21 15.87
C GLN C 212 10.98 -5.60 17.02
N GLN C 213 10.03 -6.50 16.78
CA GLN C 213 9.11 -6.87 17.87
C GLN C 213 9.86 -7.56 19.01
N GLN C 214 10.81 -8.42 18.67
CA GLN C 214 11.58 -9.09 19.72
C GLN C 214 12.41 -8.05 20.49
N ALA C 215 12.96 -7.08 19.75
CA ALA C 215 13.71 -6.00 20.43
C ALA C 215 12.84 -5.24 21.42
N PHE C 216 11.57 -4.94 21.05
CA PHE C 216 10.66 -4.24 21.95
C PHE C 216 10.45 -5.06 23.23
N GLN C 217 10.31 -6.38 23.07
CA GLN C 217 10.13 -7.26 24.22
C GLN C 217 11.33 -7.25 25.16
N LEU C 218 12.53 -7.14 24.62
CA LEU C 218 13.75 -7.09 25.46
C LEU C 218 13.76 -5.78 26.25
N LEU C 219 13.39 -4.68 25.58
CA LEU C 219 13.32 -3.39 26.27
C LEU C 219 12.22 -3.45 27.36
N GLN C 220 11.10 -4.04 27.03
CA GLN C 220 10.01 -4.18 28.00
C GLN C 220 10.50 -5.01 29.20
N GLY C 221 11.28 -6.06 28.94
CA GLY C 221 11.81 -6.88 30.02
C GLY C 221 12.73 -6.08 30.95
N LEU C 222 13.53 -5.19 30.37
CA LEU C 222 14.41 -4.40 31.21
C LEU C 222 13.56 -3.39 31.98
N GLU C 223 12.60 -2.76 31.33
CA GLU C 223 11.79 -1.79 32.06
C GLU C 223 11.04 -2.45 33.24
N ASP C 224 10.49 -3.62 33.02
CA ASP C 224 9.72 -4.31 34.09
C ASP C 224 10.63 -4.61 35.28
N PHE C 225 11.84 -5.09 35.01
CA PHE C 225 12.79 -5.38 36.07
C PHE C 225 13.09 -4.10 36.88
N ILE C 226 13.34 -2.99 36.21
CA ILE C 226 13.62 -1.74 36.95
C ILE C 226 12.42 -1.29 37.76
N ALA C 227 11.23 -1.36 37.18
CA ALA C 227 10.04 -0.90 37.88
C ALA C 227 9.87 -1.71 39.14
N LYS C 228 10.16 -3.01 39.05
CA LYS C 228 10.03 -3.92 40.21
C LYS C 228 11.02 -3.58 41.28
N LYS C 229 12.25 -3.27 40.87
CA LYS C 229 13.29 -2.88 41.83
C LYS C 229 12.86 -1.59 42.52
N VAL C 230 12.34 -0.63 41.76
CA VAL C 230 11.87 0.63 42.33
C VAL C 230 10.71 0.40 43.35
N GLU C 231 9.76 -0.45 43.00
CA GLU C 231 8.66 -0.72 43.92
C GLU C 231 9.20 -1.30 45.25
N HIS C 232 10.18 -2.19 45.15
CA HIS C 232 10.77 -2.80 46.32
C HIS C 232 11.44 -1.74 47.18
N ASN C 233 12.23 -0.88 46.54
CA ASN C 233 12.87 0.19 47.30
C ASN C 233 11.86 1.08 48.00
N GLN C 234 10.79 1.43 47.29
CA GLN C 234 9.76 2.30 47.86
C GLN C 234 9.16 1.72 49.13
N ARG C 235 8.89 0.42 49.11
CA ARG C 235 8.25 -0.26 50.24
C ARG C 235 9.15 -0.46 51.43
N THR C 236 10.44 -0.10 51.27
CA THR C 236 11.42 -0.27 52.32
C THR C 236 12.31 0.95 52.52
N LEU C 237 11.97 2.07 51.87
CA LEU C 237 12.76 3.27 51.97
C LEU C 237 12.94 3.85 53.38
N ASP C 238 14.17 4.25 53.69
CA ASP C 238 14.46 4.97 54.94
C ASP C 238 14.97 6.31 54.38
N PRO C 239 14.12 7.33 54.41
CA PRO C 239 14.33 8.70 53.94
C PRO C 239 15.56 9.39 54.47
N ASN C 240 16.06 8.92 55.62
CA ASN C 240 17.25 9.51 56.23
C ASN C 240 18.52 8.83 55.75
N SER C 241 18.36 7.66 55.15
CA SER C 241 19.51 6.87 54.72
C SER C 241 19.32 6.14 53.36
N PRO C 242 19.66 6.81 52.25
CA PRO C 242 19.47 6.13 50.97
C PRO C 242 20.49 5.01 50.78
N ARG C 243 20.02 3.90 50.25
CA ARG C 243 20.90 2.75 50.01
C ARG C 243 21.53 2.82 48.62
N ASP C 244 20.91 3.57 47.71
CA ASP C 244 21.37 3.54 46.31
C ASP C 244 20.79 4.69 45.46
N PHE C 245 21.11 4.74 44.18
CA PHE C 245 20.59 5.79 43.30
C PHE C 245 19.04 5.87 43.38
N ILE C 246 18.33 4.73 43.31
CA ILE C 246 16.87 4.73 43.37
C ILE C 246 16.40 5.45 44.65
N ASP C 247 16.93 5.07 45.81
CA ASP C 247 16.51 5.74 47.06
C ASP C 247 16.75 7.27 47.03
N SER C 248 17.93 7.69 46.54
CA SER C 248 18.20 9.14 46.49
C SER C 248 17.18 9.82 45.62
N PHE C 249 16.82 9.19 44.50
CA PHE C 249 15.81 9.81 43.62
C PHE C 249 14.45 9.80 44.36
N LEU C 250 14.10 8.71 45.05
CA LEU C 250 12.81 8.68 45.76
C LEU C 250 12.71 9.80 46.82
N ILE C 251 13.82 10.06 47.51
CA ILE C 251 13.86 11.10 48.53
C ILE C 251 13.69 12.47 47.84
N ARG C 252 14.38 12.70 46.71
CA ARG C 252 14.25 13.96 46.01
C ARG C 252 12.80 14.09 45.54
N MET C 253 12.19 12.98 45.12
CA MET C 253 10.79 13.07 44.69
C MET C 253 9.90 13.52 45.90
N GLN C 254 10.20 13.02 47.10
CA GLN C 254 9.41 13.45 48.24
C GLN C 254 9.56 14.98 48.42
N GLU C 255 10.81 15.45 48.44
CA GLU C 255 11.12 16.87 48.61
C GLU C 255 10.52 17.79 47.51
N GLU C 256 10.25 17.20 46.33
CA GLU C 256 9.71 17.94 45.20
C GLU C 256 8.18 17.90 45.10
N GLU C 257 7.53 17.24 46.05
CA GLU C 257 6.08 17.16 45.98
C GLU C 257 5.39 18.52 45.99
N LYS C 258 5.96 19.49 46.68
CA LYS C 258 5.40 20.84 46.71
C LYS C 258 5.75 21.63 45.43
N ASN C 259 6.64 21.09 44.59
CA ASN C 259 7.00 21.77 43.35
C ASN C 259 6.00 21.35 42.28
N PRO C 260 5.11 22.27 41.89
CA PRO C 260 4.12 21.92 40.88
C PRO C 260 4.71 21.59 39.51
N ASN C 261 5.93 22.03 39.23
CA ASN C 261 6.52 21.75 37.88
C ASN C 261 7.67 20.72 37.93
N THR C 262 7.77 19.94 39.01
CA THR C 262 8.92 19.04 39.11
C THR C 262 9.07 17.98 38.02
N GLU C 263 10.33 17.63 37.74
CA GLU C 263 10.64 16.59 36.77
C GLU C 263 10.93 15.33 37.57
N PHE C 264 10.94 15.47 38.89
CA PHE C 264 11.21 14.34 39.76
C PHE C 264 9.95 13.59 40.14
N TYR C 265 9.66 12.58 39.32
CA TYR C 265 8.50 11.72 39.54
C TYR C 265 8.81 10.31 39.05
N LEU C 266 7.91 9.37 39.36
CA LEU C 266 8.17 7.96 39.04
C LEU C 266 8.66 7.60 37.65
N LYS C 267 7.95 8.02 36.61
CA LYS C 267 8.38 7.60 35.28
C LYS C 267 9.80 8.06 34.97
N ASN C 268 10.17 9.26 35.42
CA ASN C 268 11.54 9.71 35.17
C ASN C 268 12.53 8.91 36.01
N LEU C 269 12.11 8.47 37.19
CA LEU C 269 13.00 7.65 38.02
C LEU C 269 13.23 6.30 37.29
N VAL C 270 12.13 5.65 36.87
CA VAL C 270 12.26 4.38 36.18
C VAL C 270 13.11 4.49 34.92
N MET C 271 12.84 5.48 34.07
CA MET C 271 13.61 5.57 32.85
C MET C 271 15.08 5.97 33.08
N THR C 272 15.33 6.88 34.02
CA THR C 272 16.71 7.27 34.26
C THR C 272 17.48 6.08 34.80
N THR C 273 16.84 5.31 35.69
CA THR C 273 17.55 4.16 36.30
C THR C 273 17.83 3.14 35.17
N LEU C 274 16.84 2.93 34.31
CA LEU C 274 17.00 2.04 33.15
C LEU C 274 18.17 2.57 32.26
N ASN C 275 18.20 3.88 31.97
CA ASN C 275 19.33 4.45 31.21
C ASN C 275 20.68 4.09 31.83
N LEU C 276 20.83 4.26 33.14
CA LEU C 276 22.11 3.98 33.80
C LEU C 276 22.45 2.47 33.81
N PHE C 277 21.46 1.64 34.09
CA PHE C 277 21.69 0.20 34.11
C PHE C 277 22.21 -0.30 32.73
N ILE C 278 21.54 0.10 31.65
CA ILE C 278 21.96 -0.34 30.30
C ILE C 278 23.24 0.41 29.86
N GLY C 279 23.21 1.73 30.02
CA GLY C 279 24.34 2.53 29.61
C GLY C 279 25.62 2.15 30.35
N GLY C 280 25.49 1.82 31.63
CA GLY C 280 26.65 1.44 32.43
C GLY C 280 27.07 0.01 32.27
N THR C 281 26.33 -0.75 31.46
CA THR C 281 26.70 -2.13 31.23
C THR C 281 27.23 -2.49 29.83
N GLU C 282 26.39 -2.28 28.83
CA GLU C 282 26.72 -2.72 27.51
C GLU C 282 27.88 -2.14 26.73
N THR C 283 28.11 -0.83 26.81
CA THR C 283 29.19 -0.31 26.01
C THR C 283 30.56 -0.67 26.58
N VAL C 284 30.73 -0.61 27.89
CA VAL C 284 32.00 -1.05 28.45
C VAL C 284 32.19 -2.56 28.18
N SER C 285 31.12 -3.35 28.30
CA SER C 285 31.22 -4.80 28.03
C SER C 285 31.68 -5.07 26.60
N THR C 286 31.09 -4.35 25.62
CA THR C 286 31.46 -4.53 24.20
C THR C 286 32.91 -4.11 23.94
N THR C 287 33.30 -3.01 24.58
CA THR C 287 34.66 -2.49 24.43
C THR C 287 35.69 -3.51 24.96
N LEU C 288 35.41 -4.12 26.11
CA LEU C 288 36.31 -5.14 26.68
C LEU C 288 36.40 -6.32 25.74
N ARG C 289 35.24 -6.78 25.28
CA ARG C 289 35.20 -7.93 24.38
C ARG C 289 35.96 -7.68 23.09
N TYR C 290 35.76 -6.52 22.46
CA TYR C 290 36.48 -6.19 21.24
C TYR C 290 37.98 -6.09 21.57
N GLY C 291 38.30 -5.45 22.70
CA GLY C 291 39.69 -5.25 23.11
C GLY C 291 40.52 -6.55 23.19
N PHE C 292 39.98 -7.53 23.88
CA PHE C 292 40.69 -8.80 23.99
C PHE C 292 40.89 -9.46 22.64
N LEU C 293 39.93 -9.34 21.73
CA LEU C 293 40.08 -9.94 20.39
C LEU C 293 41.22 -9.20 19.70
N LEU C 294 41.27 -7.88 19.94
CA LEU C 294 42.29 -7.12 19.29
C LEU C 294 43.64 -7.52 19.83
N LEU C 295 43.73 -7.76 21.14
CA LEU C 295 45.02 -8.18 21.75
C LEU C 295 45.47 -9.57 21.24
N MET C 296 44.53 -10.50 21.08
CA MET C 296 44.89 -11.82 20.57
C MET C 296 45.32 -11.72 19.09
N LYS C 297 44.81 -10.70 18.40
CA LYS C 297 45.17 -10.46 17.01
C LYS C 297 46.57 -9.85 16.92
N HIS C 298 46.99 -9.13 17.95
CA HIS C 298 48.31 -8.50 17.97
C HIS C 298 49.11 -8.93 19.18
N PRO C 299 49.64 -10.16 19.15
CA PRO C 299 50.45 -10.75 20.23
C PRO C 299 51.55 -9.82 20.78
N GLU C 300 52.15 -9.04 19.91
CA GLU C 300 53.22 -8.17 20.33
C GLU C 300 52.79 -7.03 21.20
N VAL C 301 51.56 -6.56 20.98
CA VAL C 301 51.06 -5.49 21.82
C VAL C 301 50.81 -6.10 23.20
N GLU C 302 50.26 -7.32 23.25
CA GLU C 302 50.01 -7.97 24.55
C GLU C 302 51.36 -8.20 25.32
N ALA C 303 52.43 -8.48 24.57
CA ALA C 303 53.76 -8.71 25.16
C ALA C 303 54.19 -7.43 25.85
N LYS C 304 54.00 -6.32 25.15
CA LYS C 304 54.38 -5.02 25.66
C LYS C 304 53.55 -4.60 26.84
N VAL C 305 52.29 -5.02 26.84
CA VAL C 305 51.43 -4.71 27.96
C VAL C 305 51.93 -5.47 29.21
N HIS C 306 52.21 -6.76 29.02
CA HIS C 306 52.67 -7.59 30.11
C HIS C 306 53.93 -7.00 30.72
N GLU C 307 54.86 -6.63 29.85
CA GLU C 307 56.15 -6.06 30.28
C GLU C 307 55.89 -4.85 31.19
N GLU C 308 54.98 -3.96 30.78
CA GLU C 308 54.69 -2.78 31.61
C GLU C 308 53.94 -3.12 32.91
N ILE C 309 52.97 -4.01 32.83
CA ILE C 309 52.26 -4.40 34.07
C ILE C 309 53.27 -5.04 35.08
N ASP C 310 54.06 -5.99 34.59
CA ASP C 310 55.03 -6.70 35.46
C ASP C 310 56.01 -5.74 36.11
N ARG C 311 56.48 -4.77 35.33
CA ARG C 311 57.41 -3.80 35.85
C ARG C 311 56.81 -2.78 36.82
N VAL C 312 55.71 -2.17 36.42
CA VAL C 312 55.07 -1.13 37.23
C VAL C 312 54.23 -1.62 38.42
N ILE C 313 53.48 -2.70 38.22
CA ILE C 313 52.62 -3.20 39.29
C ILE C 313 53.13 -4.47 39.97
N GLY C 314 53.67 -5.40 39.19
CA GLY C 314 54.12 -6.64 39.79
C GLY C 314 52.99 -7.63 39.93
N LYS C 315 53.13 -8.62 40.81
CA LYS C 315 52.08 -9.61 40.97
C LYS C 315 51.54 -9.73 42.41
N ASN C 316 52.04 -8.94 43.35
CA ASN C 316 51.55 -9.10 44.71
C ASN C 316 50.51 -8.08 45.14
N ARG C 317 50.05 -7.30 44.17
CA ARG C 317 49.11 -6.24 44.45
C ARG C 317 48.15 -6.04 43.28
N GLN C 318 46.93 -5.65 43.59
CA GLN C 318 45.94 -5.42 42.55
C GLN C 318 46.19 -4.05 41.94
N PRO C 319 45.96 -3.92 40.63
CA PRO C 319 46.16 -2.64 39.96
C PRO C 319 45.20 -1.67 40.64
N LYS C 320 45.58 -0.41 40.72
CA LYS C 320 44.73 0.63 41.29
C LYS C 320 44.75 1.72 40.20
N PHE C 321 43.80 2.64 40.22
CA PHE C 321 43.69 3.66 39.18
C PHE C 321 44.93 4.53 38.97
N GLU C 322 45.57 4.91 40.07
CA GLU C 322 46.81 5.71 40.01
C GLU C 322 47.84 5.07 39.09
N ASP C 323 47.87 3.75 39.06
CA ASP C 323 48.87 3.08 38.24
C ASP C 323 48.85 3.58 36.81
N ARG C 324 47.69 4.11 36.42
CA ARG C 324 47.48 4.64 35.08
C ARG C 324 48.58 5.62 34.68
N ALA C 325 48.84 6.58 35.57
CA ALA C 325 49.85 7.61 35.35
C ALA C 325 51.24 7.08 35.00
N LYS C 326 51.56 5.87 35.44
CA LYS C 326 52.87 5.27 35.16
C LYS C 326 52.81 4.23 34.05
N MET C 327 51.65 4.11 33.40
CA MET C 327 51.51 3.13 32.33
C MET C 327 51.00 3.71 31.00
N PRO C 328 51.85 4.50 30.31
CA PRO C 328 51.53 5.13 29.03
C PRO C 328 51.22 4.08 27.95
N TYR C 329 51.84 2.91 28.05
CA TYR C 329 51.54 1.92 27.04
C TYR C 329 50.13 1.36 27.19
N MET C 330 49.75 0.96 28.41
CA MET C 330 48.41 0.42 28.64
C MET C 330 47.36 1.47 28.29
N GLU C 331 47.65 2.72 28.63
CA GLU C 331 46.76 3.87 28.37
C GLU C 331 46.57 4.08 26.86
N ALA C 332 47.65 3.91 26.10
CA ALA C 332 47.58 4.04 24.67
C ALA C 332 46.87 2.82 24.05
N VAL C 333 47.00 1.65 24.68
CA VAL C 333 46.37 0.45 24.15
C VAL C 333 44.84 0.58 24.35
N ILE C 334 44.45 1.11 25.51
CA ILE C 334 43.03 1.24 25.78
C ILE C 334 42.41 2.31 24.88
N HIS C 335 43.10 3.44 24.68
CA HIS C 335 42.59 4.47 23.76
C HIS C 335 42.45 3.91 22.35
N GLU C 336 43.47 3.19 21.89
CA GLU C 336 43.39 2.58 20.55
C GLU C 336 42.27 1.53 20.46
N ILE C 337 41.99 0.86 21.56
CA ILE C 337 40.91 -0.12 21.55
C ILE C 337 39.58 0.64 21.35
N GLN C 338 39.41 1.75 22.06
CA GLN C 338 38.18 2.56 21.95
C GLN C 338 38.09 3.23 20.61
N ARG C 339 39.26 3.63 20.07
CA ARG C 339 39.30 4.29 18.76
C ARG C 339 38.95 3.31 17.64
N PHE C 340 39.60 2.15 17.68
CA PHE C 340 39.39 1.13 16.66
C PHE C 340 38.01 0.51 16.81
N GLY C 341 37.62 0.26 18.06
CA GLY C 341 36.31 -0.33 18.39
C GLY C 341 35.12 0.50 17.88
N ASP C 342 35.19 1.84 18.01
CA ASP C 342 34.18 2.80 17.53
C ASP C 342 32.80 2.22 17.93
N VAL C 343 32.61 1.99 19.21
CA VAL C 343 31.42 1.32 19.70
C VAL C 343 30.10 2.03 19.45
N ILE C 344 30.05 3.37 19.48
CA ILE C 344 28.78 4.10 19.14
C ILE C 344 29.26 4.98 17.98
N PRO C 345 29.24 4.42 16.76
CA PRO C 345 29.74 5.13 15.59
C PRO C 345 29.08 6.38 15.10
N MET C 346 27.79 6.54 15.36
CA MET C 346 27.10 7.76 14.91
C MET C 346 26.59 8.53 16.14
N SER C 347 27.22 8.27 17.28
CA SER C 347 26.85 8.87 18.56
C SER C 347 25.35 8.61 18.84
N LEU C 348 24.77 9.41 19.75
CA LEU C 348 23.29 9.40 19.93
C LEU C 348 22.96 10.70 19.20
N ALA C 349 21.90 10.71 18.40
CA ALA C 349 21.61 11.94 17.64
C ALA C 349 21.39 13.20 18.46
N ARG C 350 21.80 14.34 17.88
CA ARG C 350 21.53 15.64 18.50
C ARG C 350 20.41 16.28 17.66
N ARG C 351 20.04 17.50 18.04
CA ARG C 351 19.00 18.28 17.40
C ARG C 351 19.30 19.78 17.59
N VAL C 352 19.10 20.63 16.58
CA VAL C 352 19.37 22.04 16.88
C VAL C 352 18.22 22.65 17.73
N LYS C 353 18.58 23.37 18.79
CA LYS C 353 17.62 24.00 19.70
C LYS C 353 16.78 25.13 19.05
N LYS C 354 17.37 25.86 18.10
CA LYS C 354 16.69 26.96 17.41
C LYS C 354 17.25 27.09 16.00
N ASP C 355 16.61 27.92 15.16
CA ASP C 355 17.12 28.18 13.81
C ASP C 355 18.59 28.48 14.00
N THR C 356 19.43 27.79 13.22
CA THR C 356 20.85 27.88 13.41
C THR C 356 21.62 28.08 12.13
N LYS C 357 22.65 28.93 12.21
CA LYS C 357 23.54 29.18 11.09
C LYS C 357 24.78 28.38 11.38
N PHE C 358 25.17 27.50 10.46
CA PHE C 358 26.32 26.65 10.67
C PHE C 358 27.05 26.60 9.35
N ARG C 359 28.30 27.06 9.39
CA ARG C 359 29.12 27.15 8.20
C ARG C 359 28.25 27.88 7.19
N ASP C 360 28.21 27.47 5.94
CA ASP C 360 27.38 28.27 5.02
C ASP C 360 25.88 27.90 4.99
N PHE C 361 25.45 27.10 5.95
CA PHE C 361 24.09 26.59 5.94
C PHE C 361 23.14 27.08 7.01
N PHE C 362 21.88 26.84 6.75
CA PHE C 362 20.78 27.21 7.66
C PHE C 362 20.08 25.93 8.12
N LEU C 363 20.07 25.66 9.43
CA LEU C 363 19.39 24.49 10.00
C LEU C 363 18.16 24.97 10.80
N PRO C 364 16.97 24.73 10.27
CA PRO C 364 15.74 25.16 10.97
C PRO C 364 15.67 24.51 12.36
N LYS C 365 15.12 25.23 13.35
CA LYS C 365 14.90 24.70 14.71
C LYS C 365 14.39 23.23 14.65
N GLY C 366 14.92 22.36 15.52
CA GLY C 366 14.46 20.96 15.54
C GLY C 366 15.14 19.98 14.57
N THR C 367 16.01 20.51 13.68
CA THR C 367 16.68 19.65 12.71
C THR C 367 17.54 18.64 13.44
N GLU C 368 17.39 17.35 13.10
CA GLU C 368 18.22 16.34 13.77
C GLU C 368 19.60 16.34 13.20
N VAL C 369 20.53 15.87 14.00
CA VAL C 369 21.94 15.86 13.63
C VAL C 369 22.63 14.57 14.02
N TYR C 370 23.37 14.01 13.06
CA TYR C 370 24.14 12.77 13.28
C TYR C 370 25.65 13.13 13.31
N PRO C 371 26.26 13.21 14.51
CA PRO C 371 27.68 13.52 14.68
C PRO C 371 28.35 12.15 14.42
N MET C 372 29.04 12.02 13.29
CA MET C 372 29.64 10.72 12.95
C MET C 372 30.95 10.49 13.69
N LEU C 373 30.84 10.08 14.96
CA LEU C 373 32.03 9.86 15.79
C LEU C 373 33.07 8.92 15.19
N GLY C 374 32.63 7.85 14.54
CA GLY C 374 33.57 6.93 13.90
C GLY C 374 34.40 7.63 12.81
N SER C 375 33.86 8.67 12.17
CA SER C 375 34.65 9.39 11.12
C SER C 375 35.67 10.34 11.76
N VAL C 376 35.50 10.62 13.03
CA VAL C 376 36.44 11.44 13.77
C VAL C 376 37.51 10.44 14.29
N LEU C 377 37.07 9.33 14.85
CA LEU C 377 38.02 8.31 15.30
C LEU C 377 38.90 7.76 14.19
N ARG C 378 38.44 7.81 12.92
CA ARG C 378 39.25 7.33 11.80
C ARG C 378 39.69 8.52 10.88
N ASP C 379 39.66 9.74 11.40
CA ASP C 379 40.00 10.90 10.59
C ASP C 379 41.49 10.81 10.22
N PRO C 380 41.81 10.70 8.91
CA PRO C 380 43.19 10.58 8.44
C PRO C 380 44.10 11.76 8.76
N SER C 381 43.52 12.90 9.15
CA SER C 381 44.32 14.07 9.53
C SER C 381 44.74 13.98 10.99
N PHE C 382 44.21 13.01 11.74
CA PHE C 382 44.61 12.88 13.14
C PHE C 382 45.29 11.55 13.42
N PHE C 383 45.11 10.58 12.53
CA PHE C 383 45.69 9.26 12.73
C PHE C 383 46.35 8.76 11.44
N SER C 384 47.62 8.36 11.54
CA SER C 384 48.39 7.93 10.39
C SER C 384 47.82 6.71 9.68
N ASN C 385 47.47 5.67 10.42
CA ASN C 385 46.92 4.49 9.80
C ASN C 385 45.56 4.19 10.48
N PRO C 386 44.58 5.05 10.21
CA PRO C 386 43.26 4.87 10.82
C PRO C 386 42.59 3.50 10.72
N GLN C 387 42.88 2.71 9.70
CA GLN C 387 42.24 1.41 9.59
C GLN C 387 43.01 0.30 10.30
N ASP C 388 44.15 0.65 10.88
CA ASP C 388 45.02 -0.30 11.57
C ASP C 388 44.88 -0.20 13.08
N PHE C 389 45.07 -1.31 13.80
CA PHE C 389 45.05 -1.26 15.26
C PHE C 389 46.51 -0.99 15.63
N ASN C 390 46.81 0.25 16.03
CA ASN C 390 48.18 0.61 16.36
C ASN C 390 48.27 1.47 17.61
N PRO C 391 48.63 0.88 18.76
CA PRO C 391 48.71 1.69 19.96
C PRO C 391 49.59 2.93 19.81
N GLN C 392 50.46 2.90 18.79
CA GLN C 392 51.35 4.04 18.52
C GLN C 392 50.58 5.33 18.25
N HIS C 393 49.35 5.21 17.70
CA HIS C 393 48.52 6.40 17.44
C HIS C 393 48.42 7.30 18.68
N PHE C 394 48.64 6.73 19.86
CA PHE C 394 48.50 7.50 21.09
C PHE C 394 49.80 7.65 21.91
N LEU C 395 50.93 7.57 21.21
CA LEU C 395 52.25 7.68 21.85
C LEU C 395 53.22 8.70 21.23
N ASN C 396 54.03 9.27 22.12
CA ASN C 396 55.13 10.23 21.88
C ASN C 396 56.26 9.53 21.14
N GLU C 397 57.12 10.31 20.49
CA GLU C 397 58.29 9.68 19.87
C GLU C 397 59.06 9.25 21.13
N LYS C 398 58.84 10.00 22.21
CA LYS C 398 59.47 9.74 23.52
C LYS C 398 58.78 8.58 24.25
N GLY C 399 57.78 7.97 23.60
CA GLY C 399 57.09 6.85 24.21
C GLY C 399 56.10 7.22 25.30
N GLN C 400 55.76 8.49 25.39
CA GLN C 400 54.81 8.97 26.38
C GLN C 400 53.38 8.98 25.81
N PHE C 401 52.38 9.03 26.69
CA PHE C 401 51.00 9.05 26.21
C PHE C 401 50.65 10.37 25.57
N LYS C 402 50.14 10.31 24.35
CA LYS C 402 49.79 11.54 23.64
C LYS C 402 48.27 11.62 23.33
N LYS C 403 47.61 12.64 23.87
CA LYS C 403 46.17 12.85 23.59
C LYS C 403 45.89 13.26 22.12
N SER C 404 44.63 13.12 21.70
CA SER C 404 44.21 13.53 20.34
C SER C 404 42.87 14.23 20.45
N ASP C 405 42.70 15.36 19.76
CA ASP C 405 41.42 16.06 19.80
C ASP C 405 40.39 15.19 19.07
N ALA C 406 40.86 14.19 18.33
CA ALA C 406 39.94 13.32 17.58
C ALA C 406 39.55 12.08 18.40
N PHE C 407 40.01 11.98 19.65
CA PHE C 407 39.61 10.85 20.49
C PHE C 407 38.26 11.28 21.09
N VAL C 408 37.17 10.90 20.44
CA VAL C 408 35.86 11.30 20.91
C VAL C 408 34.83 10.14 21.06
N PRO C 409 35.25 8.96 21.54
CA PRO C 409 34.28 7.86 21.66
C PRO C 409 33.14 8.16 22.63
N PHE C 410 33.30 9.20 23.46
CA PHE C 410 32.25 9.60 24.43
C PHE C 410 31.54 10.87 23.95
N SER C 411 31.77 11.20 22.69
CA SER C 411 31.25 12.43 22.10
C SER C 411 31.84 13.62 22.86
N ILE C 412 31.33 14.81 22.53
CA ILE C 412 31.80 16.07 23.14
C ILE C 412 30.62 17.03 23.20
N GLY C 413 30.78 18.13 23.92
CA GLY C 413 29.65 19.03 23.99
C GLY C 413 28.73 18.94 25.21
N LYS C 414 27.66 19.71 25.19
CA LYS C 414 26.73 19.83 26.31
C LYS C 414 26.03 18.55 26.75
N ARG C 415 25.79 17.64 25.80
CA ARG C 415 25.14 16.36 26.14
C ARG C 415 26.09 15.17 25.99
N ASN C 416 27.39 15.38 26.24
CA ASN C 416 28.36 14.30 26.17
C ASN C 416 28.13 13.26 27.27
N CYS C 417 28.76 12.10 27.08
CA CYS C 417 28.64 11.00 28.04
C CYS C 417 29.11 11.38 29.43
N PHE C 418 28.21 11.43 30.43
CA PHE C 418 28.69 11.72 31.77
C PHE C 418 29.08 10.42 32.52
N GLY C 419 29.06 9.27 31.82
CA GLY C 419 29.53 8.02 32.42
C GLY C 419 31.00 7.80 32.04
N GLU C 420 31.57 8.76 31.32
CA GLU C 420 32.95 8.64 30.85
C GLU C 420 33.98 8.28 31.95
N GLY C 421 33.89 8.98 33.08
CA GLY C 421 34.84 8.73 34.16
C GLY C 421 34.71 7.32 34.68
N LEU C 422 33.49 6.89 34.98
CA LEU C 422 33.29 5.52 35.44
C LEU C 422 33.82 4.53 34.38
N ALA C 423 33.45 4.78 33.14
CA ALA C 423 33.86 3.86 32.07
C ALA C 423 35.36 3.70 31.99
N ARG C 424 36.10 4.82 31.95
CA ARG C 424 37.57 4.76 31.89
C ARG C 424 38.17 4.12 33.13
N MET C 425 37.57 4.33 34.29
CA MET C 425 38.15 3.69 35.48
C MET C 425 37.93 2.18 35.35
N GLU C 426 36.74 1.81 34.88
CA GLU C 426 36.45 0.40 34.67
C GLU C 426 37.37 -0.27 33.63
N LEU C 427 37.55 0.39 32.47
CA LEU C 427 38.36 -0.20 31.38
C LEU C 427 39.81 -0.39 31.85
N PHE C 428 40.36 0.64 32.46
CA PHE C 428 41.71 0.51 32.98
C PHE C 428 41.86 -0.61 34.00
N LEU C 429 41.00 -0.67 35.00
CA LEU C 429 41.19 -1.69 35.99
C LEU C 429 40.84 -3.08 35.47
N PHE C 430 39.84 -3.17 34.59
CA PHE C 430 39.47 -4.51 34.14
C PHE C 430 40.50 -5.09 33.19
N PHE C 431 40.97 -4.27 32.25
CA PHE C 431 41.95 -4.72 31.28
C PHE C 431 43.26 -5.05 32.01
N THR C 432 43.66 -4.15 32.91
CA THR C 432 44.91 -4.37 33.62
C THR C 432 44.91 -5.58 34.54
N THR C 433 43.84 -5.80 35.29
CA THR C 433 43.80 -6.89 36.23
C THR C 433 43.69 -8.22 35.50
N VAL C 434 42.95 -8.25 34.39
CA VAL C 434 42.86 -9.48 33.64
C VAL C 434 44.21 -9.86 33.04
N MET C 435 44.85 -8.91 32.39
CA MET C 435 46.11 -9.20 31.73
C MET C 435 47.32 -9.35 32.65
N GLN C 436 47.14 -8.94 33.90
CA GLN C 436 48.20 -9.11 34.88
C GLN C 436 48.21 -10.61 35.24
N ASN C 437 47.02 -11.19 35.37
CA ASN C 437 46.83 -12.58 35.72
C ASN C 437 46.81 -13.63 34.62
N PHE C 438 46.49 -13.23 33.39
CA PHE C 438 46.42 -14.18 32.30
C PHE C 438 47.11 -13.72 31.03
N ARG C 439 47.41 -14.68 30.15
CA ARG C 439 47.91 -14.34 28.84
C ARG C 439 46.72 -14.86 28.04
N LEU C 440 46.48 -14.30 26.86
CA LEU C 440 45.31 -14.71 26.11
C LEU C 440 45.64 -15.73 25.04
N LYS C 441 44.74 -16.67 24.79
CA LYS C 441 44.99 -17.63 23.73
C LYS C 441 43.80 -17.79 22.81
N SER C 442 43.96 -17.39 21.55
CA SER C 442 42.87 -17.50 20.61
C SER C 442 42.62 -18.96 20.17
N SER C 443 41.40 -19.23 19.76
CA SER C 443 41.09 -20.57 19.32
C SER C 443 41.60 -20.71 17.89
N GLN C 444 42.24 -19.68 17.38
CA GLN C 444 42.78 -19.74 16.03
C GLN C 444 44.05 -18.92 15.92
N SER C 445 44.78 -19.12 14.83
CA SER C 445 46.02 -18.41 14.58
C SER C 445 45.74 -16.93 14.44
N PRO C 446 46.65 -16.08 14.94
CA PRO C 446 46.44 -14.64 14.83
C PRO C 446 46.08 -14.25 13.42
N LYS C 447 46.91 -14.71 12.49
CA LYS C 447 46.72 -14.41 11.08
C LYS C 447 45.27 -14.62 10.64
N ASP C 448 44.56 -15.60 11.24
CA ASP C 448 43.20 -15.86 10.84
C ASP C 448 42.09 -15.15 11.65
N ILE C 449 42.44 -14.45 12.73
CA ILE C 449 41.43 -13.74 13.54
C ILE C 449 40.88 -12.58 12.69
N ASP C 450 39.56 -12.45 12.62
CA ASP C 450 38.96 -11.38 11.82
C ASP C 450 38.42 -10.38 12.82
N VAL C 451 39.05 -9.21 12.89
CA VAL C 451 38.60 -8.19 13.82
C VAL C 451 37.66 -7.15 13.13
N SER C 452 37.13 -7.48 11.94
CA SER C 452 36.21 -6.56 11.27
C SER C 452 34.93 -6.78 12.04
N PRO C 453 34.04 -5.76 12.14
CA PRO C 453 32.82 -5.99 12.92
C PRO C 453 31.77 -6.94 12.35
N LYS C 454 31.01 -7.59 13.21
CA LYS C 454 29.95 -8.43 12.73
C LYS C 454 28.75 -7.54 12.31
N HIS C 455 28.47 -6.52 13.11
CA HIS C 455 27.33 -5.60 12.86
C HIS C 455 27.78 -4.16 13.13
N VAL C 456 27.33 -3.23 12.29
CA VAL C 456 27.59 -1.82 12.52
C VAL C 456 26.28 -1.08 12.19
N GLY C 457 25.78 -0.35 13.18
CA GLY C 457 24.57 0.46 13.00
C GLY C 457 24.58 1.45 14.14
N PHE C 458 23.67 1.30 15.10
CA PHE C 458 23.72 2.16 16.28
C PHE C 458 25.05 1.88 17.04
N ALA C 459 25.41 0.60 17.10
CA ALA C 459 26.67 0.23 17.76
C ALA C 459 27.55 -0.52 16.80
N THR C 460 28.78 -0.79 17.23
CA THR C 460 29.71 -1.63 16.44
C THR C 460 29.84 -2.89 17.31
N ILE C 461 29.50 -4.04 16.77
CA ILE C 461 29.51 -5.28 17.53
C ILE C 461 30.62 -6.21 16.94
N PRO C 462 31.55 -6.71 17.77
CA PRO C 462 32.61 -7.58 17.26
C PRO C 462 32.08 -8.98 16.86
N ARG C 463 32.80 -9.72 16.02
CA ARG C 463 32.32 -11.06 15.64
C ARG C 463 32.38 -11.97 16.87
N ASN C 464 31.52 -12.97 16.89
CA ASN C 464 31.44 -13.93 18.00
C ASN C 464 32.77 -14.72 17.98
N TYR C 465 33.34 -14.97 19.16
CA TYR C 465 34.60 -15.74 19.21
C TYR C 465 34.75 -16.44 20.55
N THR C 466 35.68 -17.40 20.64
CA THR C 466 35.93 -18.08 21.91
C THR C 466 37.42 -17.90 22.14
N MET C 467 37.84 -17.97 23.40
CA MET C 467 39.23 -17.78 23.73
C MET C 467 39.55 -18.45 25.06
N SER C 468 40.84 -18.53 25.35
CA SER C 468 41.28 -19.15 26.63
C SER C 468 42.08 -18.15 27.42
N PHE C 469 41.91 -18.21 28.73
CA PHE C 469 42.63 -17.35 29.68
C PHE C 469 43.60 -18.27 30.46
N LEU C 470 44.88 -18.16 30.15
CA LEU C 470 45.95 -18.98 30.75
C LEU C 470 46.64 -18.27 31.89
N PRO C 471 46.54 -18.82 33.11
CA PRO C 471 47.16 -18.24 34.30
C PRO C 471 48.60 -17.87 34.00
N ARG C 472 49.06 -16.78 34.58
CA ARG C 472 50.44 -16.33 34.39
C ARG C 472 51.26 -16.56 35.67
N GLY D 9 -26.54 -22.39 -8.23
CA GLY D 9 -26.28 -23.07 -6.87
C GLY D 9 -25.20 -22.33 -6.10
N LYS D 10 -24.65 -22.97 -5.06
CA LYS D 10 -23.59 -22.33 -4.29
C LYS D 10 -22.23 -22.98 -4.50
N LEU D 11 -21.19 -22.18 -4.39
CA LEU D 11 -19.84 -22.73 -4.48
C LEU D 11 -19.65 -23.56 -3.22
N PRO D 12 -18.69 -24.49 -3.24
CA PRO D 12 -18.41 -25.31 -2.06
C PRO D 12 -18.12 -24.36 -0.87
N PRO D 13 -18.38 -24.81 0.37
CA PRO D 13 -18.17 -24.07 1.61
C PRO D 13 -16.65 -23.82 1.77
N GLY D 14 -16.29 -22.85 2.59
CA GLY D 14 -14.90 -22.58 2.83
C GLY D 14 -14.73 -21.44 3.80
N PRO D 15 -13.51 -21.23 4.29
CA PRO D 15 -13.30 -20.13 5.24
C PRO D 15 -13.51 -18.79 4.57
N THR D 16 -14.05 -17.86 5.32
CA THR D 16 -14.34 -16.54 4.80
C THR D 16 -13.02 -15.85 4.48
N PRO D 17 -12.88 -15.40 3.23
CA PRO D 17 -11.64 -14.73 2.83
C PRO D 17 -11.69 -13.23 3.08
N LEU D 18 -10.57 -12.57 2.90
CA LEU D 18 -10.53 -11.10 3.02
C LEU D 18 -10.13 -10.56 1.61
N PRO D 19 -10.56 -9.32 1.28
CA PRO D 19 -10.25 -8.70 -0.02
C PRO D 19 -8.75 -8.83 -0.30
N PHE D 20 -8.45 -9.21 -1.54
CA PHE D 20 -7.10 -9.38 -2.06
C PHE D 20 -6.26 -10.49 -1.44
N ILE D 21 -6.10 -10.50 -0.11
CA ILE D 21 -5.25 -11.54 0.47
C ILE D 21 -5.98 -12.91 0.52
N GLY D 22 -7.27 -12.92 0.21
CA GLY D 22 -7.96 -14.20 0.16
C GLY D 22 -7.96 -14.89 1.51
N ASN D 23 -7.56 -16.18 1.52
CA ASN D 23 -7.50 -16.96 2.73
C ASN D 23 -6.08 -17.05 3.32
N TYR D 24 -5.29 -16.03 3.02
CA TYR D 24 -3.93 -15.90 3.58
C TYR D 24 -3.85 -16.26 5.08
N LEU D 25 -4.76 -15.72 5.92
CA LEU D 25 -4.76 -15.98 7.37
C LEU D 25 -4.93 -17.47 7.77
N GLN D 26 -5.56 -18.26 6.92
CA GLN D 26 -5.74 -19.71 7.23
C GLN D 26 -4.70 -20.58 6.45
N LEU D 27 -3.74 -19.94 5.76
CA LEU D 27 -2.74 -20.69 4.97
C LEU D 27 -1.28 -20.46 5.40
N ASN D 28 -0.52 -21.53 5.62
CA ASN D 28 0.88 -21.45 5.98
C ASN D 28 1.53 -21.81 4.65
N THR D 29 2.14 -20.81 3.98
CA THR D 29 2.69 -21.04 2.65
C THR D 29 3.88 -22.01 2.63
N GLU D 30 4.49 -22.22 3.77
CA GLU D 30 5.57 -23.20 3.86
C GLU D 30 4.97 -24.62 3.87
N GLN D 31 3.72 -24.75 4.28
CA GLN D 31 3.06 -26.09 4.31
C GLN D 31 1.64 -25.96 3.68
N MET D 32 1.57 -25.75 2.38
CA MET D 32 0.26 -25.53 1.73
C MET D 32 -0.62 -26.77 1.84
N TYR D 33 0.00 -27.91 1.60
CA TYR D 33 -0.74 -29.18 1.66
C TYR D 33 -1.32 -29.35 3.04
N ASN D 34 -0.49 -29.26 4.09
CA ASN D 34 -1.03 -29.43 5.42
C ASN D 34 -2.10 -28.40 5.75
N SER D 35 -1.89 -27.16 5.32
CA SER D 35 -2.85 -26.10 5.59
C SER D 35 -4.23 -26.44 4.94
N LEU D 36 -4.17 -26.82 3.65
CA LEU D 36 -5.39 -27.17 2.92
C LEU D 36 -6.08 -28.40 3.52
N MET D 37 -5.30 -29.41 3.95
CA MET D 37 -5.93 -30.63 4.59
C MET D 37 -6.57 -30.23 5.92
N LYS D 38 -5.93 -29.30 6.67
CA LYS D 38 -6.55 -28.88 7.95
C LYS D 38 -7.87 -28.15 7.67
N ILE D 39 -7.94 -27.39 6.59
CA ILE D 39 -9.18 -26.72 6.22
C ILE D 39 -10.26 -27.80 5.79
N SER D 40 -9.82 -28.82 5.09
CA SER D 40 -10.77 -29.89 4.70
C SER D 40 -11.34 -30.61 5.95
N GLU D 41 -10.54 -30.70 7.03
CA GLU D 41 -11.00 -31.35 8.26
C GLU D 41 -12.18 -30.61 8.83
N ARG D 42 -12.24 -29.30 8.54
CA ARG D 42 -13.31 -28.50 9.10
C ARG D 42 -14.44 -28.33 8.14
N TYR D 43 -14.19 -28.31 6.85
CA TYR D 43 -15.26 -28.02 5.89
C TYR D 43 -15.73 -29.15 4.99
N GLY D 44 -14.98 -30.23 4.93
CA GLY D 44 -15.35 -31.30 4.02
C GLY D 44 -14.31 -31.49 2.91
N PRO D 45 -14.41 -32.59 2.11
CA PRO D 45 -13.51 -32.95 1.01
C PRO D 45 -13.56 -32.02 -0.18
N VAL D 46 -14.62 -31.25 -0.29
CA VAL D 46 -14.70 -30.33 -1.42
C VAL D 46 -14.94 -28.96 -0.82
N PHE D 47 -13.98 -28.04 -1.01
CA PHE D 47 -14.15 -26.72 -0.39
C PHE D 47 -13.55 -25.64 -1.24
N THR D 48 -13.88 -24.40 -0.88
CA THR D 48 -13.44 -23.26 -1.67
C THR D 48 -12.37 -22.49 -0.90
N ILE D 49 -11.28 -22.14 -1.60
CA ILE D 49 -10.21 -21.38 -0.95
C ILE D 49 -9.81 -20.23 -1.89
N HIS D 50 -9.24 -19.14 -1.33
CA HIS D 50 -8.81 -18.03 -2.12
C HIS D 50 -7.29 -17.87 -1.90
N LEU D 51 -6.51 -18.22 -2.95
CA LEU D 51 -5.04 -18.17 -2.87
C LEU D 51 -4.86 -16.72 -3.32
N GLY D 52 -4.89 -15.82 -2.34
CA GLY D 52 -4.84 -14.41 -2.68
C GLY D 52 -6.16 -14.18 -3.47
N PRO D 53 -6.12 -13.51 -4.62
CA PRO D 53 -7.34 -13.28 -5.38
C PRO D 53 -7.86 -14.46 -6.20
N ARG D 54 -7.07 -15.54 -6.31
CA ARG D 54 -7.44 -16.73 -7.10
C ARG D 54 -8.41 -17.61 -6.37
N ARG D 55 -9.64 -17.73 -6.84
CA ARG D 55 -10.58 -18.60 -6.17
C ARG D 55 -10.33 -20.01 -6.72
N VAL D 56 -10.21 -20.97 -5.82
CA VAL D 56 -9.92 -22.32 -6.21
C VAL D 56 -10.82 -23.32 -5.46
N VAL D 57 -11.33 -24.35 -6.17
CA VAL D 57 -12.09 -25.39 -5.50
C VAL D 57 -11.07 -26.53 -5.27
N VAL D 58 -10.92 -26.98 -4.04
CA VAL D 58 -9.97 -27.98 -3.65
C VAL D 58 -10.70 -29.33 -3.48
N LEU D 59 -10.12 -30.37 -4.07
CA LEU D 59 -10.73 -31.74 -4.00
C LEU D 59 -9.83 -32.64 -3.15
N CYS D 60 -10.35 -33.18 -2.05
CA CYS D 60 -9.52 -34.04 -1.20
C CYS D 60 -10.09 -35.46 -1.14
N GLY D 61 -9.21 -36.44 -1.03
CA GLY D 61 -9.65 -37.83 -0.92
C GLY D 61 -9.94 -38.48 -2.27
N HIS D 62 -9.82 -39.81 -2.31
CA HIS D 62 -10.07 -40.55 -3.53
C HIS D 62 -11.40 -40.21 -4.22
N ASP D 63 -12.49 -40.31 -3.45
CA ASP D 63 -13.79 -40.11 -4.04
C ASP D 63 -14.02 -38.78 -4.71
N ALA D 64 -13.66 -37.70 -4.02
CA ALA D 64 -13.90 -36.38 -4.65
C ALA D 64 -13.06 -36.21 -5.92
N VAL D 65 -11.80 -36.61 -5.88
CA VAL D 65 -10.90 -36.42 -7.01
C VAL D 65 -11.36 -37.28 -8.21
N ARG D 66 -11.73 -38.54 -7.96
CA ARG D 66 -12.16 -39.40 -9.08
C ARG D 66 -13.51 -38.99 -9.59
N GLU D 67 -14.46 -38.66 -8.73
CA GLU D 67 -15.76 -38.22 -9.22
C GLU D 67 -15.64 -36.99 -10.11
N ALA D 68 -14.70 -36.09 -9.80
CA ALA D 68 -14.56 -34.91 -10.66
C ALA D 68 -13.77 -35.19 -11.92
N LEU D 69 -12.52 -35.61 -11.77
CA LEU D 69 -11.65 -35.76 -12.94
C LEU D 69 -11.98 -36.90 -13.87
N VAL D 70 -12.63 -37.92 -13.34
CA VAL D 70 -13.00 -39.06 -14.19
C VAL D 70 -14.52 -39.11 -14.44
N ASP D 71 -15.37 -39.16 -13.42
CA ASP D 71 -16.81 -39.21 -13.68
C ASP D 71 -17.33 -37.96 -14.39
N GLN D 72 -16.67 -36.80 -14.21
CA GLN D 72 -17.07 -35.62 -14.96
C GLN D 72 -15.80 -35.11 -15.68
N ALA D 73 -15.13 -36.06 -16.32
CA ALA D 73 -13.84 -35.82 -17.01
C ALA D 73 -13.81 -34.59 -17.88
N GLU D 74 -14.80 -34.45 -18.76
CA GLU D 74 -14.81 -33.30 -19.67
C GLU D 74 -14.94 -31.94 -19.02
N GLU D 75 -15.90 -31.82 -18.10
CA GLU D 75 -16.12 -30.55 -17.42
C GLU D 75 -14.87 -30.14 -16.60
N PHE D 76 -14.14 -31.11 -16.05
CA PHE D 76 -12.93 -30.80 -15.31
C PHE D 76 -11.63 -30.87 -16.13
N SER D 77 -11.72 -30.85 -17.47
CA SER D 77 -10.52 -30.98 -18.32
C SER D 77 -9.77 -29.71 -18.69
N GLY D 78 -10.17 -28.57 -18.15
CA GLY D 78 -9.46 -27.35 -18.42
C GLY D 78 -8.18 -27.41 -17.59
N ARG D 79 -7.19 -26.60 -17.96
CA ARG D 79 -5.91 -26.51 -17.26
C ARG D 79 -5.88 -25.18 -16.50
N GLY D 80 -5.57 -25.27 -15.20
CA GLY D 80 -5.50 -24.11 -14.32
C GLY D 80 -4.14 -23.43 -14.35
N GLU D 81 -3.83 -22.61 -13.36
CA GLU D 81 -2.57 -21.87 -13.38
C GLU D 81 -1.45 -22.46 -12.50
N GLN D 82 -0.19 -22.19 -12.85
CA GLN D 82 0.92 -22.49 -11.93
C GLN D 82 1.68 -21.22 -12.26
N ALA D 83 1.59 -20.26 -11.34
CA ALA D 83 2.13 -18.93 -11.63
C ALA D 83 3.59 -18.89 -11.97
N THR D 84 4.42 -19.66 -11.26
CA THR D 84 5.83 -19.60 -11.61
C THR D 84 6.09 -20.10 -13.04
N PHE D 85 5.48 -21.22 -13.42
CA PHE D 85 5.72 -21.74 -14.77
C PHE D 85 5.07 -20.87 -15.82
N ASP D 86 3.90 -20.33 -15.49
CA ASP D 86 3.16 -19.46 -16.42
C ASP D 86 4.05 -18.26 -16.80
N TRP D 87 4.88 -17.81 -15.88
CA TRP D 87 5.76 -16.67 -16.16
C TRP D 87 6.50 -16.87 -17.51
N VAL D 88 6.97 -18.09 -17.77
CA VAL D 88 7.68 -18.30 -19.02
C VAL D 88 6.79 -18.86 -20.11
N PHE D 89 5.85 -19.72 -19.72
CA PHE D 89 5.04 -20.35 -20.75
C PHE D 89 3.95 -19.51 -21.44
N LYS D 90 3.34 -18.66 -20.63
CA LYS D 90 2.28 -17.74 -21.04
C LYS D 90 1.20 -18.39 -21.86
N GLY D 91 0.75 -19.56 -21.41
CA GLY D 91 -0.31 -20.25 -22.11
C GLY D 91 0.10 -21.00 -23.36
N TYR D 92 1.40 -21.04 -23.70
CA TYR D 92 1.87 -21.79 -24.86
C TYR D 92 2.46 -23.16 -24.43
N GLY D 93 2.55 -24.10 -25.36
CA GLY D 93 3.08 -25.42 -25.04
C GLY D 93 1.94 -26.38 -24.71
N VAL D 94 2.25 -27.66 -24.57
CA VAL D 94 1.26 -28.70 -24.32
C VAL D 94 0.76 -28.80 -22.88
N VAL D 95 1.57 -28.44 -21.90
CA VAL D 95 1.17 -28.57 -20.50
C VAL D 95 0.30 -27.44 -19.96
N PHE D 96 0.83 -26.23 -20.04
CA PHE D 96 0.16 -25.09 -19.42
C PHE D 96 -0.64 -24.28 -20.38
N SER D 97 -1.40 -25.00 -21.21
CA SER D 97 -2.24 -24.43 -22.25
C SER D 97 -3.65 -25.06 -22.25
N ASN D 98 -4.56 -24.46 -23.00
CA ASN D 98 -5.93 -24.93 -23.02
C ASN D 98 -6.54 -25.03 -24.41
N GLY D 99 -7.80 -25.45 -24.42
CA GLY D 99 -8.55 -25.57 -25.65
C GLY D 99 -7.89 -26.21 -26.85
N GLU D 100 -8.21 -25.70 -28.02
CA GLU D 100 -7.66 -26.23 -29.27
C GLU D 100 -6.16 -26.35 -29.23
N ARG D 101 -5.48 -25.38 -28.63
CA ARG D 101 -4.04 -25.44 -28.56
C ARG D 101 -3.57 -26.71 -27.85
N ALA D 102 -4.10 -26.93 -26.64
CA ALA D 102 -3.75 -28.11 -25.83
C ALA D 102 -4.15 -29.39 -26.56
N LYS D 103 -5.37 -29.42 -27.10
CA LYS D 103 -5.83 -30.58 -27.83
C LYS D 103 -4.87 -30.95 -28.97
N GLN D 104 -4.46 -29.97 -29.75
CA GLN D 104 -3.56 -30.26 -30.86
C GLN D 104 -2.15 -30.68 -30.43
N LEU D 105 -1.61 -29.98 -29.46
CA LEU D 105 -0.25 -30.26 -29.04
C LEU D 105 -0.19 -31.62 -28.32
N ARG D 106 -1.22 -31.96 -27.56
CA ARG D 106 -1.21 -33.24 -26.84
C ARG D 106 -1.23 -34.40 -27.83
N ARG D 107 -2.17 -34.34 -28.78
CA ARG D 107 -2.29 -35.39 -29.80
C ARG D 107 -0.98 -35.59 -30.54
N PHE D 108 -0.38 -34.51 -31.02
CA PHE D 108 0.87 -34.60 -31.75
C PHE D 108 2.00 -35.13 -30.83
N SER D 109 2.07 -34.63 -29.60
CA SER D 109 3.12 -35.07 -28.69
C SER D 109 3.05 -36.57 -28.41
N ILE D 110 1.85 -37.06 -28.09
CA ILE D 110 1.65 -38.46 -27.79
C ILE D 110 2.02 -39.31 -29.00
N ALA D 111 1.60 -38.87 -30.18
CA ALA D 111 1.90 -39.60 -31.39
C ALA D 111 3.39 -39.63 -31.66
N THR D 112 4.04 -38.46 -31.61
CA THR D 112 5.48 -38.36 -31.86
C THR D 112 6.34 -39.13 -30.84
N LEU D 113 5.91 -39.14 -29.58
CA LEU D 113 6.66 -39.87 -28.56
C LEU D 113 6.55 -41.35 -28.87
N ARG D 114 5.34 -41.76 -29.20
CA ARG D 114 5.07 -43.15 -29.53
C ARG D 114 5.99 -43.57 -30.69
N ASP D 115 6.08 -42.70 -31.70
CA ASP D 115 6.90 -43.02 -32.86
C ASP D 115 8.40 -42.91 -32.70
N PHE D 116 8.85 -42.37 -31.57
CA PHE D 116 10.28 -42.25 -31.31
C PHE D 116 10.75 -43.20 -30.23
N GLY D 117 9.96 -44.27 -30.00
CA GLY D 117 10.34 -45.25 -29.00
C GLY D 117 9.35 -45.54 -27.87
N VAL D 118 9.08 -44.54 -27.03
CA VAL D 118 8.17 -44.68 -25.88
C VAL D 118 7.14 -45.82 -25.92
N GLY D 119 7.18 -46.69 -24.91
CA GLY D 119 6.27 -47.83 -24.86
C GLY D 119 6.68 -49.00 -25.77
N LYS D 120 7.87 -48.90 -26.38
CA LYS D 120 8.42 -49.92 -27.28
C LYS D 120 9.82 -50.34 -26.82
N ARG D 121 10.39 -51.34 -27.47
CA ARG D 121 11.72 -51.83 -27.16
C ARG D 121 12.81 -50.84 -27.59
N GLY D 122 12.45 -49.89 -28.44
CA GLY D 122 13.39 -48.88 -28.90
C GLY D 122 13.78 -48.08 -27.66
N ILE D 123 12.77 -47.48 -27.01
CA ILE D 123 13.01 -46.70 -25.80
C ILE D 123 13.43 -47.65 -24.68
N GLU D 124 12.93 -48.88 -24.69
CA GLU D 124 13.39 -49.82 -23.66
C GLU D 124 14.92 -50.04 -23.77
N GLU D 125 15.41 -50.34 -24.98
CA GLU D 125 16.86 -50.53 -25.15
C GLU D 125 17.61 -49.24 -24.79
N ARG D 126 17.06 -48.11 -25.20
CA ARG D 126 17.68 -46.83 -24.91
C ARG D 126 17.79 -46.59 -23.37
N ILE D 127 16.78 -47.02 -22.61
CA ILE D 127 16.81 -46.82 -21.18
C ILE D 127 17.83 -47.77 -20.58
N GLN D 128 17.84 -49.04 -21.02
CA GLN D 128 18.79 -50.01 -20.50
C GLN D 128 20.23 -49.56 -20.73
N GLU D 129 20.45 -48.97 -21.90
CA GLU D 129 21.80 -48.49 -22.21
C GLU D 129 22.14 -47.33 -21.26
N GLU D 130 21.20 -46.41 -21.07
CA GLU D 130 21.48 -45.32 -20.15
C GLU D 130 21.67 -45.84 -18.72
N ALA D 131 20.94 -46.90 -18.34
CA ALA D 131 21.10 -47.46 -17.00
C ALA D 131 22.52 -48.00 -16.90
N GLY D 132 23.04 -48.57 -18.00
CA GLY D 132 24.38 -49.12 -17.98
C GLY D 132 25.40 -48.04 -17.63
N PHE D 133 25.25 -46.89 -18.27
CA PHE D 133 26.09 -45.75 -18.03
C PHE D 133 25.99 -45.24 -16.56
N LEU D 134 24.80 -45.36 -15.97
CA LEU D 134 24.65 -44.96 -14.57
C LEU D 134 25.43 -45.96 -13.72
N ILE D 135 25.30 -47.26 -14.01
CA ILE D 135 26.04 -48.24 -13.22
C ILE D 135 27.54 -47.94 -13.35
N ASP D 136 27.96 -47.54 -14.55
CA ASP D 136 29.40 -47.27 -14.72
C ASP D 136 29.78 -46.01 -13.91
N ALA D 137 28.92 -44.98 -13.91
CA ALA D 137 29.28 -43.79 -13.15
C ALA D 137 29.31 -44.09 -11.65
N LEU D 138 28.37 -44.93 -11.18
CA LEU D 138 28.31 -45.26 -9.75
C LEU D 138 29.52 -46.12 -9.34
N ARG D 139 29.91 -47.05 -10.20
CA ARG D 139 31.10 -47.89 -9.94
C ARG D 139 32.29 -46.98 -9.79
N GLY D 140 32.38 -46.01 -10.67
CA GLY D 140 33.46 -45.07 -10.70
C GLY D 140 33.61 -44.28 -9.43
N THR D 141 32.57 -44.22 -8.59
CA THR D 141 32.73 -43.45 -7.33
C THR D 141 33.51 -44.32 -6.31
N GLY D 142 33.68 -45.59 -6.62
CA GLY D 142 34.43 -46.48 -5.74
C GLY D 142 33.84 -46.61 -4.34
N GLY D 143 32.55 -46.29 -4.23
CA GLY D 143 31.93 -46.41 -2.92
C GLY D 143 32.11 -45.20 -2.03
N ALA D 144 32.56 -44.08 -2.54
CA ALA D 144 32.71 -42.91 -1.68
C ALA D 144 31.30 -42.42 -1.31
N ASN D 145 31.22 -41.74 -0.18
CA ASN D 145 29.95 -41.16 0.26
C ASN D 145 29.77 -39.95 -0.68
N ILE D 146 28.71 -39.96 -1.49
CA ILE D 146 28.48 -38.89 -2.45
C ILE D 146 27.02 -38.43 -2.44
N ASP D 147 26.76 -37.27 -3.04
CA ASP D 147 25.37 -36.78 -3.19
C ASP D 147 24.91 -37.41 -4.50
N PRO D 148 23.87 -38.27 -4.47
CA PRO D 148 23.40 -38.94 -5.69
C PRO D 148 22.64 -38.12 -6.71
N THR D 149 22.24 -36.93 -6.28
CA THR D 149 21.35 -36.03 -7.06
C THR D 149 21.64 -35.94 -8.53
N PHE D 150 22.85 -35.48 -8.88
CA PHE D 150 23.15 -35.38 -10.31
C PHE D 150 23.53 -36.65 -11.00
N PHE D 151 23.98 -37.68 -10.30
CA PHE D 151 24.22 -38.92 -11.03
C PHE D 151 22.85 -39.41 -11.58
N LEU D 152 21.84 -39.27 -10.73
CA LEU D 152 20.50 -39.70 -11.09
C LEU D 152 19.84 -38.82 -12.17
N SER D 153 19.88 -37.51 -11.99
CA SER D 153 19.26 -36.65 -12.99
C SER D 153 19.94 -36.69 -14.35
N ARG D 154 21.26 -36.85 -14.40
CA ARG D 154 21.92 -36.93 -15.72
C ARG D 154 21.36 -38.14 -16.47
N THR D 155 21.26 -39.26 -15.76
CA THR D 155 20.78 -40.50 -16.34
C THR D 155 19.34 -40.38 -16.82
N VAL D 156 18.49 -39.87 -15.95
CA VAL D 156 17.08 -39.72 -16.28
C VAL D 156 16.91 -38.79 -17.46
N SER D 157 17.53 -37.61 -17.35
CA SER D 157 17.38 -36.60 -18.39
C SER D 157 17.89 -37.09 -19.75
N ASN D 158 18.96 -37.89 -19.72
CA ASN D 158 19.42 -38.38 -21.01
C ASN D 158 18.40 -39.25 -21.74
N VAL D 159 17.36 -39.73 -21.06
CA VAL D 159 16.42 -40.56 -21.82
C VAL D 159 15.53 -39.68 -22.68
N ILE D 160 14.90 -38.67 -22.11
CA ILE D 160 14.03 -37.80 -22.88
C ILE D 160 14.90 -36.90 -23.80
N SER D 161 16.11 -36.58 -23.38
CA SER D 161 17.01 -35.76 -24.21
C SER D 161 17.26 -36.47 -25.57
N SER D 162 17.46 -37.78 -25.51
CA SER D 162 17.67 -38.59 -26.71
C SER D 162 16.47 -38.47 -27.60
N ILE D 163 15.30 -38.42 -26.97
CA ILE D 163 14.03 -38.36 -27.68
C ILE D 163 13.74 -37.01 -28.32
N VAL D 164 13.93 -35.92 -27.59
CA VAL D 164 13.63 -34.62 -28.17
C VAL D 164 14.76 -33.97 -28.95
N PHE D 165 16.00 -34.30 -28.58
CA PHE D 165 17.17 -33.70 -29.24
C PHE D 165 17.93 -34.68 -30.13
N GLY D 166 17.52 -35.95 -30.15
CA GLY D 166 18.18 -36.92 -30.99
C GLY D 166 19.44 -37.60 -30.47
N ASP D 167 19.98 -37.17 -29.34
CA ASP D 167 21.20 -37.82 -28.80
C ASP D 167 21.31 -37.48 -27.32
N ARG D 168 22.09 -38.27 -26.58
CA ARG D 168 22.25 -38.04 -25.16
C ARG D 168 23.36 -37.02 -24.92
N PHE D 169 23.48 -36.47 -23.72
CA PHE D 169 24.57 -35.55 -23.44
C PHE D 169 25.65 -36.41 -22.81
N ASP D 170 26.90 -35.94 -22.83
CA ASP D 170 27.95 -36.72 -22.18
C ASP D 170 27.94 -36.26 -20.70
N TYR D 171 28.17 -37.17 -19.75
CA TYR D 171 28.12 -36.83 -18.34
C TYR D 171 29.08 -35.74 -17.86
N LYS D 172 30.15 -35.50 -18.61
CA LYS D 172 31.12 -34.48 -18.21
C LYS D 172 30.75 -33.14 -18.78
N ASP D 173 29.71 -33.10 -19.62
CA ASP D 173 29.30 -31.84 -20.23
C ASP D 173 28.85 -30.87 -19.11
N LYS D 174 29.53 -29.72 -19.04
CA LYS D 174 29.23 -28.73 -18.00
C LYS D 174 27.93 -28.01 -18.26
N GLU D 175 27.58 -27.79 -19.53
CA GLU D 175 26.34 -27.12 -19.82
C GLU D 175 25.15 -28.02 -19.38
N PHE D 176 25.27 -29.33 -19.62
CA PHE D 176 24.23 -30.30 -19.25
C PHE D 176 24.02 -30.16 -17.71
N LEU D 177 25.10 -30.11 -16.94
CA LEU D 177 24.93 -29.96 -15.49
C LEU D 177 24.24 -28.65 -15.13
N SER D 178 24.59 -27.61 -15.87
CA SER D 178 24.01 -26.30 -15.62
C SER D 178 22.47 -26.38 -15.81
N LEU D 179 22.05 -27.03 -16.89
CA LEU D 179 20.62 -27.20 -17.20
C LEU D 179 19.93 -27.99 -16.11
N LEU D 180 20.59 -29.05 -15.62
CA LEU D 180 20.00 -29.90 -14.54
C LEU D 180 19.86 -29.08 -13.25
N ARG D 181 20.77 -28.15 -13.01
CA ARG D 181 20.68 -27.33 -11.80
C ARG D 181 19.50 -26.33 -11.94
N MET D 182 19.23 -25.86 -13.15
CA MET D 182 18.08 -24.97 -13.39
C MET D 182 16.78 -25.74 -13.07
N MET D 183 16.70 -26.95 -13.57
CA MET D 183 15.52 -27.75 -13.32
C MET D 183 15.35 -28.00 -11.82
N LEU D 184 16.44 -28.41 -11.18
CA LEU D 184 16.39 -28.66 -9.75
C LEU D 184 15.98 -27.38 -8.99
N GLY D 185 16.54 -26.23 -9.39
CA GLY D 185 16.19 -24.99 -8.69
C GLY D 185 14.75 -24.53 -8.89
N ILE D 186 14.19 -24.76 -10.08
CA ILE D 186 12.82 -24.34 -10.31
C ILE D 186 11.88 -25.23 -9.50
N PHE D 187 12.13 -26.54 -9.47
CA PHE D 187 11.27 -27.41 -8.64
C PHE D 187 11.43 -27.09 -7.15
N GLN D 188 12.65 -26.76 -6.71
CA GLN D 188 12.80 -26.42 -5.29
C GLN D 188 12.05 -25.11 -5.00
N PHE D 189 12.28 -24.10 -5.85
CA PHE D 189 11.63 -22.80 -5.64
C PHE D 189 10.12 -22.91 -5.51
N THR D 190 9.47 -23.64 -6.42
CA THR D 190 8.03 -23.71 -6.38
C THR D 190 7.51 -24.53 -5.19
N SER D 191 8.43 -25.14 -4.46
CA SER D 191 8.02 -25.96 -3.30
C SER D 191 8.32 -25.24 -1.98
N THR D 192 8.91 -24.03 -2.07
CA THR D 192 9.19 -23.25 -0.89
C THR D 192 8.03 -22.33 -0.49
N SER D 193 8.14 -21.76 0.69
CA SER D 193 7.14 -20.82 1.14
C SER D 193 6.98 -19.63 0.14
N THR D 194 8.11 -19.08 -0.32
CA THR D 194 8.03 -17.97 -1.26
C THR D 194 7.43 -18.41 -2.57
N GLY D 195 7.76 -19.63 -2.99
CA GLY D 195 7.16 -20.14 -4.22
C GLY D 195 5.63 -20.27 -4.08
N GLN D 196 5.14 -20.67 -2.91
CA GLN D 196 3.68 -20.82 -2.75
C GLN D 196 3.06 -19.45 -2.48
N LEU D 197 3.82 -18.53 -1.88
CA LEU D 197 3.28 -17.18 -1.71
C LEU D 197 3.13 -16.55 -3.13
N TYR D 198 4.06 -16.88 -4.04
CA TYR D 198 4.03 -16.36 -5.39
C TYR D 198 2.76 -16.84 -6.12
N GLU D 199 2.27 -18.03 -5.78
CA GLU D 199 1.01 -18.51 -6.39
C GLU D 199 -0.14 -17.62 -5.98
N MET D 200 -0.06 -17.00 -4.81
CA MET D 200 -1.13 -16.11 -4.43
C MET D 200 -1.00 -14.68 -4.94
N PHE D 201 0.23 -14.21 -4.95
CA PHE D 201 0.46 -12.80 -5.22
C PHE D 201 1.36 -12.47 -6.40
N SER D 202 1.38 -13.34 -7.41
CA SER D 202 2.23 -13.08 -8.56
C SER D 202 2.06 -11.72 -9.24
N SER D 203 0.83 -11.20 -9.31
CA SER D 203 0.56 -9.91 -10.00
C SER D 203 1.45 -8.79 -9.43
N VAL D 204 1.78 -8.89 -8.14
CA VAL D 204 2.68 -7.93 -7.53
C VAL D 204 4.12 -8.49 -7.49
N MET D 205 4.28 -9.69 -6.96
CA MET D 205 5.62 -10.26 -6.81
C MET D 205 6.42 -10.43 -8.07
N LYS D 206 5.78 -10.53 -9.22
CA LYS D 206 6.56 -10.71 -10.42
C LYS D 206 7.35 -9.42 -10.72
N HIS D 207 6.97 -8.29 -10.08
CA HIS D 207 7.70 -7.00 -10.28
C HIS D 207 8.63 -6.63 -9.12
N LEU D 208 8.79 -7.52 -8.14
CA LEU D 208 9.57 -7.25 -6.94
C LEU D 208 10.80 -8.13 -6.87
N PRO D 209 11.86 -7.65 -6.23
CA PRO D 209 13.06 -8.50 -6.13
C PRO D 209 12.76 -9.61 -5.13
N GLY D 210 13.45 -10.73 -5.28
CA GLY D 210 13.20 -11.82 -4.35
C GLY D 210 13.58 -13.12 -4.98
N PRO D 211 13.48 -14.22 -4.26
CA PRO D 211 13.84 -15.55 -4.81
C PRO D 211 13.12 -15.85 -6.14
N GLN D 212 11.90 -15.31 -6.30
CA GLN D 212 11.18 -15.55 -7.55
C GLN D 212 11.93 -15.04 -8.77
N GLN D 213 12.66 -13.92 -8.63
CA GLN D 213 13.40 -13.41 -9.82
C GLN D 213 14.51 -14.40 -10.21
N GLN D 214 15.12 -15.05 -9.24
CA GLN D 214 16.17 -16.03 -9.59
C GLN D 214 15.52 -17.25 -10.29
N ALA D 215 14.31 -17.64 -9.82
CA ALA D 215 13.57 -18.76 -10.46
C ALA D 215 13.24 -18.39 -11.89
N PHE D 216 12.82 -17.14 -12.14
CA PHE D 216 12.51 -16.74 -13.50
C PHE D 216 13.77 -16.90 -14.36
N GLN D 217 14.92 -16.50 -13.82
CA GLN D 217 16.16 -16.59 -14.62
C GLN D 217 16.47 -18.04 -14.91
N LEU D 218 16.22 -18.93 -13.94
CA LEU D 218 16.44 -20.34 -14.21
C LEU D 218 15.54 -20.79 -15.40
N LEU D 219 14.27 -20.35 -15.43
CA LEU D 219 13.34 -20.70 -16.51
C LEU D 219 13.82 -20.03 -17.82
N GLN D 220 14.30 -18.80 -17.74
CA GLN D 220 14.79 -18.11 -18.93
C GLN D 220 15.99 -18.92 -19.51
N GLY D 221 16.82 -19.46 -18.64
CA GLY D 221 17.97 -20.23 -19.09
C GLY D 221 17.61 -21.48 -19.87
N LEU D 222 16.61 -22.19 -19.35
CA LEU D 222 16.15 -23.41 -20.00
C LEU D 222 15.51 -23.06 -21.33
N GLU D 223 14.70 -22.00 -21.38
CA GLU D 223 14.06 -21.65 -22.64
C GLU D 223 15.10 -21.32 -23.71
N ASP D 224 16.12 -20.55 -23.33
CA ASP D 224 17.15 -20.13 -24.28
C ASP D 224 17.88 -21.31 -24.87
N PHE D 225 18.15 -22.32 -24.03
CA PHE D 225 18.84 -23.50 -24.50
C PHE D 225 17.97 -24.22 -25.52
N ILE D 226 16.68 -24.34 -25.23
CA ILE D 226 15.80 -25.02 -26.16
C ILE D 226 15.73 -24.27 -27.50
N ALA D 227 15.61 -22.95 -27.45
CA ALA D 227 15.49 -22.16 -28.69
C ALA D 227 16.77 -22.30 -29.52
N LYS D 228 17.90 -22.31 -28.84
CA LYS D 228 19.19 -22.45 -29.52
C LYS D 228 19.23 -23.82 -30.19
N LYS D 229 18.71 -24.86 -29.53
CA LYS D 229 18.71 -26.20 -30.12
C LYS D 229 17.73 -26.34 -31.31
N VAL D 230 16.51 -25.79 -31.18
CA VAL D 230 15.54 -25.90 -32.26
C VAL D 230 16.14 -25.21 -33.50
N GLU D 231 16.84 -24.11 -33.26
CA GLU D 231 17.48 -23.40 -34.36
C GLU D 231 18.48 -24.30 -35.08
N HIS D 232 19.36 -24.97 -34.32
CA HIS D 232 20.33 -25.86 -34.94
C HIS D 232 19.66 -26.89 -35.81
N ASN D 233 18.59 -27.46 -35.29
CA ASN D 233 17.87 -28.47 -36.04
C ASN D 233 17.29 -27.82 -37.29
N GLN D 234 16.96 -26.53 -37.18
CA GLN D 234 16.39 -25.79 -38.30
C GLN D 234 17.36 -25.68 -39.47
N ARG D 235 18.64 -25.94 -39.24
CA ARG D 235 19.61 -25.90 -40.32
C ARG D 235 19.74 -27.27 -40.98
N THR D 236 20.24 -28.22 -40.23
CA THR D 236 20.42 -29.56 -40.76
C THR D 236 19.11 -30.28 -40.98
N LEU D 237 17.98 -29.58 -40.87
CA LEU D 237 16.71 -30.29 -41.02
C LEU D 237 16.57 -31.04 -42.33
N ASP D 238 16.18 -32.31 -42.21
CA ASP D 238 15.95 -33.14 -43.38
C ASP D 238 14.47 -33.50 -43.40
N PRO D 239 13.63 -32.64 -44.01
CA PRO D 239 12.18 -32.88 -44.08
C PRO D 239 11.75 -34.32 -44.31
N ASN D 240 12.68 -35.15 -44.79
CA ASN D 240 12.34 -36.54 -45.07
C ASN D 240 12.61 -37.53 -43.97
N SER D 241 13.69 -37.26 -43.22
CA SER D 241 14.08 -38.15 -42.13
C SER D 241 14.25 -37.40 -40.80
N PRO D 242 13.18 -37.39 -39.98
CA PRO D 242 13.25 -36.71 -38.68
C PRO D 242 14.22 -37.41 -37.75
N ARG D 243 15.06 -36.63 -37.08
CA ARG D 243 16.02 -37.21 -36.16
C ARG D 243 15.43 -37.32 -34.76
N ASP D 244 14.59 -36.37 -34.42
CA ASP D 244 14.05 -36.31 -33.07
C ASP D 244 12.70 -35.57 -33.04
N PHE D 245 12.20 -35.36 -31.83
CA PHE D 245 10.92 -34.69 -31.66
C PHE D 245 10.91 -33.30 -32.28
N ILE D 246 12.00 -32.55 -32.16
CA ILE D 246 12.06 -31.20 -32.70
C ILE D 246 11.91 -31.20 -34.24
N ASP D 247 12.63 -32.12 -34.89
CA ASP D 247 12.53 -32.28 -36.34
C ASP D 247 11.09 -32.56 -36.74
N SER D 248 10.46 -33.53 -36.10
CA SER D 248 9.09 -33.89 -36.43
C SER D 248 8.12 -32.71 -36.30
N PHE D 249 8.33 -31.88 -35.27
CA PHE D 249 7.49 -30.73 -35.09
C PHE D 249 7.82 -29.69 -36.18
N LEU D 250 9.10 -29.51 -36.48
CA LEU D 250 9.54 -28.53 -37.50
C LEU D 250 8.90 -28.80 -38.86
N ILE D 251 8.74 -30.08 -39.14
CA ILE D 251 8.14 -30.54 -40.36
C ILE D 251 6.66 -30.17 -40.36
N ARG D 252 5.95 -30.59 -39.32
CA ARG D 252 4.53 -30.30 -39.18
C ARG D 252 4.33 -28.80 -39.35
N MET D 253 5.24 -28.00 -38.79
CA MET D 253 5.17 -26.55 -38.93
C MET D 253 5.24 -26.19 -40.43
N GLN D 254 6.14 -26.85 -41.13
CA GLN D 254 6.34 -26.65 -42.58
C GLN D 254 5.00 -26.80 -43.34
N GLU D 255 4.31 -27.91 -43.08
CA GLU D 255 3.06 -28.23 -43.74
C GLU D 255 1.92 -27.28 -43.39
N GLU D 256 1.89 -26.82 -42.15
CA GLU D 256 0.85 -25.92 -41.67
C GLU D 256 1.13 -24.47 -41.99
N GLU D 257 2.19 -24.22 -42.76
CA GLU D 257 2.57 -22.86 -43.13
C GLU D 257 1.36 -22.14 -43.70
N LYS D 258 0.55 -22.88 -44.45
CA LYS D 258 -0.61 -22.26 -45.07
C LYS D 258 -1.89 -22.16 -44.23
N ASN D 259 -1.92 -22.81 -43.06
CA ASN D 259 -3.07 -22.73 -42.17
C ASN D 259 -2.86 -21.57 -41.20
N PRO D 260 -3.59 -20.47 -41.42
CA PRO D 260 -3.46 -19.28 -40.56
C PRO D 260 -3.86 -19.52 -39.10
N ASN D 261 -4.65 -20.56 -38.85
CA ASN D 261 -5.08 -20.83 -37.48
C ASN D 261 -4.36 -22.01 -36.88
N THR D 262 -3.24 -22.38 -37.49
CA THR D 262 -2.46 -23.53 -37.01
C THR D 262 -1.88 -23.27 -35.61
N GLU D 263 -1.72 -24.34 -34.82
CA GLU D 263 -1.11 -24.22 -33.47
C GLU D 263 0.36 -24.62 -33.61
N PHE D 264 0.71 -25.11 -34.78
CA PHE D 264 2.08 -25.54 -35.04
C PHE D 264 2.97 -24.43 -35.55
N TYR D 265 3.55 -23.69 -34.61
CA TYR D 265 4.46 -22.59 -34.92
C TYR D 265 5.57 -22.57 -33.88
N LEU D 266 6.67 -21.90 -34.19
CA LEU D 266 7.82 -21.85 -33.30
C LEU D 266 7.59 -21.76 -31.78
N LYS D 267 6.77 -20.82 -31.32
CA LYS D 267 6.59 -20.69 -29.88
C LYS D 267 6.09 -21.94 -29.21
N ASN D 268 5.16 -22.62 -29.87
CA ASN D 268 4.60 -23.86 -29.35
C ASN D 268 5.64 -24.97 -29.42
N LEU D 269 6.52 -24.90 -30.42
CA LEU D 269 7.59 -25.91 -30.53
C LEU D 269 8.52 -25.74 -29.35
N VAL D 270 9.03 -24.53 -29.16
CA VAL D 270 9.93 -24.24 -28.06
C VAL D 270 9.29 -24.64 -26.72
N MET D 271 8.11 -24.09 -26.43
CA MET D 271 7.44 -24.43 -25.17
C MET D 271 7.08 -25.90 -25.00
N THR D 272 6.60 -26.58 -26.03
CA THR D 272 6.29 -28.00 -25.85
C THR D 272 7.57 -28.82 -25.58
N THR D 273 8.64 -28.47 -26.28
CA THR D 273 9.89 -29.18 -26.08
C THR D 273 10.44 -28.93 -24.65
N LEU D 274 10.32 -27.69 -24.20
CA LEU D 274 10.76 -27.34 -22.85
C LEU D 274 9.91 -28.15 -21.84
N ASN D 275 8.60 -28.25 -22.08
CA ASN D 275 7.68 -29.04 -21.20
C ASN D 275 8.16 -30.51 -21.08
N LEU D 276 8.56 -31.09 -22.22
CA LEU D 276 9.01 -32.48 -22.20
C LEU D 276 10.38 -32.66 -21.55
N PHE D 277 11.32 -31.79 -21.89
CA PHE D 277 12.68 -31.86 -21.32
C PHE D 277 12.61 -31.72 -19.78
N ILE D 278 11.83 -30.76 -19.29
CA ILE D 278 11.71 -30.58 -17.83
C ILE D 278 10.88 -31.68 -17.24
N GLY D 279 9.70 -31.85 -17.82
CA GLY D 279 8.81 -32.89 -17.34
C GLY D 279 9.37 -34.28 -17.40
N GLY D 280 10.16 -34.59 -18.40
CA GLY D 280 10.70 -35.93 -18.48
C GLY D 280 11.93 -36.15 -17.64
N THR D 281 12.42 -35.08 -16.99
CA THR D 281 13.60 -35.16 -16.16
C THR D 281 13.35 -35.09 -14.65
N GLU D 282 12.80 -33.98 -14.20
CA GLU D 282 12.75 -33.76 -12.76
C GLU D 282 11.89 -34.61 -11.85
N THR D 283 10.71 -34.99 -12.31
CA THR D 283 9.85 -35.80 -11.44
C THR D 283 10.39 -37.24 -11.26
N VAL D 284 10.91 -37.84 -12.34
CA VAL D 284 11.46 -39.18 -12.20
C VAL D 284 12.74 -39.11 -11.35
N SER D 285 13.54 -38.06 -11.59
CA SER D 285 14.78 -37.89 -10.84
C SER D 285 14.51 -37.78 -9.33
N THR D 286 13.49 -36.97 -8.99
CA THR D 286 13.16 -36.79 -7.57
C THR D 286 12.64 -38.07 -6.99
N THR D 287 11.87 -38.83 -7.79
CA THR D 287 11.31 -40.10 -7.31
C THR D 287 12.44 -41.14 -6.97
N LEU D 288 13.41 -41.24 -7.86
CA LEU D 288 14.54 -42.15 -7.65
C LEU D 288 15.29 -41.70 -6.41
N ARG D 289 15.54 -40.40 -6.31
CA ARG D 289 16.32 -39.89 -5.17
C ARG D 289 15.60 -40.16 -3.83
N TYR D 290 14.30 -39.93 -3.80
CA TYR D 290 13.54 -40.15 -2.57
C TYR D 290 13.49 -41.68 -2.30
N GLY D 291 13.38 -42.44 -3.39
CA GLY D 291 13.33 -43.89 -3.28
C GLY D 291 14.57 -44.51 -2.63
N PHE D 292 15.78 -44.05 -3.00
CA PHE D 292 16.99 -44.66 -2.41
C PHE D 292 17.10 -44.28 -0.94
N LEU D 293 16.67 -43.08 -0.62
CA LEU D 293 16.70 -42.67 0.76
C LEU D 293 15.74 -43.57 1.55
N LEU D 294 14.58 -43.88 0.97
CA LEU D 294 13.63 -44.74 1.67
C LEU D 294 14.19 -46.16 1.86
N LEU D 295 14.92 -46.66 0.86
CA LEU D 295 15.51 -47.99 0.94
C LEU D 295 16.58 -48.06 2.00
N MET D 296 17.32 -46.98 2.22
CA MET D 296 18.35 -47.02 3.27
C MET D 296 17.67 -46.91 4.65
N LYS D 297 16.56 -46.18 4.71
CA LYS D 297 15.81 -46.07 5.97
C LYS D 297 15.20 -47.44 6.34
N HIS D 298 14.85 -48.26 5.35
CA HIS D 298 14.27 -49.56 5.61
C HIS D 298 15.11 -50.72 5.05
N PRO D 299 16.26 -51.04 5.71
CA PRO D 299 17.19 -52.12 5.32
C PRO D 299 16.48 -53.45 5.03
N GLU D 300 15.44 -53.79 5.79
CA GLU D 300 14.73 -55.04 5.54
C GLU D 300 14.04 -55.05 4.19
N VAL D 301 13.65 -53.88 3.70
CA VAL D 301 12.99 -53.79 2.40
C VAL D 301 14.01 -53.98 1.29
N GLU D 302 15.16 -53.32 1.46
CA GLU D 302 16.25 -53.47 0.49
C GLU D 302 16.62 -54.95 0.39
N ALA D 303 16.69 -55.62 1.55
CA ALA D 303 17.06 -57.04 1.58
C ALA D 303 16.10 -57.91 0.77
N LYS D 304 14.80 -57.64 0.84
CA LYS D 304 13.83 -58.42 0.10
C LYS D 304 13.88 -58.13 -1.39
N VAL D 305 14.24 -56.90 -1.73
CA VAL D 305 14.37 -56.51 -3.13
C VAL D 305 15.60 -57.29 -3.71
N HIS D 306 16.68 -57.33 -2.96
CA HIS D 306 17.86 -58.11 -3.44
C HIS D 306 17.54 -59.60 -3.61
N GLU D 307 16.82 -60.19 -2.65
CA GLU D 307 16.48 -61.62 -2.74
C GLU D 307 15.67 -61.88 -4.02
N GLU D 308 14.76 -60.97 -4.34
CA GLU D 308 13.96 -61.14 -5.52
C GLU D 308 14.74 -60.90 -6.80
N ILE D 309 15.62 -59.91 -6.79
CA ILE D 309 16.36 -59.65 -8.01
C ILE D 309 17.34 -60.81 -8.29
N ASP D 310 17.98 -61.29 -7.24
CA ASP D 310 18.95 -62.36 -7.40
C ASP D 310 18.31 -63.65 -7.89
N ARG D 311 17.11 -63.90 -7.43
CA ARG D 311 16.38 -65.11 -7.79
C ARG D 311 15.78 -65.02 -9.18
N VAL D 312 15.15 -63.89 -9.50
CA VAL D 312 14.52 -63.76 -10.80
C VAL D 312 15.43 -63.34 -11.94
N ILE D 313 16.31 -62.37 -11.68
CA ILE D 313 17.20 -61.88 -12.74
C ILE D 313 18.65 -62.40 -12.71
N GLY D 314 19.24 -62.50 -11.52
CA GLY D 314 20.61 -62.93 -11.42
C GLY D 314 21.54 -61.72 -11.44
N LYS D 315 22.84 -61.95 -11.59
CA LYS D 315 23.79 -60.86 -11.59
C LYS D 315 24.40 -60.58 -12.95
N ASN D 316 24.10 -61.43 -13.93
CA ASN D 316 24.72 -61.25 -15.23
C ASN D 316 23.94 -60.38 -16.22
N ARG D 317 22.75 -60.83 -16.60
CA ARG D 317 21.95 -60.09 -17.57
C ARG D 317 21.30 -58.80 -17.03
N GLN D 318 21.17 -57.80 -17.90
CA GLN D 318 20.55 -56.60 -17.42
C GLN D 318 19.02 -56.74 -17.35
N PRO D 319 18.39 -56.07 -16.39
CA PRO D 319 16.93 -56.14 -16.26
C PRO D 319 16.21 -55.71 -17.56
N LYS D 320 15.05 -56.30 -17.80
CA LYS D 320 14.21 -55.97 -18.95
C LYS D 320 12.86 -55.60 -18.31
N PHE D 321 12.07 -54.77 -18.96
CA PHE D 321 10.80 -54.37 -18.34
C PHE D 321 9.89 -55.60 -18.05
N GLU D 322 9.97 -56.62 -18.90
CA GLU D 322 9.14 -57.82 -18.73
C GLU D 322 9.39 -58.50 -17.38
N ASP D 323 10.60 -58.33 -16.83
CA ASP D 323 10.94 -59.00 -15.56
C ASP D 323 9.99 -58.62 -14.42
N ARG D 324 9.33 -57.49 -14.56
CA ARG D 324 8.45 -57.03 -13.49
C ARG D 324 7.32 -58.03 -13.20
N ALA D 325 6.87 -58.74 -14.21
CA ALA D 325 5.81 -59.72 -14.02
C ALA D 325 6.24 -60.76 -12.98
N LYS D 326 7.52 -61.06 -12.87
CA LYS D 326 7.94 -62.03 -11.86
C LYS D 326 8.48 -61.34 -10.60
N MET D 327 8.36 -60.00 -10.54
CA MET D 327 8.90 -59.31 -9.38
C MET D 327 7.84 -58.42 -8.68
N PRO D 328 6.82 -59.06 -8.11
CA PRO D 328 5.78 -58.34 -7.41
C PRO D 328 6.33 -57.55 -6.22
N TYR D 329 7.40 -58.00 -5.57
CA TYR D 329 7.86 -57.20 -4.45
C TYR D 329 8.51 -55.88 -4.97
N MET D 330 9.35 -55.97 -6.01
CA MET D 330 9.98 -54.75 -6.56
C MET D 330 8.85 -53.81 -7.05
N GLU D 331 7.86 -54.36 -7.75
CA GLU D 331 6.76 -53.53 -8.21
C GLU D 331 6.01 -52.87 -7.07
N ALA D 332 5.80 -53.60 -5.97
CA ALA D 332 5.13 -53.04 -4.80
C ALA D 332 6.01 -51.95 -4.19
N VAL D 333 7.31 -52.18 -4.16
CA VAL D 333 8.22 -51.19 -3.58
C VAL D 333 8.23 -49.87 -4.39
N ILE D 334 8.15 -49.97 -5.72
CA ILE D 334 8.20 -48.77 -6.56
C ILE D 334 6.88 -48.02 -6.40
N HIS D 335 5.79 -48.77 -6.37
CA HIS D 335 4.48 -48.13 -6.18
C HIS D 335 4.46 -47.43 -4.82
N GLU D 336 4.96 -48.08 -3.77
CA GLU D 336 5.02 -47.49 -2.46
C GLU D 336 5.94 -46.28 -2.43
N ILE D 337 7.00 -46.30 -3.23
CA ILE D 337 7.90 -45.14 -3.24
C ILE D 337 7.15 -43.95 -3.88
N GLN D 338 6.39 -44.19 -4.95
CA GLN D 338 5.63 -43.11 -5.61
C GLN D 338 4.48 -42.64 -4.69
N ARG D 339 3.87 -43.59 -3.99
CA ARG D 339 2.79 -43.24 -3.07
C ARG D 339 3.28 -42.41 -1.87
N PHE D 340 4.35 -42.86 -1.22
CA PHE D 340 4.90 -42.17 -0.08
C PHE D 340 5.53 -40.87 -0.49
N GLY D 341 6.23 -40.91 -1.63
CA GLY D 341 6.96 -39.73 -2.13
C GLY D 341 6.06 -38.58 -2.50
N ASP D 342 4.91 -38.92 -3.08
CA ASP D 342 3.85 -37.92 -3.40
C ASP D 342 4.50 -36.70 -4.07
N VAL D 343 5.24 -36.94 -5.15
CA VAL D 343 6.08 -35.90 -5.76
C VAL D 343 5.40 -34.66 -6.30
N ILE D 344 4.14 -34.76 -6.78
CA ILE D 344 3.38 -33.58 -7.24
C ILE D 344 2.11 -33.71 -6.36
N PRO D 345 2.18 -33.22 -5.11
CA PRO D 345 1.07 -33.33 -4.17
C PRO D 345 -0.27 -32.72 -4.47
N MET D 346 -0.30 -31.65 -5.24
CA MET D 346 -1.57 -31.00 -5.59
C MET D 346 -1.78 -31.05 -7.08
N SER D 347 -1.14 -32.02 -7.74
CA SER D 347 -1.22 -32.19 -9.19
C SER D 347 -0.82 -30.89 -9.89
N LEU D 348 -1.24 -30.76 -11.15
CA LEU D 348 -1.13 -29.47 -11.85
C LEU D 348 -2.60 -29.06 -11.84
N ALA D 349 -2.85 -27.80 -11.53
CA ALA D 349 -4.24 -27.34 -11.48
C ALA D 349 -5.13 -27.55 -12.69
N ARG D 350 -6.41 -27.86 -12.41
CA ARG D 350 -7.40 -28.01 -13.47
C ARG D 350 -8.30 -26.74 -13.42
N ARG D 351 -9.24 -26.66 -14.34
CA ARG D 351 -10.16 -25.52 -14.43
C ARG D 351 -11.46 -26.08 -15.07
N VAL D 352 -12.65 -25.70 -14.62
CA VAL D 352 -13.83 -26.25 -15.29
C VAL D 352 -14.10 -25.53 -16.62
N LYS D 353 -14.42 -26.32 -17.63
CA LYS D 353 -14.67 -25.88 -19.01
C LYS D 353 -15.90 -24.99 -19.18
N LYS D 354 -16.95 -25.28 -18.39
CA LYS D 354 -18.23 -24.54 -18.44
C LYS D 354 -18.83 -24.52 -17.02
N ASP D 355 -20.00 -23.89 -16.89
CA ASP D 355 -20.71 -23.87 -15.64
C ASP D 355 -20.91 -25.33 -15.36
N THR D 356 -20.60 -25.75 -14.15
CA THR D 356 -20.67 -27.12 -13.78
C THR D 356 -21.37 -27.40 -12.43
N LYS D 357 -22.19 -28.45 -12.40
CA LYS D 357 -22.82 -28.87 -11.15
C LYS D 357 -21.99 -30.05 -10.72
N PHE D 358 -21.40 -29.94 -9.55
CA PHE D 358 -20.59 -31.05 -9.04
C PHE D 358 -21.11 -31.29 -7.62
N ARG D 359 -21.59 -32.51 -7.38
CA ARG D 359 -22.18 -32.83 -6.08
C ARG D 359 -23.25 -31.76 -5.80
N ASP D 360 -23.31 -31.18 -4.62
CA ASP D 360 -24.40 -30.18 -4.45
C ASP D 360 -23.94 -28.76 -4.79
N PHE D 361 -22.89 -28.63 -5.58
CA PHE D 361 -22.34 -27.31 -5.84
C PHE D 361 -22.39 -26.86 -7.26
N PHE D 362 -22.24 -25.55 -7.40
CA PHE D 362 -22.22 -24.91 -8.69
C PHE D 362 -20.84 -24.26 -8.87
N LEU D 363 -20.13 -24.66 -9.90
CA LEU D 363 -18.79 -24.09 -10.16
C LEU D 363 -18.89 -23.35 -11.49
N PRO D 364 -18.76 -22.01 -11.46
CA PRO D 364 -18.82 -21.14 -12.65
C PRO D 364 -17.71 -21.51 -13.62
N LYS D 365 -18.01 -21.38 -14.91
CA LYS D 365 -17.03 -21.65 -15.94
C LYS D 365 -15.72 -20.90 -15.60
N GLY D 366 -14.58 -21.58 -15.70
CA GLY D 366 -13.31 -20.93 -15.40
C GLY D 366 -12.80 -21.13 -13.98
N THR D 367 -13.60 -21.75 -13.10
CA THR D 367 -13.19 -21.94 -11.74
C THR D 367 -11.98 -22.89 -11.71
N GLU D 368 -10.91 -22.48 -11.04
CA GLU D 368 -9.72 -23.30 -10.95
C GLU D 368 -9.98 -24.41 -9.95
N VAL D 369 -9.29 -25.53 -10.14
CA VAL D 369 -9.53 -26.69 -9.27
C VAL D 369 -8.20 -27.29 -8.85
N TYR D 370 -8.04 -27.58 -7.58
CA TYR D 370 -6.82 -28.21 -7.07
C TYR D 370 -7.14 -29.69 -6.68
N PRO D 371 -6.71 -30.66 -7.51
CA PRO D 371 -6.98 -32.07 -7.13
C PRO D 371 -5.81 -32.47 -6.22
N MET D 372 -6.10 -32.70 -4.94
CA MET D 372 -5.07 -33.02 -3.97
C MET D 372 -4.63 -34.50 -4.05
N LEU D 373 -3.83 -34.81 -5.06
CA LEU D 373 -3.33 -36.17 -5.27
C LEU D 373 -2.74 -36.77 -4.01
N GLY D 374 -1.98 -36.00 -3.26
CA GLY D 374 -1.40 -36.53 -2.02
C GLY D 374 -2.47 -37.02 -1.02
N SER D 375 -3.66 -36.43 -1.05
CA SER D 375 -4.75 -36.85 -0.12
C SER D 375 -5.36 -38.14 -0.64
N VAL D 376 -5.11 -38.46 -1.92
CA VAL D 376 -5.64 -39.73 -2.53
C VAL D 376 -4.58 -40.80 -2.19
N LEU D 377 -3.30 -40.47 -2.41
CA LEU D 377 -2.19 -41.37 -2.11
C LEU D 377 -2.17 -41.75 -0.60
N ARG D 378 -2.65 -40.87 0.26
CA ARG D 378 -2.73 -41.18 1.70
C ARG D 378 -4.17 -41.39 2.20
N ASP D 379 -5.08 -41.74 1.31
CA ASP D 379 -6.48 -41.89 1.70
C ASP D 379 -6.56 -43.13 2.62
N PRO D 380 -6.99 -42.93 3.88
CA PRO D 380 -7.08 -44.06 4.82
C PRO D 380 -8.11 -45.11 4.48
N SER D 381 -8.96 -44.85 3.51
CA SER D 381 -9.92 -45.88 3.10
C SER D 381 -9.26 -46.77 2.10
N PHE D 382 -8.05 -46.38 1.65
CA PHE D 382 -7.38 -47.22 0.68
C PHE D 382 -6.05 -47.79 1.16
N PHE D 383 -5.44 -47.20 2.15
CA PHE D 383 -4.16 -47.69 2.62
C PHE D 383 -4.22 -47.81 4.11
N SER D 384 -3.87 -49.00 4.63
CA SER D 384 -3.95 -49.23 6.09
C SER D 384 -3.04 -48.34 6.96
N ASN D 385 -1.82 -48.02 6.52
CA ASN D 385 -0.93 -47.14 7.31
C ASN D 385 -0.34 -46.11 6.35
N PRO D 386 -1.20 -45.22 5.81
CA PRO D 386 -0.83 -44.19 4.85
C PRO D 386 0.36 -43.33 5.20
N GLN D 387 0.66 -43.15 6.48
CA GLN D 387 1.80 -42.32 6.85
C GLN D 387 3.09 -43.14 6.94
N ASP D 388 3.02 -44.45 6.77
CA ASP D 388 4.24 -45.26 6.83
C ASP D 388 4.70 -45.69 5.45
N PHE D 389 5.97 -46.04 5.32
CA PHE D 389 6.46 -46.54 4.06
C PHE D 389 6.32 -48.04 4.24
N ASN D 390 5.44 -48.64 3.45
CA ASN D 390 5.20 -50.06 3.59
C ASN D 390 4.71 -50.70 2.27
N PRO D 391 5.60 -51.44 1.59
CA PRO D 391 5.25 -52.11 0.33
C PRO D 391 4.05 -53.01 0.41
N GLN D 392 3.71 -53.45 1.64
CA GLN D 392 2.55 -54.32 1.84
C GLN D 392 1.31 -53.60 1.33
N HIS D 393 1.38 -52.26 1.20
CA HIS D 393 0.21 -51.53 0.69
C HIS D 393 -0.15 -51.97 -0.74
N PHE D 394 0.77 -52.59 -1.47
CA PHE D 394 0.54 -53.03 -2.84
C PHE D 394 0.76 -54.55 -3.04
N LEU D 395 0.60 -55.32 -1.98
CA LEU D 395 0.75 -56.79 -2.04
C LEU D 395 -0.49 -57.45 -1.38
N ASN D 396 -1.01 -58.55 -1.93
CA ASN D 396 -2.13 -59.22 -1.23
C ASN D 396 -1.51 -60.28 -0.27
N GLU D 397 -2.35 -61.08 0.40
CA GLU D 397 -1.85 -62.04 1.41
C GLU D 397 -0.85 -63.04 0.84
N LYS D 398 -1.01 -63.40 -0.43
CA LYS D 398 -0.09 -64.33 -1.05
C LYS D 398 1.12 -63.68 -1.73
N GLY D 399 1.39 -62.40 -1.42
CA GLY D 399 2.53 -61.76 -2.05
C GLY D 399 2.45 -61.40 -3.53
N GLN D 400 1.26 -61.38 -4.13
CA GLN D 400 1.16 -60.95 -5.54
C GLN D 400 0.94 -59.41 -5.58
N PHE D 401 1.31 -58.77 -6.68
CA PHE D 401 1.13 -57.31 -6.75
C PHE D 401 -0.36 -56.96 -6.76
N LYS D 402 -0.73 -55.95 -5.98
CA LYS D 402 -2.13 -55.52 -5.87
C LYS D 402 -2.37 -54.04 -6.25
N LYS D 403 -3.09 -53.79 -7.34
CA LYS D 403 -3.39 -52.43 -7.75
C LYS D 403 -4.29 -51.69 -6.72
N SER D 404 -4.28 -50.34 -6.79
CA SER D 404 -5.16 -49.53 -5.94
C SER D 404 -5.81 -48.46 -6.77
N ASP D 405 -7.12 -48.21 -6.58
CA ASP D 405 -7.72 -47.10 -7.33
C ASP D 405 -7.23 -45.74 -6.77
N ALA D 406 -6.60 -45.74 -5.61
CA ALA D 406 -6.08 -44.50 -4.99
C ALA D 406 -4.62 -44.25 -5.42
N PHE D 407 -4.10 -45.08 -6.34
CA PHE D 407 -2.71 -44.90 -6.85
C PHE D 407 -2.85 -43.95 -8.02
N VAL D 408 -2.70 -42.65 -7.72
CA VAL D 408 -2.88 -41.65 -8.74
C VAL D 408 -1.74 -40.62 -8.83
N PRO D 409 -0.47 -41.05 -8.67
CA PRO D 409 0.61 -40.07 -8.77
C PRO D 409 0.72 -39.34 -10.12
N PHE D 410 0.18 -39.92 -11.20
CA PHE D 410 0.23 -39.31 -12.54
C PHE D 410 -1.10 -38.63 -12.82
N SER D 411 -1.92 -38.56 -11.78
CA SER D 411 -3.26 -37.98 -11.85
C SER D 411 -4.14 -38.90 -12.72
N ILE D 412 -5.32 -38.42 -13.10
CA ILE D 412 -6.26 -39.22 -13.86
C ILE D 412 -7.11 -38.25 -14.67
N GLY D 413 -7.86 -38.79 -15.61
CA GLY D 413 -8.73 -37.93 -16.37
C GLY D 413 -8.18 -37.50 -17.72
N LYS D 414 -8.79 -36.49 -18.31
CA LYS D 414 -8.44 -36.08 -19.67
C LYS D 414 -7.11 -35.38 -19.90
N ARG D 415 -6.56 -34.77 -18.88
CA ARG D 415 -5.27 -34.12 -19.05
C ARG D 415 -4.24 -34.79 -18.10
N ASN D 416 -4.37 -36.09 -17.91
CA ASN D 416 -3.45 -36.82 -17.05
C ASN D 416 -2.09 -36.89 -17.75
N CYS D 417 -1.09 -37.28 -16.98
CA CYS D 417 0.27 -37.36 -17.47
C CYS D 417 0.40 -38.36 -18.62
N PHE D 418 0.74 -37.90 -19.81
CA PHE D 418 0.96 -38.86 -20.90
C PHE D 418 2.40 -39.40 -20.91
N GLY D 419 3.18 -39.00 -19.90
CA GLY D 419 4.55 -39.50 -19.74
C GLY D 419 4.56 -40.69 -18.82
N GLU D 420 3.38 -41.08 -18.35
CA GLU D 420 3.30 -42.19 -17.41
C GLU D 420 4.00 -43.50 -17.86
N GLY D 421 3.74 -43.95 -19.08
CA GLY D 421 4.40 -45.19 -19.55
C GLY D 421 5.94 -45.08 -19.48
N LEU D 422 6.44 -43.97 -19.98
CA LEU D 422 7.87 -43.71 -19.98
C LEU D 422 8.38 -43.71 -18.56
N ALA D 423 7.71 -42.94 -17.70
CA ALA D 423 8.13 -42.88 -16.30
C ALA D 423 8.15 -44.26 -15.65
N ARG D 424 7.09 -45.06 -15.87
CA ARG D 424 7.02 -46.39 -15.25
C ARG D 424 8.18 -47.26 -15.74
N MET D 425 8.51 -47.15 -17.00
CA MET D 425 9.63 -47.94 -17.52
C MET D 425 10.97 -47.50 -16.92
N GLU D 426 11.18 -46.18 -16.87
CA GLU D 426 12.38 -45.61 -16.27
C GLU D 426 12.50 -46.05 -14.82
N LEU D 427 11.43 -45.86 -14.03
CA LEU D 427 11.48 -46.26 -12.61
C LEU D 427 11.84 -47.72 -12.44
N PHE D 428 11.13 -48.61 -13.11
CA PHE D 428 11.44 -50.05 -12.97
C PHE D 428 12.89 -50.40 -13.40
N LEU D 429 13.29 -49.93 -14.58
CA LEU D 429 14.64 -50.24 -15.03
C LEU D 429 15.76 -49.57 -14.26
N PHE D 430 15.59 -48.31 -13.84
CA PHE D 430 16.67 -47.69 -13.07
C PHE D 430 16.76 -48.28 -11.65
N PHE D 431 15.64 -48.44 -10.94
CA PHE D 431 15.73 -49.00 -9.58
C PHE D 431 16.28 -50.42 -9.63
N THR D 432 15.76 -51.23 -10.53
CA THR D 432 16.23 -52.61 -10.56
C THR D 432 17.70 -52.80 -10.95
N THR D 433 18.13 -52.03 -11.94
CA THR D 433 19.53 -52.17 -12.40
C THR D 433 20.47 -51.68 -11.33
N VAL D 434 20.10 -50.58 -10.68
CA VAL D 434 20.94 -50.09 -9.63
C VAL D 434 20.95 -51.07 -8.48
N MET D 435 19.78 -51.61 -8.09
CA MET D 435 19.79 -52.51 -6.91
C MET D 435 20.41 -53.90 -7.20
N GLN D 436 20.39 -54.29 -8.47
CA GLN D 436 21.03 -55.55 -8.86
C GLN D 436 22.55 -55.40 -8.61
N ASN D 437 23.07 -54.21 -8.92
CA ASN D 437 24.50 -53.96 -8.84
C ASN D 437 25.08 -53.45 -7.56
N PHE D 438 24.28 -52.81 -6.74
CA PHE D 438 24.85 -52.21 -5.52
C PHE D 438 23.98 -52.42 -4.28
N ARG D 439 24.59 -52.31 -3.11
CA ARG D 439 23.88 -52.33 -1.85
C ARG D 439 24.03 -50.87 -1.39
N LEU D 440 23.05 -50.38 -0.65
CA LEU D 440 23.09 -48.99 -0.24
C LEU D 440 23.65 -48.78 1.15
N LYS D 441 24.54 -47.80 1.31
CA LYS D 441 25.05 -47.55 2.63
C LYS D 441 24.91 -46.06 2.97
N SER D 442 24.09 -45.77 3.99
CA SER D 442 23.85 -44.41 4.42
C SER D 442 24.97 -43.86 5.25
N SER D 443 25.07 -42.55 5.27
CA SER D 443 26.10 -41.89 6.05
C SER D 443 25.70 -41.90 7.55
N GLN D 444 24.47 -42.31 7.84
CA GLN D 444 23.93 -42.40 9.21
C GLN D 444 23.15 -43.70 9.44
N SER D 445 22.84 -44.06 10.70
CA SER D 445 22.08 -45.29 10.95
C SER D 445 20.60 -45.12 10.61
N PRO D 446 19.94 -46.20 10.17
CA PRO D 446 18.52 -46.22 9.79
C PRO D 446 17.60 -45.38 10.69
N LYS D 447 17.68 -45.65 12.00
CA LYS D 447 16.87 -44.92 12.95
C LYS D 447 17.08 -43.40 12.84
N ASP D 448 18.26 -42.92 12.51
CA ASP D 448 18.50 -41.48 12.39
C ASP D 448 18.19 -40.82 11.02
N ILE D 449 17.82 -41.61 10.03
CA ILE D 449 17.57 -40.99 8.72
C ILE D 449 16.18 -40.35 8.69
N ASP D 450 16.15 -39.10 8.24
CA ASP D 450 14.90 -38.35 8.18
C ASP D 450 14.32 -38.39 6.77
N VAL D 451 13.25 -39.16 6.58
CA VAL D 451 12.58 -39.24 5.28
C VAL D 451 11.36 -38.28 5.13
N SER D 452 11.23 -37.30 6.05
CA SER D 452 10.19 -36.29 5.94
C SER D 452 10.78 -35.34 4.91
N PRO D 453 9.92 -34.71 4.10
CA PRO D 453 10.39 -33.78 3.05
C PRO D 453 11.07 -32.52 3.54
N LYS D 454 12.01 -32.02 2.75
CA LYS D 454 12.69 -30.78 3.04
C LYS D 454 11.72 -29.63 2.67
N HIS D 455 11.01 -29.80 1.54
CA HIS D 455 10.06 -28.78 1.04
C HIS D 455 8.85 -29.45 0.45
N VAL D 456 7.68 -28.84 0.62
CA VAL D 456 6.47 -29.36 0.00
C VAL D 456 5.66 -28.16 -0.46
N GLY D 457 5.32 -28.12 -1.76
CA GLY D 457 4.52 -27.03 -2.30
C GLY D 457 4.06 -27.58 -3.64
N PHE D 458 4.56 -27.04 -4.72
CA PHE D 458 4.22 -27.63 -6.01
C PHE D 458 4.70 -29.10 -6.05
N ALA D 459 5.90 -29.34 -5.51
CA ALA D 459 6.42 -30.71 -5.48
C ALA D 459 6.78 -31.07 -4.05
N THR D 460 7.12 -32.35 -3.83
CA THR D 460 7.62 -32.82 -2.54
C THR D 460 9.10 -33.09 -2.80
N ILE D 461 9.96 -32.44 -2.01
CA ILE D 461 11.43 -32.57 -2.23
C ILE D 461 12.06 -33.22 -1.01
N PRO D 462 12.81 -34.34 -1.19
CA PRO D 462 13.43 -34.96 0.00
C PRO D 462 14.60 -34.13 0.47
N ARG D 463 14.95 -34.33 1.74
CA ARG D 463 16.08 -33.61 2.31
C ARG D 463 17.41 -33.98 1.61
N ASN D 464 18.39 -33.06 1.64
CA ASN D 464 19.68 -33.32 1.02
C ASN D 464 20.34 -34.46 1.79
N TYR D 465 21.09 -35.30 1.09
CA TYR D 465 21.77 -36.41 1.76
C TYR D 465 22.85 -36.94 0.86
N THR D 466 23.75 -37.73 1.47
CA THR D 466 24.84 -38.39 0.75
C THR D 466 24.76 -39.85 1.14
N MET D 467 25.31 -40.70 0.28
CA MET D 467 25.27 -42.12 0.50
C MET D 467 26.40 -42.81 -0.29
N SER D 468 26.58 -44.09 -0.03
CA SER D 468 27.58 -44.87 -0.78
C SER D 468 26.87 -45.98 -1.51
N PHE D 469 27.32 -46.25 -2.74
CA PHE D 469 26.78 -47.37 -3.50
C PHE D 469 27.88 -48.45 -3.45
N LEU D 470 27.61 -49.58 -2.81
CA LEU D 470 28.66 -50.62 -2.69
C LEU D 470 28.42 -51.79 -3.63
N PRO D 471 29.43 -52.17 -4.43
CA PRO D 471 29.25 -53.29 -5.36
C PRO D 471 28.81 -54.49 -4.59
N ARG D 472 27.82 -55.20 -5.11
CA ARG D 472 27.29 -56.40 -4.48
C ARG D 472 28.16 -57.62 -4.80
S SO4 E . -17.76 10.67 -42.72
O1 SO4 E . -18.27 10.12 -44.03
O2 SO4 E . -17.98 12.15 -42.63
O3 SO4 E . -18.47 9.99 -41.59
O4 SO4 E . -16.27 10.48 -42.65
S SO4 F . -10.83 10.79 -5.00
O1 SO4 F . -11.91 9.73 -4.86
O2 SO4 F . -10.16 11.05 -3.70
O3 SO4 F . -9.79 10.37 -5.99
O4 SO4 F . -11.50 12.05 -5.49
CHA HEM G . -11.68 6.28 -30.22
CHB HEM G . -12.21 10.86 -29.11
CHC HEM G . -16.81 10.65 -30.19
CHD HEM G . -16.31 6.01 -31.14
C1A HEM G . -11.37 7.55 -29.77
C2A HEM G . -10.11 8.01 -29.40
C3A HEM G . -10.27 9.36 -29.11
C4A HEM G . -11.63 9.64 -29.33
CMA HEM G . -9.20 10.40 -28.63
CAA HEM G . -8.85 7.18 -29.35
CBA HEM G . -8.18 7.22 -30.73
CGA HEM G . -6.84 6.52 -30.84
O1A HEM G . -5.99 7.09 -31.54
O2A HEM G . -6.56 5.48 -30.21
C1B HEM G . -13.53 11.31 -29.32
C2B HEM G . -14.06 12.61 -29.08
C3B HEM G . -15.42 12.53 -29.36
C4B HEM G . -15.63 11.15 -29.75
CMB HEM G . -13.28 13.85 -28.63
CAB HEM G . -16.45 13.54 -29.30
CBB HEM G . -16.39 14.98 -29.11
C1C HEM G . -17.14 9.36 -30.56
C2C HEM G . -18.40 8.94 -30.95
C3C HEM G . -18.28 7.58 -31.21
C4C HEM G . -16.94 7.26 -30.96
CMC HEM G . -19.71 9.79 -31.10
CAC HEM G . -19.18 6.63 -31.62
CBC HEM G . -19.96 6.57 -32.75
C1D HEM G . -14.98 5.64 -30.92
C2D HEM G . -14.48 4.35 -31.08
C3D HEM G . -13.15 4.43 -30.86
C4D HEM G . -12.92 5.76 -30.57
CMD HEM G . -15.28 3.03 -31.44
CAD HEM G . -12.11 3.31 -30.91
CBD HEM G . -11.42 3.13 -32.32
CGD HEM G . -10.40 1.94 -32.36
O1D HEM G . -10.03 1.49 -33.41
O2D HEM G . -9.99 1.41 -31.28
NA HEM G . -12.28 8.57 -29.72
NB HEM G . -14.49 10.46 -29.72
NC HEM G . -16.27 8.36 -30.56
ND HEM G . -14.04 6.45 -30.61
FE HEM G . -14.28 8.48 -30.18
C_1 D1G H . -15.28 4.29 -23.87
C_2 D1G H . -15.49 4.04 -22.47
C_3 D1G H . -16.20 2.87 -22.09
C_4 D1G H . -16.68 2.00 -23.14
N_1 D1G H . -16.48 2.25 -24.44
C_5 D1G H . -15.81 3.37 -24.81
C_6 D1G H . -14.58 5.43 -24.31
C_7 D1G H . -13.99 6.47 -23.64
C_8 D1G H . -13.42 7.34 -24.63
C_9 D1G H . -13.72 6.77 -25.86
O_1 D1G H . -14.42 5.60 -25.71
C10 D1G H . -13.43 7.19 -27.25
N_2 D1G H . -14.58 7.87 -27.90
C11 D1G H . -15.68 6.99 -27.95
C12 D1G H . -14.99 9.07 -27.25
CHA HEM I . -16.79 20.28 19.41
CHB HEM I . -20.76 19.53 16.94
CHC HEM I . -21.11 24.22 16.15
CHD HEM I . -16.97 24.87 18.40
C1A HEM I . -17.83 19.59 18.77
C2A HEM I . -18.11 18.21 18.85
C3A HEM I . -19.27 18.02 18.21
C4A HEM I . -19.68 19.28 17.76
CMA HEM I . -20.02 16.66 17.99
CAA HEM I . -17.24 17.14 19.55
CBA HEM I . -17.59 17.03 21.01
CGA HEM I . -16.83 15.99 21.79
O1A HEM I . -17.49 15.27 22.57
O2A HEM I . -15.61 15.84 21.67
C1B HEM I . -21.32 20.75 16.54
C2B HEM I . -22.48 20.91 15.75
C3B HEM I . -22.54 22.32 15.49
C4B HEM I . -21.41 22.88 16.13
CMB HEM I . -23.44 19.74 15.32
CAB HEM I . -23.50 23.08 14.74
CBB HEM I . -24.82 22.70 14.30
C1C HEM I . -20.07 24.88 16.77
C2C HEM I . -19.88 26.25 16.78
C3C HEM I . -18.63 26.47 17.35
C4C HEM I . -18.14 25.19 17.68
CMC HEM I . -20.87 27.34 16.23
CAC HEM I . -17.91 27.62 17.62
CBC HEM I . -18.15 28.63 18.56
C1D HEM I . -16.54 23.70 18.88
C2D HEM I . -15.41 23.53 19.63
C3D HEM I . -15.30 22.19 19.90
C4D HEM I . -16.40 21.60 19.27
CMD HEM I . -14.44 24.64 20.09
CAD HEM I . -14.19 21.45 20.71
CBD HEM I . -14.52 21.30 22.24
CGD HEM I . -13.40 20.60 23.05
O1D HEM I . -13.32 20.71 24.29
O2D HEM I . -12.55 19.94 22.38
NA HEM I . -18.81 20.23 18.10
NB HEM I . -20.68 21.94 16.76
NC HEM I . -19.03 24.24 17.31
ND HEM I . -17.12 22.54 18.67
FE HEM I . -18.93 22.27 17.75
C_1 D1G J . -12.88 21.92 13.08
C_2 D1G J . -12.20 21.72 11.83
C_3 D1G J . -11.06 22.49 11.53
C_4 D1G J . -10.62 23.44 12.49
N_1 D1G J . -11.25 23.64 13.66
C_5 D1G J . -12.35 22.92 13.97
C_6 D1G J . -14.02 21.17 13.44
C_7 D1G J . -14.72 20.15 12.79
C_8 D1G J . -15.83 19.79 13.64
C_9 D1G J . -15.75 20.61 14.73
O_1 D1G J . -14.65 21.48 14.68
C10 D1G J . -16.61 20.74 15.92
N_2 D1G J . -17.77 21.65 15.71
C11 D1G J . -17.37 22.95 15.23
C12 D1G J . -18.71 21.07 14.79
CHA HEM K . 25.70 9.42 26.43
CHB HEM K . 29.38 6.78 24.78
CHC HEM K . 29.64 4.62 29.05
CHD HEM K . 25.90 7.17 30.60
C1A HEM K . 26.68 8.90 25.56
C2A HEM K . 26.92 9.30 24.25
C3A HEM K . 27.95 8.52 23.78
C4A HEM K . 28.30 7.66 24.80
CMA HEM K . 28.62 8.55 22.33
CAA HEM K . 26.15 10.42 23.53
CBA HEM K . 26.78 11.74 23.78
CGA HEM K . 26.17 12.90 23.03
O1A HEM K . 26.95 13.72 22.58
O2A HEM K . 24.96 13.00 22.78
C1B HEM K . 29.80 5.88 25.76
C2B HEM K . 30.86 4.97 25.65
C3B HEM K . 30.91 4.32 26.92
C4B HEM K . 29.90 4.89 27.70
CMB HEM K . 31.70 4.79 24.39
CAB HEM K . 31.79 3.30 27.38
CBB HEM K . 32.92 2.69 26.73
C1C HEM K . 28.68 5.12 29.90
C2C HEM K . 28.50 4.74 31.24
C3C HEM K . 27.34 5.38 31.69
C4C HEM K . 26.89 6.14 30.59
CMC HEM K . 29.40 3.79 32.08
CAC HEM K . 26.71 5.33 32.92
CBC HEM K . 27.19 5.63 34.21
C1D HEM K . 25.50 7.97 29.59
C2D HEM K . 24.44 8.84 29.68
C3D HEM K . 24.36 9.51 28.51
C4D HEM K . 25.39 9.00 27.72
CMD HEM K . 23.50 9.02 30.89
CAD HEM K . 23.35 10.58 28.11
CBD HEM K . 23.87 12.00 28.44
CGD HEM K . 22.91 13.15 28.09
O1D HEM K . 23.02 14.23 28.64
O2D HEM K . 22.02 12.98 27.24
NA HEM K . 27.56 7.87 25.90
NB HEM K . 29.23 5.83 27.00
NC HEM K . 27.71 5.97 29.52
ND HEM K . 26.06 8.07 28.40
FE HEM K . 27.64 6.94 27.71
C_1 D1G L . 21.10 3.48 25.93
C_2 D1G L . 20.26 2.49 25.31
C_3 D1G L . 19.06 2.11 25.95
C_4 D1G L . 18.73 2.72 27.19
N_1 D1G L . 19.53 3.66 27.78
C_5 D1G L . 20.67 4.02 27.17
C_6 D1G L . 22.31 3.88 25.36
C_7 D1G L . 22.95 3.51 24.22
C_8 D1G L . 24.16 4.26 24.15
C_9 D1G L . 24.20 5.04 25.27
O_1 D1G L . 23.08 4.85 26.04
C10 D1G L . 25.19 6.00 25.77
N_2 D1G L . 26.16 5.46 26.70
C11 D1G L . 25.54 5.01 27.89
C12 D1G L . 26.91 4.38 26.16
CHA HEM M . 1.20 -33.95 -16.52
CHB HEM M . 2.99 -36.40 -12.86
CHC HEM M . 6.55 -38.00 -15.63
CHD HEM M . 4.90 -35.29 -19.19
C1A HEM M . 1.32 -34.48 -15.23
C2A HEM M . 0.46 -34.27 -14.17
C3A HEM M . 0.99 -34.99 -13.11
C4A HEM M . 2.15 -35.60 -13.59
CMA HEM M . 0.42 -35.11 -11.64
CAA HEM M . -0.81 -33.44 -14.24
CBA HEM M . -1.97 -34.26 -14.68
CGA HEM M . -3.33 -33.58 -14.68
O1A HEM M . -4.31 -34.27 -14.26
O2A HEM M . -3.48 -32.44 -15.05
C1B HEM M . 4.15 -37.11 -13.24
C2B HEM M . 4.97 -37.93 -12.41
C3B HEM M . 6.03 -38.35 -13.23
C4B HEM M . 5.79 -37.79 -14.47
CMB HEM M . 4.70 -38.23 -10.93
CAB HEM M . 7.13 -39.19 -12.92
CBB HEM M . 7.40 -39.91 -11.70
C1C HEM M . 6.42 -37.47 -16.90
C2C HEM M . 7.27 -37.72 -17.95
C3C HEM M . 6.85 -36.88 -19.00
C4C HEM M . 5.76 -36.17 -18.49
CMC HEM M . 8.45 -38.75 -17.91
CAC HEM M . 7.32 -36.66 -20.28
CBC HEM M . 7.62 -37.60 -21.23
C1D HEM M . 3.78 -34.68 -18.78
C2D HEM M . 3.02 -33.80 -19.58
C3D HEM M . 1.92 -33.43 -18.82
C4D HEM M . 2.05 -34.11 -17.60
CMD HEM M . 3.39 -33.32 -21.04
CAD HEM M . 0.76 -32.48 -19.21
CBD HEM M . -0.42 -33.21 -19.86
CGD HEM M . -1.53 -32.28 -20.31
O1D HEM M . -2.34 -32.67 -21.11
O2D HEM M . -1.54 -31.08 -19.88
NA HEM M . 2.37 -35.32 -14.85
NB HEM M . 4.66 -37.04 -14.47
NC HEM M . 5.51 -36.55 -17.22
ND HEM M . 3.17 -34.85 -17.60
FE HEM M . 3.93 -35.96 -16.06
C_1 D1G N . 6.63 -28.88 -15.69
C_2 D1G N . 7.38 -27.78 -15.18
C_3 D1G N . 7.92 -26.84 -16.09
C_4 D1G N . 7.68 -27.04 -17.48
N_1 D1G N . 6.96 -28.07 -17.97
C_5 D1G N . 6.45 -28.97 -17.12
C_6 D1G N . 6.08 -29.85 -14.85
C_7 D1G N . 6.08 -30.05 -13.49
C_8 D1G N . 5.34 -31.25 -13.21
C_9 D1G N . 4.93 -31.71 -14.44
O_1 D1G N . 5.37 -30.88 -15.48
C10 D1G N . 4.17 -32.89 -14.86
N_2 D1G N . 5.00 -33.97 -15.36
C11 D1G N . 5.74 -33.57 -16.48
C12 D1G N . 5.94 -34.42 -14.37
#